data_4X20
#
_entry.id   4X20
#
_cell.length_a   66.240
_cell.length_b   128.270
_cell.length_c   254.140
_cell.angle_alpha   90.00
_cell.angle_beta   90.00
_cell.angle_gamma   90.00
#
_symmetry.space_group_name_H-M   'P 21 21 21'
#
loop_
_entity.id
_entity.type
_entity.pdbx_description
1 polymer 'Tubulin alpha chain'
2 polymer 'Tubulin beta chain'
3 polymer Stathmin-4
4 non-polymer "GUANOSINE-5'-TRIPHOSPHATE"
5 non-polymer 'MAGNESIUM ION'
6 non-polymer "GUANOSINE-5'-DIPHOSPHATE"
7 non-polymer N-[(7S)-1,2,3,10-tetramethoxy-9-oxo-6,7-dihydro-5H-benzo[d]heptalen-7-yl]ethanamide
8 non-polymer 2-methyl-L-prolyl-N-[(3R,4S,5S)-1-{(2S)-2-[(1R,2R)-3-{[(1S)-1-carboxy-2-phenylethyl]amino}-1-methoxy-2-methyl-3-oxopropyl]pyrrolidin-1-yl}-3-methoxy-5-methyl-1-oxoheptan-4-yl]-N-methyl-L-valinamide
#
loop_
_entity_poly.entity_id
_entity_poly.type
_entity_poly.pdbx_seq_one_letter_code
_entity_poly.pdbx_strand_id
1 'polypeptide(L)'
;MRECISIHVGQAGVQIGNACWELYCLEHGIQPDGQMPSDKTIGGGDDSFNTFFSETGAGKHVPRAVFVDLEPTVIDEVRT
GTYRQLFHPEQLITGKEDAANNYARGHYTIGKEIIDLVLDRIRKLADQCTGLQGFLVFHSFGGGTGSGFTSLLMERLSVD
YGKKSKLEFSIYPAPQVSTAVVEPYNSILTTHTTLEHSDCAFMVDNEAIYDICRRNLDIERPTYTNLNRLIGQIVSSITA
SLRFDGALNVDLTEFQTNLVPYPRIHFPLATYAPVISAEKAYHEQLSVAEITNACFEPANQMVKCDPRHGKYMACCLLYR
GDVVPKDVNAAIATIKTKRTIQFVDWCPTGFKVGINYQPPTVVPGGDLAKVQRAVCMLSNTTAIAEAWARLDHKFDLMYA
KRAFVHWYVGEGMEEGEFSEAREDMAALEKDYEEVGVDSVEGEGEEEGEEY
;
A,C
2 'polypeptide(L)'
;MREIVHIQAGQCGNQIGAKFWEVISDEHGIDPTGSYHGDSDLQLERINVYYNEATGNKYVPRAILVDLEPGTMDSVRSGP
FGQIFRPDNFVFGQSGAGNNWAKGHYTEGAELVDSVLDVVRKESESCDCLQGFQLTHSLGGGTGSGMGTLLISKIREEYP
DRIMNTFSVMPSPKVSDTVVEPYNATLSVHQLVENTDETYSIDNEALYDICFRTLKLTTPTYGDLNHLVSATMSGVTTCL
RFPGQLNADLRKLAVNMVPFPRLHFFMPGFAPLTSRGSQQYRALTVPELTQQMFDSKNMMAACDPRHGRYLTVAAVFRGR
MSMKEVDEQMLNVQNKNSSYFVEWIPNNVKTAVCDIPPRGLKMSATFIGNSTAIQELFKRISEQFTAMFRRKAFLHWYTG
EGMDEMEFTEAESNMNDLVSEYQQYQDATADEQGEFEEEEGEDEA
;
B,D
3 'polypeptide(L)'
;ADMEVIELNKATSGQSWEVILKPPSFDGVPEFNASLPRRRDPSLEEIQKKLEAAEERRKYQEAELLKHLAEKREHEREVI
QKAIEENNNFIKMAKEKLAQKMESNKENREAHLAAMLERLQEKDKHAEEVRKNKELKEEASR
;
E
#
loop_
_chem_comp.id
_chem_comp.type
_chem_comp.name
_chem_comp.formula
3WY peptide-like 2-methyl-L-prolyl-N-[(3R,4S,5S)-1-{(2S)-2-[(1R,2R)-3-{[(1S)-1-carboxy-2-phenylethyl]amino}-1-methoxy-2-methyl-3-oxopropyl]pyrrolidin-1-yl}-3-methoxy-5-methyl-1-oxoheptan-4-yl]-N-methyl-L-valinamide 'C39 H63 N5 O8'
GDP RNA linking GUANOSINE-5'-DIPHOSPHATE 'C10 H15 N5 O11 P2'
GTP non-polymer GUANOSINE-5'-TRIPHOSPHATE 'C10 H16 N5 O14 P3'
LOC non-polymer N-[(7S)-1,2,3,10-tetramethoxy-9-oxo-6,7-dihydro-5H-benzo[d]heptalen-7-yl]ethanamide 'C22 H25 N O6'
MG non-polymer 'MAGNESIUM ION' 'Mg 2'
#
# COMPACT_ATOMS: atom_id res chain seq x y z
N ARG A 2 60.04 47.60 -12.19
CA ARG A 2 59.59 48.06 -10.88
C ARG A 2 58.10 47.76 -10.51
N GLU A 3 57.27 47.44 -11.52
CA GLU A 3 55.84 47.11 -11.35
C GLU A 3 55.60 45.81 -10.54
N CYS A 4 54.37 45.67 -9.94
CA CYS A 4 53.97 44.52 -9.11
C CYS A 4 52.47 44.13 -9.06
N ILE A 5 52.17 42.93 -9.61
CA ILE A 5 50.84 42.33 -9.64
C ILE A 5 50.55 41.51 -8.38
N SER A 6 49.56 41.96 -7.58
CA SER A 6 49.08 41.32 -6.36
C SER A 6 47.81 40.50 -6.69
N ILE A 7 47.98 39.19 -6.81
CA ILE A 7 46.89 38.28 -7.13
C ILE A 7 46.27 37.79 -5.82
N HIS A 8 44.92 37.75 -5.73
CA HIS A 8 44.20 37.26 -4.54
C HIS A 8 43.25 36.10 -4.92
N VAL A 9 43.68 34.84 -4.69
CA VAL A 9 42.87 33.66 -5.02
C VAL A 9 42.17 33.13 -3.80
N GLY A 10 40.86 32.95 -3.93
CA GLY A 10 39.99 32.43 -2.88
C GLY A 10 39.72 33.39 -1.75
N GLN A 11 38.50 33.27 -1.19
CA GLN A 11 37.92 34.02 -0.08
C GLN A 11 38.90 34.64 0.93
N ALA A 12 39.85 33.84 1.51
CA ALA A 12 40.82 34.33 2.49
C ALA A 12 41.69 35.42 1.88
N GLY A 13 42.43 35.08 0.81
CA GLY A 13 43.28 36.01 0.06
C GLY A 13 42.51 37.20 -0.51
N VAL A 14 41.27 36.98 -0.99
CA VAL A 14 40.39 38.03 -1.50
C VAL A 14 40.02 38.99 -0.35
N GLN A 15 39.52 38.45 0.76
CA GLN A 15 39.14 39.26 1.93
C GLN A 15 40.35 40.01 2.47
N ILE A 16 41.51 39.32 2.49
CA ILE A 16 42.82 39.82 2.94
C ILE A 16 43.34 40.97 2.04
N GLY A 17 43.05 40.87 0.74
CA GLY A 17 43.42 41.85 -0.27
C GLY A 17 42.63 43.12 -0.08
N ASN A 18 41.41 42.99 0.47
CA ASN A 18 40.53 44.11 0.76
C ASN A 18 41.07 44.98 1.88
N ALA A 19 41.73 44.34 2.85
CA ALA A 19 42.32 45.01 3.99
C ALA A 19 43.69 45.56 3.65
N CYS A 20 44.39 44.95 2.64
CA CYS A 20 45.72 45.34 2.15
C CYS A 20 45.65 46.68 1.46
N TRP A 21 44.93 46.72 0.32
CA TRP A 21 44.69 47.91 -0.48
C TRP A 21 43.95 48.97 0.30
N GLU A 22 43.32 48.60 1.42
CA GLU A 22 42.65 49.54 2.31
C GLU A 22 43.77 50.33 2.99
N LEU A 23 44.75 49.61 3.58
CA LEU A 23 45.90 50.24 4.22
C LEU A 23 46.78 50.93 3.17
N TYR A 24 47.02 50.27 2.01
CA TYR A 24 47.82 50.82 0.92
C TYR A 24 47.29 52.18 0.50
N CYS A 25 45.99 52.28 0.18
CA CYS A 25 45.35 53.54 -0.19
C CYS A 25 45.37 54.52 0.98
N LEU A 26 45.45 54.01 2.23
CA LEU A 26 45.52 54.89 3.38
C LEU A 26 46.91 55.48 3.51
N GLU A 27 47.95 54.61 3.52
CA GLU A 27 49.38 54.96 3.60
C GLU A 27 49.89 55.91 2.50
N HIS A 28 49.29 55.84 1.28
CA HIS A 28 49.60 56.64 0.10
C HIS A 28 48.58 57.77 -0.15
N GLY A 29 47.59 57.88 0.73
CA GLY A 29 46.56 58.91 0.66
C GLY A 29 45.56 58.80 -0.49
N ILE A 30 45.49 57.63 -1.11
CA ILE A 30 44.56 57.38 -2.22
C ILE A 30 43.13 57.26 -1.64
N GLN A 31 42.18 57.99 -2.27
CA GLN A 31 40.77 57.96 -1.88
C GLN A 31 40.10 56.71 -2.44
N PRO A 32 39.02 56.16 -1.82
CA PRO A 32 38.34 54.97 -2.39
C PRO A 32 37.85 55.07 -3.85
N ASP A 33 38.02 56.27 -4.46
CA ASP A 33 37.73 56.62 -5.85
C ASP A 33 38.96 56.44 -6.76
N GLY A 34 40.16 56.68 -6.22
CA GLY A 34 41.41 56.54 -6.95
C GLY A 34 42.36 57.73 -6.88
N GLN A 35 41.82 58.94 -6.67
CA GLN A 35 42.66 60.14 -6.61
C GLN A 35 43.37 60.36 -5.27
N MET A 36 44.53 61.06 -5.32
CA MET A 36 45.36 61.37 -4.14
C MET A 36 45.89 62.82 -4.19
N PRO A 37 45.13 63.79 -3.65
CA PRO A 37 45.59 65.19 -3.72
C PRO A 37 46.78 65.53 -2.84
N SER A 38 47.35 66.76 -3.02
CA SER A 38 48.50 67.27 -2.25
C SER A 38 48.04 68.13 -1.07
N ASP A 46 57.97 60.65 -3.32
CA ASP A 46 58.94 59.69 -3.88
C ASP A 46 58.48 58.92 -5.15
N ASP A 47 57.12 58.85 -5.39
CA ASP A 47 56.43 58.20 -6.53
C ASP A 47 56.51 56.67 -6.60
N SER A 48 57.35 56.03 -5.75
CA SER A 48 57.51 54.58 -5.68
C SER A 48 56.22 53.79 -5.36
N PHE A 49 55.18 54.48 -4.86
CA PHE A 49 53.88 53.90 -4.62
C PHE A 49 53.31 53.29 -5.92
N ASN A 50 53.66 53.88 -7.09
CA ASN A 50 53.24 53.46 -8.43
C ASN A 50 53.64 52.02 -8.76
N THR A 51 54.57 51.41 -7.99
CA THR A 51 55.01 50.01 -8.16
C THR A 51 53.82 49.04 -8.03
N PHE A 52 52.67 49.55 -7.50
CA PHE A 52 51.41 48.84 -7.29
C PHE A 52 50.16 49.55 -7.85
N PHE A 53 50.29 50.82 -8.32
CA PHE A 53 49.15 51.59 -8.85
C PHE A 53 49.36 52.03 -10.28
N SER A 54 48.39 51.67 -11.13
CA SER A 54 48.38 52.00 -12.55
C SER A 54 47.40 53.16 -12.78
N GLU A 55 47.92 54.40 -12.86
CA GLU A 55 47.11 55.61 -13.05
C GLU A 55 46.40 55.63 -14.43
N THR A 56 45.08 55.91 -14.43
CA THR A 56 44.25 55.99 -15.65
C THR A 56 44.33 57.40 -16.25
N GLY A 57 43.68 57.58 -17.41
CA GLY A 57 43.61 58.86 -18.11
C GLY A 57 42.85 59.93 -17.34
N ALA A 58 41.97 59.49 -16.40
CA ALA A 58 41.17 60.36 -15.56
C ALA A 58 41.86 60.65 -14.20
N GLY A 59 43.20 60.63 -14.20
CA GLY A 59 44.05 60.90 -13.05
C GLY A 59 43.95 59.97 -11.87
N LYS A 60 43.05 58.97 -11.90
CA LYS A 60 42.88 58.04 -10.79
C LYS A 60 43.88 56.89 -10.82
N HIS A 61 44.38 56.48 -9.63
CA HIS A 61 45.38 55.43 -9.41
C HIS A 61 44.77 54.03 -9.09
N VAL A 62 44.39 53.29 -10.13
CA VAL A 62 43.82 51.94 -10.04
C VAL A 62 44.90 50.93 -9.63
N PRO A 63 44.69 50.16 -8.53
CA PRO A 63 45.68 49.15 -8.14
C PRO A 63 46.00 48.10 -9.20
N ARG A 64 47.25 47.60 -9.15
CA ARG A 64 47.77 46.51 -9.98
C ARG A 64 47.49 45.24 -9.14
N ALA A 65 46.18 44.83 -9.10
CA ALA A 65 45.65 43.69 -8.33
C ALA A 65 44.49 43.00 -9.01
N VAL A 66 44.61 41.69 -9.25
CA VAL A 66 43.55 40.86 -9.84
C VAL A 66 42.87 39.90 -8.79
N PHE A 67 41.58 40.16 -8.44
CA PHE A 67 40.84 39.38 -7.43
C PHE A 67 40.15 38.16 -8.06
N VAL A 68 40.31 36.96 -7.46
CA VAL A 68 39.73 35.72 -8.01
C VAL A 68 38.95 34.81 -7.01
N ASP A 69 37.70 34.42 -7.38
CA ASP A 69 36.84 33.50 -6.61
C ASP A 69 35.97 32.63 -7.50
N LEU A 70 35.71 31.39 -7.09
CA LEU A 70 34.86 30.55 -7.94
C LEU A 70 33.36 30.68 -7.69
N GLU A 71 32.96 31.49 -6.68
CA GLU A 71 31.57 31.83 -6.35
C GLU A 71 31.45 33.36 -6.18
N PRO A 72 30.31 33.96 -6.59
CA PRO A 72 30.21 35.44 -6.58
C PRO A 72 30.32 36.27 -5.31
N THR A 73 29.54 35.95 -4.25
CA THR A 73 29.45 36.69 -2.97
C THR A 73 30.57 37.67 -2.61
N VAL A 74 31.81 37.14 -2.39
CA VAL A 74 33.01 37.89 -1.93
C VAL A 74 33.53 39.02 -2.82
N ILE A 75 33.66 38.76 -4.15
CA ILE A 75 34.09 39.76 -5.14
C ILE A 75 32.92 40.75 -5.33
N ASP A 76 31.69 40.27 -5.07
CA ASP A 76 30.48 41.06 -5.16
C ASP A 76 30.38 41.99 -3.95
N GLU A 77 31.10 41.68 -2.87
CA GLU A 77 31.16 42.52 -1.68
C GLU A 77 32.15 43.69 -1.89
N VAL A 78 32.98 43.62 -2.95
CA VAL A 78 33.94 44.67 -3.35
C VAL A 78 33.15 45.72 -4.14
N ARG A 79 32.33 45.27 -5.10
CA ARG A 79 31.43 46.10 -5.91
C ARG A 79 30.25 46.64 -5.02
N THR A 80 30.43 46.56 -3.69
CA THR A 80 29.51 46.99 -2.64
C THR A 80 30.24 48.06 -1.81
N GLY A 81 31.46 47.71 -1.35
CA GLY A 81 32.31 48.55 -0.51
C GLY A 81 32.61 49.89 -1.12
N THR A 82 33.03 50.86 -0.27
CA THR A 82 33.40 52.23 -0.70
C THR A 82 34.52 52.25 -1.73
N TYR A 83 35.39 51.23 -1.66
CA TYR A 83 36.52 50.99 -2.56
C TYR A 83 36.10 50.27 -3.88
N ARG A 84 34.81 50.35 -4.26
CA ARG A 84 34.30 49.75 -5.51
C ARG A 84 34.85 50.49 -6.72
N GLN A 85 34.99 51.83 -6.58
CA GLN A 85 35.48 52.79 -7.58
C GLN A 85 36.95 52.56 -7.91
N LEU A 86 37.74 52.17 -6.89
CA LEU A 86 39.17 51.87 -6.93
C LEU A 86 39.62 50.91 -8.05
N PHE A 87 38.85 49.85 -8.33
CA PHE A 87 39.18 48.81 -9.33
C PHE A 87 38.25 48.77 -10.56
N HIS A 88 38.79 48.30 -11.70
CA HIS A 88 38.09 48.10 -12.97
C HIS A 88 37.18 46.87 -12.89
N PRO A 89 36.13 46.71 -13.76
CA PRO A 89 35.26 45.53 -13.65
C PRO A 89 35.93 44.23 -14.12
N GLU A 90 37.01 44.38 -14.88
CA GLU A 90 37.76 43.25 -15.42
C GLU A 90 38.64 42.58 -14.37
N GLN A 91 39.26 43.35 -13.45
CA GLN A 91 40.15 42.82 -12.39
C GLN A 91 39.52 41.91 -11.31
N LEU A 92 38.20 42.05 -11.10
CA LEU A 92 37.44 41.24 -10.14
C LEU A 92 36.73 40.11 -10.93
N ILE A 93 37.44 38.96 -11.06
CA ILE A 93 36.95 37.78 -11.76
C ILE A 93 36.26 36.82 -10.78
N THR A 94 34.96 36.47 -11.04
CA THR A 94 34.17 35.53 -10.23
C THR A 94 33.49 34.44 -11.02
N GLY A 95 33.51 33.24 -10.47
CA GLY A 95 32.80 32.10 -11.03
C GLY A 95 31.40 32.04 -10.44
N LYS A 96 30.68 30.91 -10.62
CA LYS A 96 29.33 30.76 -10.07
C LYS A 96 29.30 29.79 -8.86
N GLU A 97 30.04 28.67 -8.96
CA GLU A 97 30.14 27.69 -7.89
C GLU A 97 31.59 27.40 -7.51
N ASP A 98 31.93 27.59 -6.21
CA ASP A 98 33.28 27.37 -5.69
C ASP A 98 33.63 25.90 -5.61
N ALA A 99 34.95 25.62 -5.52
CA ALA A 99 35.52 24.30 -5.43
C ALA A 99 35.25 23.68 -4.04
N ALA A 100 33.97 23.67 -3.63
CA ALA A 100 33.44 23.26 -2.34
C ALA A 100 34.42 22.47 -1.45
N ASN A 101 35.34 23.19 -0.76
CA ASN A 101 36.37 22.62 0.14
C ASN A 101 37.25 21.49 -0.45
N ASN A 102 37.18 21.34 -1.78
CA ASN A 102 37.82 20.34 -2.61
C ASN A 102 38.96 20.96 -3.44
N TYR A 103 40.20 20.47 -3.24
CA TYR A 103 41.39 20.94 -3.99
C TYR A 103 41.20 20.49 -5.43
N ALA A 104 40.96 19.18 -5.66
CA ALA A 104 40.77 18.59 -6.99
C ALA A 104 39.69 19.32 -7.81
N ARG A 105 38.68 19.90 -7.14
CA ARG A 105 37.62 20.67 -7.78
C ARG A 105 38.17 22.04 -8.21
N GLY A 106 38.93 22.68 -7.31
CA GLY A 106 39.53 23.99 -7.52
C GLY A 106 40.55 24.01 -8.64
N HIS A 107 41.29 22.90 -8.76
CA HIS A 107 42.34 22.66 -9.73
C HIS A 107 41.81 22.15 -11.07
N TYR A 108 41.45 20.87 -11.14
CA TYR A 108 41.03 20.18 -12.36
C TYR A 108 39.62 20.50 -12.91
N THR A 109 38.66 20.81 -12.01
CA THR A 109 37.27 21.06 -12.43
C THR A 109 37.01 22.48 -12.90
N ILE A 110 36.61 23.38 -11.96
CA ILE A 110 36.26 24.78 -12.18
C ILE A 110 37.51 25.58 -12.54
N GLY A 111 38.68 25.05 -12.14
CA GLY A 111 39.97 25.64 -12.46
C GLY A 111 40.17 25.77 -13.95
N LYS A 112 40.34 24.62 -14.64
CA LYS A 112 40.52 24.45 -16.10
C LYS A 112 39.63 25.41 -16.93
N GLU A 113 38.39 25.60 -16.47
CA GLU A 113 37.36 26.47 -17.02
C GLU A 113 37.81 27.95 -16.99
N ILE A 114 38.13 28.47 -15.78
CA ILE A 114 38.50 29.87 -15.49
C ILE A 114 40.00 30.28 -15.67
N ILE A 115 40.92 29.30 -15.80
CA ILE A 115 42.36 29.61 -15.94
C ILE A 115 42.73 30.67 -17.00
N ASP A 116 42.54 30.35 -18.28
CA ASP A 116 42.83 31.18 -19.45
C ASP A 116 42.42 32.64 -19.21
N LEU A 117 41.10 32.86 -18.90
CA LEU A 117 40.47 34.17 -18.60
C LEU A 117 41.13 34.92 -17.41
N VAL A 118 41.56 34.16 -16.37
CA VAL A 118 42.27 34.70 -15.19
C VAL A 118 43.68 35.19 -15.64
N LEU A 119 44.38 34.37 -16.46
CA LEU A 119 45.70 34.67 -17.02
C LEU A 119 45.64 35.88 -17.97
N ASP A 120 44.50 36.04 -18.67
CA ASP A 120 44.29 37.15 -19.59
C ASP A 120 44.28 38.49 -18.85
N ARG A 121 43.53 38.56 -17.73
CA ARG A 121 43.48 39.77 -16.90
C ARG A 121 44.84 40.11 -16.27
N ILE A 122 45.70 39.09 -16.15
CA ILE A 122 47.07 39.23 -15.67
C ILE A 122 47.89 39.79 -16.81
N ARG A 123 47.76 39.18 -18.04
CA ARG A 123 48.50 39.60 -19.24
C ARG A 123 48.31 41.07 -19.48
N LYS A 124 47.03 41.50 -19.51
CA LYS A 124 46.58 42.87 -19.73
C LYS A 124 46.82 43.81 -18.55
N LEU A 125 47.15 43.26 -17.39
CA LEU A 125 47.53 44.04 -16.22
C LEU A 125 49.04 44.25 -16.37
N ALA A 126 49.71 43.27 -17.05
CA ALA A 126 51.16 43.19 -17.34
C ALA A 126 51.52 43.86 -18.67
N ASP A 127 50.50 44.12 -19.52
CA ASP A 127 50.64 44.85 -20.77
C ASP A 127 50.63 46.36 -20.43
N GLN A 128 51.23 46.73 -19.28
CA GLN A 128 51.32 48.08 -18.73
C GLN A 128 52.62 48.20 -17.96
N CYS A 129 53.57 47.28 -18.23
CA CYS A 129 54.79 47.13 -17.44
C CYS A 129 56.19 47.40 -18.05
N THR A 130 56.88 48.41 -17.47
CA THR A 130 58.24 48.83 -17.79
C THR A 130 59.27 47.92 -17.11
N GLY A 131 58.78 47.07 -16.20
CA GLY A 131 59.62 46.16 -15.44
C GLY A 131 58.91 45.38 -14.37
N LEU A 132 57.97 44.50 -14.77
CA LEU A 132 57.25 43.64 -13.82
C LEU A 132 58.23 42.66 -13.15
N GLN A 133 58.47 42.90 -11.85
CA GLN A 133 59.36 42.09 -11.02
C GLN A 133 58.82 40.65 -10.96
N GLY A 134 57.67 40.49 -10.31
CA GLY A 134 56.96 39.22 -10.20
C GLY A 134 55.50 39.41 -9.84
N PHE A 135 54.99 38.50 -8.97
CA PHE A 135 53.60 38.50 -8.50
C PHE A 135 53.49 38.23 -7.01
N LEU A 136 52.58 38.97 -6.34
CA LEU A 136 52.29 38.78 -4.92
C LEU A 136 50.97 38.01 -4.76
N VAL A 137 51.08 36.67 -4.72
CA VAL A 137 49.95 35.75 -4.64
C VAL A 137 49.41 35.62 -3.22
N PHE A 138 48.12 35.89 -3.05
CA PHE A 138 47.42 35.85 -1.77
C PHE A 138 46.38 34.77 -1.77
N HIS A 139 46.35 33.96 -0.71
CA HIS A 139 45.40 32.85 -0.60
C HIS A 139 45.36 32.21 0.76
N SER A 140 44.46 31.23 0.87
CA SER A 140 44.21 30.36 2.01
C SER A 140 45.19 29.17 1.88
N PHE A 141 44.75 27.98 2.28
CA PHE A 141 45.51 26.75 2.20
C PHE A 141 44.48 25.62 2.15
N GLY A 142 43.50 25.67 3.06
CA GLY A 142 42.45 24.66 3.22
C GLY A 142 41.17 24.91 2.44
N GLY A 143 41.12 25.99 1.68
CA GLY A 143 39.98 26.34 0.84
C GLY A 143 40.02 25.55 -0.45
N GLY A 144 38.87 25.39 -1.07
CA GLY A 144 38.81 24.65 -2.34
C GLY A 144 39.49 25.41 -3.45
N THR A 145 39.25 26.74 -3.43
CA THR A 145 39.74 27.81 -4.32
C THR A 145 41.19 28.25 -3.90
N GLY A 146 41.37 28.62 -2.62
CA GLY A 146 42.64 29.04 -2.06
C GLY A 146 43.63 27.90 -1.85
N SER A 147 43.67 26.94 -2.81
CA SER A 147 44.55 25.75 -2.85
C SER A 147 44.52 25.04 -4.22
N GLY A 148 43.33 24.83 -4.78
CA GLY A 148 43.14 24.17 -6.06
C GLY A 148 43.49 25.05 -7.23
N PHE A 149 42.91 26.26 -7.24
CA PHE A 149 43.16 27.23 -8.30
C PHE A 149 44.51 27.94 -8.17
N THR A 150 44.88 28.39 -6.96
CA THR A 150 46.14 29.06 -6.69
C THR A 150 47.29 28.21 -7.18
N SER A 151 47.28 26.90 -6.83
CA SER A 151 48.35 25.98 -7.25
C SER A 151 48.36 25.76 -8.76
N LEU A 152 47.16 25.81 -9.40
CA LEU A 152 47.01 25.68 -10.84
C LEU A 152 47.57 26.92 -11.56
N LEU A 153 47.38 28.10 -10.92
CA LEU A 153 47.80 29.42 -11.37
C LEU A 153 49.30 29.56 -11.34
N MET A 154 49.93 29.24 -10.21
CA MET A 154 51.39 29.27 -10.08
C MET A 154 52.02 28.41 -11.16
N GLU A 155 51.38 27.26 -11.45
CA GLU A 155 51.76 26.29 -12.48
C GLU A 155 51.90 26.94 -13.87
N ARG A 156 50.83 27.61 -14.36
CA ARG A 156 50.82 28.29 -15.66
C ARG A 156 51.54 29.64 -15.65
N LEU A 157 51.54 30.37 -14.49
CA LEU A 157 52.26 31.65 -14.31
C LEU A 157 53.76 31.39 -14.44
N SER A 158 54.25 30.23 -13.94
CA SER A 158 55.65 29.84 -14.01
C SER A 158 56.11 29.62 -15.43
N VAL A 159 55.23 29.11 -16.31
CA VAL A 159 55.54 28.91 -17.73
C VAL A 159 55.43 30.26 -18.46
N ASP A 160 54.25 30.91 -18.34
CA ASP A 160 53.93 32.19 -18.97
C ASP A 160 54.76 33.40 -18.47
N TYR A 161 55.41 33.29 -17.29
CA TYR A 161 56.26 34.35 -16.71
C TYR A 161 57.56 33.79 -16.11
N GLY A 162 58.23 32.94 -16.88
CA GLY A 162 59.50 32.34 -16.45
C GLY A 162 60.50 33.41 -16.07
N LYS A 163 61.37 33.10 -15.09
CA LYS A 163 62.40 34.02 -14.54
C LYS A 163 61.84 35.29 -13.79
N LYS A 164 60.50 35.36 -13.61
CA LYS A 164 59.85 36.44 -12.87
C LYS A 164 59.45 35.85 -11.55
N SER A 165 59.47 36.66 -10.49
CA SER A 165 59.17 36.27 -9.11
C SER A 165 57.73 35.82 -8.72
N LYS A 166 57.63 35.16 -7.54
CA LYS A 166 56.41 34.64 -6.92
C LYS A 166 56.59 34.75 -5.41
N LEU A 167 55.70 35.54 -4.77
CA LEU A 167 55.73 35.76 -3.33
C LEU A 167 54.41 35.39 -2.69
N GLU A 168 54.34 34.13 -2.25
CA GLU A 168 53.19 33.47 -1.66
C GLU A 168 52.85 34.02 -0.29
N PHE A 169 51.61 34.48 -0.15
CA PHE A 169 51.05 34.94 1.12
C PHE A 169 49.93 33.97 1.41
N SER A 170 50.28 32.90 2.15
CA SER A 170 49.39 31.80 2.48
C SER A 170 48.90 31.80 3.92
N ILE A 171 47.60 31.52 4.11
CA ILE A 171 47.00 31.46 5.44
C ILE A 171 46.89 30.01 5.95
N TYR A 172 47.84 29.64 6.84
CA TYR A 172 47.90 28.32 7.46
C TYR A 172 46.61 28.12 8.30
N PRO A 173 45.93 26.92 8.24
CA PRO A 173 44.66 26.76 8.98
C PRO A 173 44.77 26.51 10.49
N ALA A 174 43.68 26.81 11.22
CA ALA A 174 43.59 26.65 12.68
C ALA A 174 42.18 26.23 13.18
N PRO A 175 42.10 25.31 14.15
CA PRO A 175 40.77 24.87 14.64
C PRO A 175 39.91 25.93 15.34
N GLN A 176 40.56 26.89 16.03
CA GLN A 176 39.90 27.98 16.78
C GLN A 176 39.29 29.02 15.82
N VAL A 177 39.72 28.95 14.55
CA VAL A 177 39.30 29.74 13.41
C VAL A 177 38.39 28.82 12.54
N SER A 178 37.43 29.37 11.75
CA SER A 178 36.53 28.58 10.89
C SER A 178 37.29 27.62 9.94
N THR A 179 37.70 26.42 10.44
CA THR A 179 38.39 25.39 9.65
C THR A 179 37.48 24.22 9.29
N ALA A 180 37.85 23.48 8.23
CA ALA A 180 37.12 22.33 7.73
C ALA A 180 37.95 21.07 7.86
N VAL A 181 37.25 19.94 7.88
CA VAL A 181 37.79 18.61 8.06
C VAL A 181 38.68 18.12 6.91
N VAL A 182 38.55 18.71 5.72
CA VAL A 182 39.36 18.35 4.55
C VAL A 182 40.66 19.17 4.46
N GLU A 183 40.67 20.38 5.05
CA GLU A 183 41.78 21.33 5.08
C GLU A 183 43.19 20.71 5.05
N PRO A 184 43.56 19.73 5.93
CA PRO A 184 44.91 19.11 5.87
C PRO A 184 45.30 18.37 4.58
N TYR A 185 44.28 17.96 3.80
CA TYR A 185 44.46 17.31 2.49
C TYR A 185 44.88 18.37 1.47
N ASN A 186 44.06 19.42 1.33
CA ASN A 186 44.24 20.58 0.45
C ASN A 186 45.60 21.22 0.74
N SER A 187 45.88 21.47 2.02
CA SER A 187 47.10 22.07 2.53
C SER A 187 48.39 21.39 2.04
N ILE A 188 48.41 20.03 1.94
CA ILE A 188 49.56 19.26 1.45
C ILE A 188 49.67 19.23 -0.10
N LEU A 189 48.55 18.84 -0.78
CA LEU A 189 48.44 18.78 -2.25
C LEU A 189 48.79 20.13 -2.86
N THR A 190 48.41 21.26 -2.16
CA THR A 190 48.74 22.62 -2.61
C THR A 190 50.23 22.87 -2.52
N THR A 191 50.81 22.70 -1.30
CA THR A 191 52.24 22.89 -1.00
C THR A 191 53.12 22.10 -1.96
N HIS A 192 52.75 20.83 -2.27
CA HIS A 192 53.45 19.97 -3.22
C HIS A 192 53.54 20.63 -4.59
N THR A 193 52.41 21.19 -5.07
CA THR A 193 52.25 21.84 -6.36
C THR A 193 52.77 23.30 -6.39
N THR A 194 52.70 24.02 -5.24
CA THR A 194 53.15 25.41 -5.03
C THR A 194 54.52 25.41 -4.28
N LEU A 195 55.48 24.64 -4.80
CA LEU A 195 56.78 24.50 -4.15
C LEU A 195 57.88 24.79 -5.13
N GLU A 196 57.88 24.07 -6.28
CA GLU A 196 58.86 24.22 -7.36
C GLU A 196 58.64 25.61 -7.99
N HIS A 197 57.41 26.14 -7.82
CA HIS A 197 56.99 27.42 -8.33
C HIS A 197 57.27 28.60 -7.41
N SER A 198 56.76 28.58 -6.17
CA SER A 198 57.01 29.67 -5.22
C SER A 198 58.50 29.86 -4.96
N ASP A 199 58.91 31.13 -4.93
CA ASP A 199 60.27 31.61 -4.72
C ASP A 199 60.43 32.04 -3.26
N CYS A 200 59.32 32.48 -2.63
CA CYS A 200 59.19 32.82 -1.21
C CYS A 200 57.74 32.73 -0.70
N ALA A 201 57.51 31.98 0.38
CA ALA A 201 56.16 31.77 0.92
C ALA A 201 56.00 32.14 2.40
N PHE A 202 55.25 33.22 2.66
CA PHE A 202 55.00 33.72 4.00
C PHE A 202 53.79 33.10 4.68
N MET A 203 54.02 32.13 5.59
CA MET A 203 52.94 31.45 6.31
C MET A 203 52.36 32.37 7.37
N VAL A 204 51.04 32.35 7.50
CA VAL A 204 50.26 33.11 8.48
C VAL A 204 49.43 32.05 9.26
N ASP A 205 49.94 31.59 10.43
CA ASP A 205 49.23 30.58 11.22
C ASP A 205 48.06 31.26 11.88
N ASN A 206 46.83 30.98 11.39
CA ASN A 206 45.59 31.56 11.89
C ASN A 206 45.44 31.40 13.39
N GLU A 207 46.11 30.38 13.98
CA GLU A 207 46.12 30.08 15.40
C GLU A 207 46.67 31.26 16.19
N ALA A 208 47.87 31.77 15.81
CA ALA A 208 48.54 32.89 16.50
C ALA A 208 47.80 34.20 16.40
N ILE A 209 47.39 34.59 15.18
CA ILE A 209 46.66 35.83 14.91
C ILE A 209 45.43 35.90 15.81
N TYR A 210 44.75 34.74 15.99
CA TYR A 210 43.58 34.54 16.84
C TYR A 210 43.85 35.10 18.24
N ASP A 211 44.71 34.45 19.05
CA ASP A 211 45.02 34.90 20.41
C ASP A 211 45.76 36.24 20.53
N ILE A 212 46.44 36.67 19.46
CA ILE A 212 47.13 37.95 19.42
C ILE A 212 46.08 39.08 19.41
N CYS A 213 44.95 38.84 18.74
CA CYS A 213 43.81 39.75 18.74
C CYS A 213 43.08 39.71 20.10
N ARG A 214 43.57 38.87 21.06
CA ARG A 214 42.95 38.69 22.38
C ARG A 214 43.87 39.14 23.53
N ARG A 215 45.00 38.44 23.72
CA ARG A 215 46.00 38.64 24.76
C ARG A 215 46.56 40.07 24.77
N ASN A 216 46.80 40.62 23.56
CA ASN A 216 47.35 41.96 23.33
C ASN A 216 46.29 42.96 22.87
N LEU A 217 45.25 42.48 22.15
CA LEU A 217 44.20 43.36 21.64
C LEU A 217 42.84 43.34 22.36
N ASP A 218 42.67 42.47 23.37
CA ASP A 218 41.44 42.36 24.18
C ASP A 218 40.11 42.00 23.50
N ILE A 219 40.15 41.34 22.32
CA ILE A 219 38.93 40.89 21.60
C ILE A 219 38.90 39.35 21.66
N GLU A 220 38.04 38.79 22.55
CA GLU A 220 37.89 37.34 22.82
C GLU A 220 37.49 36.53 21.58
N ARG A 221 36.46 36.97 20.85
CA ARG A 221 36.01 36.34 19.61
C ARG A 221 36.31 37.27 18.44
N PRO A 222 37.56 37.20 17.91
CA PRO A 222 37.95 38.11 16.82
C PRO A 222 37.26 37.83 15.50
N THR A 223 36.72 38.89 14.86
CA THR A 223 36.07 38.80 13.54
C THR A 223 37.16 38.69 12.46
N TYR A 224 36.81 38.17 11.26
CA TYR A 224 37.76 38.04 10.14
C TYR A 224 38.43 39.37 9.82
N THR A 225 37.65 40.46 9.94
CA THR A 225 38.05 41.86 9.78
C THR A 225 39.19 42.20 10.76
N ASN A 226 38.98 41.99 12.08
CA ASN A 226 39.95 42.21 13.16
C ASN A 226 41.24 41.38 12.96
N LEU A 227 41.07 40.11 12.56
CA LEU A 227 42.14 39.16 12.26
C LEU A 227 42.97 39.70 11.08
N ASN A 228 42.29 40.18 10.02
CA ASN A 228 42.93 40.76 8.83
C ASN A 228 43.55 42.14 9.07
N ARG A 229 42.92 43.01 9.94
CA ARG A 229 43.40 44.35 10.36
C ARG A 229 44.88 44.24 10.78
N LEU A 230 45.20 43.10 11.44
CA LEU A 230 46.50 42.68 11.91
C LEU A 230 47.35 42.11 10.77
N ILE A 231 46.77 41.19 9.95
CA ILE A 231 47.45 40.55 8.80
C ILE A 231 47.95 41.64 7.81
N GLY A 232 47.07 42.58 7.43
CA GLY A 232 47.41 43.69 6.54
C GLY A 232 48.56 44.52 7.11
N GLN A 233 48.56 44.78 8.44
CA GLN A 233 49.63 45.52 9.10
C GLN A 233 50.96 44.80 8.97
N ILE A 234 50.96 43.48 9.09
CA ILE A 234 52.18 42.69 8.90
C ILE A 234 52.55 42.57 7.39
N VAL A 235 51.54 42.38 6.52
CA VAL A 235 51.71 42.32 5.05
C VAL A 235 52.36 43.63 4.53
N SER A 236 51.80 44.81 4.89
CA SER A 236 52.29 46.13 4.48
C SER A 236 53.71 46.41 5.01
N SER A 237 54.06 45.84 6.17
CA SER A 237 55.37 45.97 6.76
C SER A 237 56.40 45.22 5.91
N ILE A 238 55.97 44.15 5.22
CA ILE A 238 56.81 43.35 4.31
C ILE A 238 57.01 44.15 3.01
N THR A 239 55.91 44.67 2.42
CA THR A 239 55.91 45.43 1.16
C THR A 239 56.38 46.89 1.26
N ALA A 240 56.49 47.44 2.51
CA ALA A 240 56.90 48.83 2.80
C ALA A 240 58.05 49.35 1.92
N SER A 241 59.15 48.59 1.87
CA SER A 241 60.34 48.92 1.10
C SER A 241 60.11 48.88 -0.42
N LEU A 242 59.17 48.02 -0.88
CA LEU A 242 58.83 47.91 -2.29
C LEU A 242 57.94 49.11 -2.73
N ARG A 243 56.94 49.47 -1.89
CA ARG A 243 55.99 50.58 -2.12
C ARG A 243 56.63 51.97 -1.90
N PHE A 244 57.76 52.02 -1.16
CA PHE A 244 58.45 53.27 -0.90
C PHE A 244 59.87 53.30 -1.49
N ASP A 245 60.58 54.42 -1.27
CA ASP A 245 61.94 54.62 -1.74
C ASP A 245 62.92 54.24 -0.60
N GLY A 246 62.77 53.01 -0.09
CA GLY A 246 63.57 52.46 1.01
C GLY A 246 64.83 51.73 0.58
N ALA A 247 65.70 51.37 1.56
CA ALA A 247 66.97 50.68 1.27
C ALA A 247 66.87 49.15 1.21
N LEU A 248 66.60 48.49 2.35
CA LEU A 248 66.46 47.03 2.44
C LEU A 248 65.17 46.58 1.72
N ASN A 249 65.20 45.40 1.08
CA ASN A 249 64.09 44.78 0.34
C ASN A 249 63.44 45.69 -0.71
N VAL A 250 64.30 46.34 -1.51
CA VAL A 250 63.92 47.24 -2.58
C VAL A 250 63.30 46.52 -3.80
N ASP A 251 63.48 45.18 -3.88
CA ASP A 251 62.95 44.33 -4.96
C ASP A 251 62.35 43.03 -4.40
N LEU A 252 61.70 42.23 -5.28
CA LEU A 252 61.11 40.93 -4.92
C LEU A 252 62.20 39.88 -4.73
N THR A 253 63.24 39.95 -5.59
CA THR A 253 64.40 39.06 -5.61
C THR A 253 65.38 39.35 -4.43
N GLU A 254 65.05 40.33 -3.57
CA GLU A 254 65.87 40.63 -2.40
C GLU A 254 65.59 39.65 -1.27
N PHE A 255 64.30 39.36 -0.97
CA PHE A 255 63.87 38.39 0.05
C PHE A 255 64.39 37.01 -0.37
N GLN A 256 64.19 36.64 -1.66
CA GLN A 256 64.60 35.39 -2.31
C GLN A 256 66.10 35.06 -2.11
N THR A 257 66.91 36.10 -1.80
CA THR A 257 68.35 36.00 -1.55
C THR A 257 68.61 36.19 -0.06
N ASN A 258 68.10 37.30 0.53
CA ASN A 258 68.23 37.68 1.95
C ASN A 258 67.63 36.68 2.97
N LEU A 259 66.65 35.86 2.50
CA LEU A 259 65.96 34.89 3.32
C LEU A 259 66.05 33.49 2.78
N VAL A 260 65.84 33.25 1.47
CA VAL A 260 65.87 31.89 0.91
C VAL A 260 67.29 31.42 0.51
N PRO A 261 68.11 30.80 1.41
CA PRO A 261 69.44 30.32 0.99
C PRO A 261 69.33 28.96 0.29
N TYR A 262 68.70 27.96 0.98
CA TYR A 262 68.39 26.66 0.38
C TYR A 262 66.95 26.79 -0.22
N PRO A 263 66.74 26.40 -1.51
CA PRO A 263 65.47 26.69 -2.19
C PRO A 263 64.14 26.16 -1.68
N ARG A 264 64.05 24.88 -1.29
CA ARG A 264 62.80 24.27 -0.81
C ARG A 264 62.36 24.88 0.51
N ILE A 265 63.31 25.34 1.32
CA ILE A 265 63.02 25.99 2.59
C ILE A 265 62.82 27.49 2.33
N HIS A 266 61.74 27.79 1.59
CA HIS A 266 61.35 29.14 1.22
C HIS A 266 60.19 29.62 2.08
N PHE A 267 60.20 29.20 3.34
CA PHE A 267 59.13 29.54 4.26
C PHE A 267 59.69 30.32 5.44
N PRO A 268 59.86 31.64 5.30
CA PRO A 268 60.36 32.43 6.43
C PRO A 268 59.25 32.66 7.46
N LEU A 269 59.66 32.66 8.73
CA LEU A 269 58.78 32.89 9.86
C LEU A 269 58.73 34.40 10.12
N ALA A 270 57.53 34.96 10.17
CA ALA A 270 57.36 36.38 10.43
C ALA A 270 57.09 36.64 11.90
N THR A 271 57.37 37.87 12.37
CA THR A 271 57.15 38.32 13.75
C THR A 271 56.75 39.80 13.71
N TYR A 272 55.86 40.26 14.62
CA TYR A 272 55.40 41.66 14.59
C TYR A 272 55.14 42.31 15.95
N ALA A 273 55.64 43.54 16.10
CA ALA A 273 55.48 44.40 17.27
C ALA A 273 55.22 45.85 16.79
N PRO A 274 54.48 46.71 17.52
CA PRO A 274 53.83 46.52 18.83
C PRO A 274 52.35 46.23 18.68
N VAL A 275 51.93 45.02 19.10
CA VAL A 275 50.53 44.59 19.07
C VAL A 275 49.79 45.32 20.19
N ILE A 276 49.06 46.38 19.78
CA ILE A 276 48.41 47.29 20.71
C ILE A 276 46.95 47.73 20.43
N SER A 277 46.13 47.74 21.49
CA SER A 277 44.70 48.08 21.50
C SER A 277 44.46 49.58 21.67
N ALA A 278 43.23 50.01 21.35
CA ALA A 278 42.78 51.40 21.41
C ALA A 278 41.90 51.73 22.62
N GLU A 279 40.88 50.89 22.92
CA GLU A 279 39.97 51.12 24.05
C GLU A 279 40.63 50.86 25.43
N LYS A 280 41.76 51.55 25.65
CA LYS A 280 42.57 51.50 26.88
C LYS A 280 43.28 52.86 27.09
N ALA A 281 43.34 53.32 28.36
CA ALA A 281 43.94 54.60 28.77
C ALA A 281 45.38 54.76 28.27
N TYR A 282 45.66 55.89 27.59
CA TYR A 282 46.95 56.25 27.00
C TYR A 282 48.08 56.36 28.03
N HIS A 283 49.33 56.12 27.59
CA HIS A 283 50.54 56.20 28.41
C HIS A 283 51.80 56.47 27.53
N GLU A 284 53.01 56.13 28.04
CA GLU A 284 54.29 56.30 27.34
C GLU A 284 54.40 55.23 26.23
N GLN A 285 54.61 55.66 24.97
CA GLN A 285 54.73 54.75 23.83
C GLN A 285 56.03 53.92 23.87
N LEU A 286 55.99 52.69 23.33
CA LEU A 286 57.10 51.72 23.28
C LEU A 286 58.34 52.24 22.57
N SER A 287 59.53 51.94 23.14
CA SER A 287 60.83 52.33 22.60
C SER A 287 61.46 51.22 21.76
N VAL A 288 62.63 51.50 21.11
CA VAL A 288 63.39 50.56 20.28
C VAL A 288 63.79 49.31 21.09
N ALA A 289 64.23 49.49 22.35
CA ALA A 289 64.60 48.41 23.26
C ALA A 289 63.37 47.56 23.67
N GLU A 290 62.18 48.21 23.73
CA GLU A 290 60.90 47.58 24.08
C GLU A 290 60.44 46.61 23.00
N ILE A 291 60.26 47.11 21.76
CA ILE A 291 59.80 46.32 20.61
C ILE A 291 60.76 45.23 20.12
N THR A 292 62.09 45.45 20.20
CA THR A 292 63.10 44.47 19.75
C THR A 292 63.01 43.20 20.60
N ASN A 293 62.86 43.37 21.93
CA ASN A 293 62.72 42.25 22.87
C ASN A 293 61.36 41.54 22.64
N ALA A 294 60.33 42.33 22.28
CA ALA A 294 58.97 41.86 21.95
C ALA A 294 59.01 41.06 20.64
N CYS A 295 59.92 41.43 19.72
CA CYS A 295 60.13 40.78 18.43
C CYS A 295 60.75 39.40 18.63
N PHE A 296 61.38 39.15 19.79
CA PHE A 296 61.98 37.84 20.04
C PHE A 296 61.24 36.90 20.98
N GLU A 297 60.06 37.33 21.48
CA GLU A 297 59.19 36.52 22.34
C GLU A 297 58.02 35.97 21.49
N PRO A 298 57.86 34.60 21.38
CA PRO A 298 56.78 34.03 20.55
C PRO A 298 55.32 34.42 20.89
N ALA A 299 55.15 35.28 21.91
CA ALA A 299 53.87 35.81 22.36
C ALA A 299 53.30 36.84 21.34
N ASN A 300 54.08 37.13 20.25
CA ASN A 300 53.73 38.05 19.16
C ASN A 300 54.06 37.42 17.79
N GLN A 301 54.55 36.16 17.80
CA GLN A 301 54.93 35.38 16.62
C GLN A 301 53.74 35.05 15.70
N MET A 302 54.01 35.07 14.38
CA MET A 302 53.05 34.80 13.32
C MET A 302 52.62 33.33 13.25
N VAL A 303 53.60 32.39 13.21
CA VAL A 303 53.39 30.94 13.14
C VAL A 303 53.94 30.27 14.42
N LYS A 304 53.09 29.47 15.10
CA LYS A 304 53.42 28.80 16.37
C LYS A 304 54.35 27.59 16.24
N CYS A 305 55.67 27.84 16.26
CA CYS A 305 56.72 26.83 16.20
C CYS A 305 58.02 27.31 16.87
N ASP A 306 58.31 26.70 18.04
CA ASP A 306 59.44 26.91 18.96
C ASP A 306 60.78 27.41 18.32
N PRO A 307 61.06 28.75 18.37
CA PRO A 307 62.31 29.25 17.78
C PRO A 307 63.53 28.87 18.61
N ARG A 308 63.35 28.82 19.95
CA ARG A 308 64.33 28.47 20.99
C ARG A 308 64.93 27.07 20.75
N HIS A 309 64.19 26.20 20.04
CA HIS A 309 64.61 24.85 19.65
C HIS A 309 64.37 24.68 18.15
N GLY A 310 65.35 25.16 17.39
CA GLY A 310 65.35 25.15 15.94
C GLY A 310 66.38 26.12 15.38
N LYS A 311 67.32 25.59 14.57
CA LYS A 311 68.44 26.32 13.93
C LYS A 311 67.97 27.36 12.90
N TYR A 312 68.57 28.58 12.91
CA TYR A 312 68.28 29.65 11.95
C TYR A 312 69.18 29.50 10.72
N MET A 313 69.00 30.38 9.73
CA MET A 313 69.79 30.47 8.48
C MET A 313 69.65 31.87 7.86
N ALA A 314 68.83 32.75 8.47
CA ALA A 314 68.52 34.12 8.07
C ALA A 314 67.85 34.87 9.23
N CYS A 315 67.73 36.21 9.08
CA CYS A 315 67.08 37.19 9.98
C CYS A 315 67.17 38.61 9.38
N CYS A 316 66.07 39.40 9.46
CA CYS A 316 65.95 40.78 8.97
C CYS A 316 65.04 41.53 9.93
N LEU A 317 65.48 42.66 10.49
CA LEU A 317 64.62 43.40 11.42
C LEU A 317 64.07 44.67 10.76
N LEU A 318 62.85 44.58 10.19
CA LEU A 318 62.19 45.68 9.44
C LEU A 318 61.36 46.69 10.27
N TYR A 319 62.05 47.73 10.81
CA TYR A 319 61.47 48.82 11.62
C TYR A 319 60.64 49.82 10.82
N ARG A 320 59.93 50.76 11.52
CA ARG A 320 59.07 51.76 10.88
C ARG A 320 58.79 52.97 11.79
N GLY A 321 59.03 54.19 11.26
CA GLY A 321 58.75 55.47 11.94
C GLY A 321 59.88 56.13 12.71
N ASP A 322 59.55 56.64 13.92
CA ASP A 322 60.37 57.38 14.91
C ASP A 322 61.66 56.69 15.48
N VAL A 323 62.29 55.82 14.68
CA VAL A 323 63.50 55.07 15.02
C VAL A 323 64.79 55.81 14.60
N VAL A 324 65.97 55.40 15.16
CA VAL A 324 67.33 55.91 14.88
C VAL A 324 68.33 54.72 14.95
N PRO A 325 69.21 54.51 13.94
CA PRO A 325 70.12 53.35 13.94
C PRO A 325 70.93 53.00 15.19
N LYS A 326 71.34 54.00 15.99
CA LYS A 326 72.13 53.77 17.22
C LYS A 326 71.36 52.93 18.24
N ASP A 327 70.12 53.37 18.54
CA ASP A 327 69.21 52.73 19.47
C ASP A 327 68.78 51.33 18.97
N VAL A 328 68.78 51.14 17.63
CA VAL A 328 68.49 49.86 16.95
C VAL A 328 69.61 48.88 17.29
N ASN A 329 70.87 49.30 17.10
CA ASN A 329 72.04 48.48 17.41
C ASN A 329 72.32 48.36 18.91
N ALA A 330 71.76 49.28 19.73
CA ALA A 330 71.84 49.25 21.19
C ALA A 330 70.91 48.13 21.69
N ALA A 331 69.74 47.97 21.00
CA ALA A 331 68.70 46.95 21.27
C ALA A 331 69.05 45.57 20.66
N ILE A 332 70.08 45.52 19.78
CA ILE A 332 70.62 44.31 19.14
C ILE A 332 71.69 43.72 20.07
N ALA A 333 72.52 44.60 20.63
CA ALA A 333 73.60 44.28 21.57
C ALA A 333 73.04 43.69 22.87
N THR A 334 71.80 44.11 23.25
CA THR A 334 71.12 43.64 24.45
C THR A 334 70.79 42.15 24.37
N ILE A 335 70.35 41.68 23.17
CA ILE A 335 69.97 40.28 23.00
C ILE A 335 71.13 39.27 22.90
N LYS A 336 72.25 39.63 22.21
CA LYS A 336 73.44 38.76 22.08
C LYS A 336 74.16 38.48 23.42
N THR A 337 73.90 39.35 24.44
CA THR A 337 74.47 39.32 25.80
C THR A 337 74.10 38.04 26.60
N LYS A 338 72.78 37.74 26.77
CA LYS A 338 72.28 36.58 27.52
C LYS A 338 71.75 35.45 26.61
N ARG A 339 71.16 35.81 25.46
CA ARG A 339 70.64 34.83 24.49
C ARG A 339 71.70 34.59 23.40
N THR A 340 72.12 33.33 23.22
CA THR A 340 73.11 32.93 22.22
C THR A 340 72.51 32.82 20.81
N ILE A 341 71.18 32.53 20.73
CA ILE A 341 70.33 32.38 19.52
C ILE A 341 71.01 31.68 18.32
N GLN A 342 70.78 30.35 18.24
CA GLN A 342 71.36 29.42 17.26
C GLN A 342 71.30 29.81 15.78
N PHE A 343 72.24 29.25 15.00
CA PHE A 343 72.41 29.44 13.56
C PHE A 343 73.12 28.22 12.99
N VAL A 344 72.76 27.82 11.75
CA VAL A 344 73.40 26.68 11.06
C VAL A 344 74.88 26.98 10.79
N ASP A 345 75.72 25.92 10.77
CA ASP A 345 77.17 25.96 10.54
C ASP A 345 77.55 26.82 9.33
N TRP A 346 76.89 26.58 8.19
CA TRP A 346 77.07 27.26 6.91
C TRP A 346 76.45 28.67 6.85
N CYS A 347 76.12 29.28 8.02
CA CYS A 347 75.50 30.61 8.06
C CYS A 347 76.09 31.65 9.03
N PRO A 348 76.22 32.93 8.57
CA PRO A 348 76.76 33.98 9.45
C PRO A 348 75.74 34.46 10.47
N THR A 349 76.13 34.42 11.76
CA THR A 349 75.28 34.82 12.89
C THR A 349 75.05 36.34 12.90
N GLY A 350 74.16 36.79 12.01
CA GLY A 350 73.85 38.20 11.88
C GLY A 350 72.71 38.50 10.93
N PHE A 351 72.05 39.63 11.19
CA PHE A 351 70.86 40.11 10.48
C PHE A 351 71.01 41.42 9.69
N LYS A 352 70.33 41.47 8.54
CA LYS A 352 70.25 42.62 7.65
C LYS A 352 69.07 43.46 8.16
N VAL A 353 69.35 44.57 8.87
CA VAL A 353 68.34 45.47 9.46
C VAL A 353 67.97 46.54 8.43
N GLY A 354 66.69 46.96 8.43
CA GLY A 354 66.14 47.99 7.55
C GLY A 354 65.15 48.91 8.26
N ILE A 355 65.27 50.24 8.08
CA ILE A 355 64.33 51.23 8.69
C ILE A 355 63.57 52.05 7.63
N ASN A 356 62.28 51.79 7.44
CA ASN A 356 61.52 52.65 6.53
C ASN A 356 60.93 53.72 7.46
N TYR A 357 61.56 54.91 7.49
CA TYR A 357 61.19 56.03 8.37
C TYR A 357 59.72 56.54 8.29
N GLN A 358 58.93 56.04 7.30
CA GLN A 358 57.52 56.38 7.11
C GLN A 358 56.69 56.03 8.36
N PRO A 359 55.60 56.76 8.66
CA PRO A 359 54.84 56.45 9.89
C PRO A 359 53.97 55.19 9.83
N PRO A 360 53.98 54.35 10.91
CA PRO A 360 53.11 53.15 10.93
C PRO A 360 51.64 53.58 10.92
N THR A 361 50.96 53.29 9.79
CA THR A 361 49.55 53.66 9.59
C THR A 361 48.62 52.56 10.12
N VAL A 362 47.54 52.96 10.81
CA VAL A 362 46.48 52.08 11.34
C VAL A 362 45.14 52.58 10.73
N VAL A 363 44.13 51.69 10.64
CA VAL A 363 42.82 52.03 10.04
C VAL A 363 42.08 53.07 10.91
N PRO A 364 41.62 54.23 10.34
CA PRO A 364 40.89 55.20 11.16
C PRO A 364 39.56 54.59 11.53
N GLY A 365 39.30 54.53 12.84
CA GLY A 365 38.11 53.92 13.40
C GLY A 365 38.26 52.40 13.48
N GLY A 366 39.44 51.98 13.92
CA GLY A 366 39.79 50.57 14.08
C GLY A 366 40.14 50.23 15.52
N ASP A 367 40.35 48.93 15.76
CA ASP A 367 40.69 48.35 17.07
C ASP A 367 42.18 48.52 17.37
N LEU A 368 43.01 48.73 16.31
CA LEU A 368 44.46 48.94 16.36
C LEU A 368 44.74 50.34 16.93
N ALA A 369 45.99 50.59 17.37
CA ALA A 369 46.40 51.88 17.93
C ALA A 369 47.44 52.60 17.07
N LYS A 370 47.27 53.93 16.89
CA LYS A 370 48.18 54.76 16.11
C LYS A 370 49.50 54.95 16.85
N VAL A 371 50.47 54.06 16.56
CA VAL A 371 51.82 54.09 17.12
C VAL A 371 52.80 54.73 16.12
N GLN A 372 53.64 55.65 16.65
CA GLN A 372 54.68 56.41 15.92
C GLN A 372 55.87 55.51 15.56
N ARG A 373 56.06 54.42 16.34
CA ARG A 373 57.11 53.42 16.21
C ARG A 373 56.51 52.01 16.03
N ALA A 374 57.18 51.17 15.21
CA ALA A 374 56.80 49.79 14.91
C ALA A 374 57.98 49.00 14.34
N VAL A 375 57.81 47.67 14.21
CA VAL A 375 58.78 46.71 13.68
C VAL A 375 58.05 45.48 13.09
N CYS A 376 58.82 44.59 12.46
CA CYS A 376 58.43 43.32 11.85
C CYS A 376 59.72 42.54 11.72
N MET A 377 59.64 41.24 11.42
CA MET A 377 60.84 40.44 11.30
C MET A 377 60.67 39.33 10.33
N LEU A 378 61.65 39.15 9.48
CA LEU A 378 61.64 38.05 8.54
C LEU A 378 62.77 37.13 8.96
N SER A 379 62.42 35.93 9.45
CA SER A 379 63.40 34.97 9.97
C SER A 379 63.20 33.53 9.46
N ASN A 380 64.15 33.02 8.63
CA ASN A 380 64.09 31.63 8.17
C ASN A 380 64.68 30.76 9.28
N THR A 381 63.81 29.93 9.92
CA THR A 381 64.13 29.01 11.05
C THR A 381 63.72 27.57 10.69
N THR A 382 64.51 26.53 11.15
CA THR A 382 64.20 25.11 10.90
C THR A 382 62.95 24.67 11.68
N ALA A 383 62.60 25.45 12.74
CA ALA A 383 61.43 25.30 13.62
C ALA A 383 60.12 25.31 12.85
N ILE A 384 60.12 25.91 11.64
CA ILE A 384 58.96 25.95 10.75
C ILE A 384 58.57 24.57 10.19
N ALA A 385 59.34 23.52 10.55
CA ALA A 385 59.04 22.13 10.22
C ALA A 385 58.04 21.61 11.24
N GLU A 386 58.01 22.21 12.45
CA GLU A 386 57.09 21.87 13.55
C GLU A 386 55.65 22.22 13.19
N ALA A 387 55.50 23.16 12.21
CA ALA A 387 54.24 23.63 11.64
C ALA A 387 53.70 22.62 10.61
N TRP A 388 54.60 22.08 9.74
CA TRP A 388 54.28 21.08 8.71
C TRP A 388 53.92 19.71 9.33
N ALA A 389 54.75 19.20 10.28
CA ALA A 389 54.59 17.94 11.01
C ALA A 389 53.21 17.85 11.67
N ARG A 390 52.63 19.03 12.07
CA ARG A 390 51.29 19.15 12.65
C ARG A 390 50.29 18.73 11.59
N LEU A 391 50.39 19.37 10.42
CA LEU A 391 49.57 19.18 9.24
C LEU A 391 49.88 17.83 8.60
N ASP A 392 51.13 17.38 8.66
CA ASP A 392 51.45 16.09 8.10
C ASP A 392 50.79 14.92 8.80
N HIS A 393 50.71 14.93 10.16
CA HIS A 393 50.02 13.85 10.88
C HIS A 393 48.52 13.87 10.65
N LYS A 394 47.92 15.07 10.54
CA LYS A 394 46.48 15.22 10.29
C LYS A 394 46.12 14.58 8.94
N PHE A 395 46.99 14.78 7.94
CA PHE A 395 46.88 14.16 6.61
C PHE A 395 47.07 12.64 6.77
N ASP A 396 48.10 12.24 7.55
CA ASP A 396 48.52 10.87 7.81
C ASP A 396 47.43 9.94 8.34
N LEU A 397 46.61 10.47 9.26
CA LEU A 397 45.52 9.73 9.89
C LEU A 397 44.38 9.39 8.90
N MET A 398 43.89 10.42 8.20
CA MET A 398 42.80 10.30 7.26
C MET A 398 43.12 9.45 6.05
N TYR A 399 44.29 9.68 5.43
CA TYR A 399 44.68 8.97 4.21
C TYR A 399 44.91 7.48 4.41
N ALA A 400 45.36 7.10 5.62
CA ALA A 400 45.55 5.71 6.03
C ALA A 400 44.25 4.95 5.72
N LYS A 401 43.13 5.39 6.36
CA LYS A 401 41.77 4.85 6.21
C LYS A 401 41.05 5.41 4.92
N ARG A 402 41.75 6.28 4.13
CA ARG A 402 41.28 6.90 2.89
C ARG A 402 40.00 7.71 3.09
N ALA A 403 39.86 8.30 4.30
CA ALA A 403 38.73 9.14 4.69
C ALA A 403 38.66 10.44 3.83
N PHE A 404 37.50 10.68 3.13
CA PHE A 404 37.19 11.83 2.24
C PHE A 404 37.75 11.79 0.82
N VAL A 405 38.77 10.93 0.58
CA VAL A 405 39.46 10.76 -0.71
C VAL A 405 38.52 10.75 -1.95
N HIS A 406 37.45 9.92 -1.92
CA HIS A 406 36.46 9.74 -2.99
C HIS A 406 35.94 11.02 -3.66
N TRP A 407 35.92 12.13 -2.89
CA TRP A 407 35.49 13.45 -3.37
C TRP A 407 36.47 13.98 -4.41
N TYR A 408 37.79 13.83 -4.11
CA TYR A 408 38.92 14.24 -4.93
C TYR A 408 39.02 13.45 -6.23
N VAL A 409 39.00 12.09 -6.13
CA VAL A 409 39.05 11.18 -7.29
C VAL A 409 37.82 11.32 -8.18
N GLY A 410 36.75 11.84 -7.60
CA GLY A 410 35.49 12.13 -8.27
C GLY A 410 35.61 13.36 -9.14
N GLU A 411 36.54 14.27 -8.75
CA GLU A 411 36.83 15.51 -9.49
C GLU A 411 37.93 15.38 -10.59
N GLY A 412 38.34 14.14 -10.90
CA GLY A 412 39.32 13.84 -11.93
C GLY A 412 40.75 13.58 -11.46
N MET A 413 41.03 13.76 -10.15
CA MET A 413 42.34 13.52 -9.58
C MET A 413 42.72 12.01 -9.63
N GLU A 414 43.95 11.66 -9.23
CA GLU A 414 44.43 10.27 -9.17
C GLU A 414 44.79 9.94 -7.72
N GLU A 415 44.48 8.71 -7.24
CA GLU A 415 44.75 8.39 -5.83
C GLU A 415 46.20 8.57 -5.41
N GLY A 416 47.10 8.42 -6.38
CA GLY A 416 48.54 8.56 -6.24
C GLY A 416 48.98 9.95 -5.83
N GLU A 417 48.25 10.98 -6.31
CA GLU A 417 48.50 12.40 -6.03
C GLU A 417 48.60 12.69 -4.52
N PHE A 418 47.95 11.90 -3.64
CA PHE A 418 48.01 12.11 -2.19
C PHE A 418 49.30 11.58 -1.61
N SER A 419 49.76 10.42 -2.14
CA SER A 419 51.01 9.77 -1.74
C SER A 419 52.17 10.60 -2.30
N GLU A 420 52.03 11.06 -3.57
CA GLU A 420 53.00 11.91 -4.27
C GLU A 420 53.27 13.17 -3.47
N ALA A 421 52.20 13.84 -3.02
CA ALA A 421 52.25 15.05 -2.22
C ALA A 421 52.81 14.78 -0.82
N ARG A 422 52.46 13.63 -0.22
CA ARG A 422 52.93 13.25 1.11
C ARG A 422 54.37 12.78 1.12
N GLU A 423 54.85 12.22 -0.02
CA GLU A 423 56.25 11.80 -0.21
C GLU A 423 57.13 13.06 -0.22
N ASP A 424 56.70 14.09 -1.01
CA ASP A 424 57.37 15.39 -1.15
C ASP A 424 57.31 16.17 0.14
N MET A 425 56.17 16.11 0.86
CA MET A 425 55.95 16.79 2.14
C MET A 425 56.74 16.16 3.30
N ALA A 426 57.21 14.94 3.06
CA ALA A 426 58.07 14.23 3.98
C ALA A 426 59.51 14.58 3.61
N ALA A 427 59.85 14.58 2.29
CA ALA A 427 61.17 14.91 1.72
C ALA A 427 61.66 16.24 2.26
N LEU A 428 60.76 17.25 2.25
CA LEU A 428 60.93 18.62 2.74
C LEU A 428 61.30 18.62 4.24
N GLU A 429 60.68 17.72 5.02
CA GLU A 429 60.93 17.58 6.47
C GLU A 429 62.31 16.94 6.76
N LYS A 430 62.81 16.09 5.82
CA LYS A 430 64.14 15.49 5.88
C LYS A 430 65.17 16.59 5.54
N ASP A 431 64.75 17.57 4.70
CA ASP A 431 65.56 18.73 4.31
C ASP A 431 65.66 19.70 5.46
N TYR A 432 64.70 19.69 6.40
CA TYR A 432 64.77 20.50 7.61
C TYR A 432 65.71 19.83 8.63
N GLU A 433 65.93 18.49 8.48
CA GLU A 433 66.86 17.69 9.28
C GLU A 433 68.26 17.98 8.71
N GLU A 434 68.48 17.62 7.41
CA GLU A 434 69.71 17.82 6.62
C GLU A 434 70.33 19.22 6.76
N VAL A 435 69.51 20.23 7.14
CA VAL A 435 69.88 21.64 7.34
C VAL A 435 70.05 21.94 8.85
N GLY A 436 69.00 21.74 9.65
CA GLY A 436 69.06 21.93 11.09
C GLY A 436 69.77 20.73 11.68
N VAL A 437 71.12 20.70 11.56
CA VAL A 437 72.02 19.62 12.03
C VAL A 437 72.40 19.75 13.50
N GLU B 3 21.10 28.61 -4.45
CA GLU B 3 19.76 28.23 -4.92
C GLU B 3 19.46 26.78 -4.63
N ILE B 4 18.20 26.44 -4.26
CA ILE B 4 17.78 25.07 -3.90
C ILE B 4 16.36 24.75 -4.35
N VAL B 5 16.15 23.48 -4.79
CA VAL B 5 14.85 22.93 -5.26
C VAL B 5 14.37 21.91 -4.21
N HIS B 6 13.13 22.10 -3.72
CA HIS B 6 12.51 21.29 -2.66
C HIS B 6 11.26 20.48 -3.10
N ILE B 7 11.43 19.16 -3.29
CA ILE B 7 10.31 18.31 -3.69
C ILE B 7 9.74 17.62 -2.45
N GLN B 8 8.42 17.49 -2.35
CA GLN B 8 7.81 16.75 -1.26
C GLN B 8 6.88 15.64 -1.77
N ALA B 9 7.26 14.37 -1.46
CA ALA B 9 6.51 13.20 -1.92
C ALA B 9 5.73 12.40 -0.84
N GLY B 10 4.49 12.06 -1.18
CA GLY B 10 3.62 11.27 -0.33
C GLY B 10 2.92 12.05 0.77
N GLN B 11 2.07 11.31 1.52
CA GLN B 11 1.26 11.78 2.65
C GLN B 11 2.16 12.39 3.70
N CYS B 12 3.17 11.60 4.13
CA CYS B 12 4.19 11.99 5.10
C CYS B 12 5.00 13.20 4.62
N GLY B 13 5.77 13.04 3.53
CA GLY B 13 6.60 14.07 2.90
C GLY B 13 5.96 15.42 2.65
N ASN B 14 4.66 15.44 2.31
CA ASN B 14 3.91 16.68 2.06
C ASN B 14 3.55 17.41 3.35
N GLN B 15 3.04 16.66 4.35
CA GLN B 15 2.69 17.21 5.65
C GLN B 15 4.00 17.70 6.34
N ILE B 16 5.07 16.87 6.26
CA ILE B 16 6.42 17.14 6.74
C ILE B 16 6.89 18.45 6.07
N GLY B 17 6.88 18.48 4.73
CA GLY B 17 7.30 19.61 3.90
C GLY B 17 6.61 20.94 4.18
N ALA B 18 5.25 20.92 4.33
CA ALA B 18 4.41 22.09 4.63
C ALA B 18 4.67 22.65 6.03
N LYS B 19 5.19 21.82 6.94
CA LYS B 19 5.55 22.22 8.30
C LYS B 19 6.87 23.03 8.26
N PHE B 20 7.83 22.58 7.43
CA PHE B 20 9.13 23.23 7.21
C PHE B 20 8.86 24.58 6.56
N TRP B 21 8.07 24.56 5.48
CA TRP B 21 7.66 25.72 4.70
C TRP B 21 6.84 26.74 5.46
N GLU B 22 6.39 26.42 6.67
CA GLU B 22 5.63 27.37 7.48
C GLU B 22 6.51 27.93 8.59
N VAL B 23 7.39 27.08 9.15
CA VAL B 23 8.34 27.44 10.20
C VAL B 23 9.40 28.39 9.64
N ILE B 24 9.96 28.05 8.44
CA ILE B 24 10.97 28.87 7.75
C ILE B 24 10.37 30.17 7.18
N SER B 25 9.07 30.18 6.88
CA SER B 25 8.40 31.37 6.39
C SER B 25 8.08 32.33 7.52
N ASP B 26 8.12 31.86 8.76
CA ASP B 26 7.93 32.70 9.94
C ASP B 26 9.27 33.37 10.26
N GLU B 27 10.37 32.61 10.07
CA GLU B 27 11.75 33.01 10.24
C GLU B 27 12.18 34.02 9.17
N HIS B 28 11.48 34.02 8.03
CA HIS B 28 11.77 34.88 6.87
C HIS B 28 10.73 35.98 6.57
N GLY B 29 9.72 36.09 7.44
CA GLY B 29 8.67 37.09 7.34
C GLY B 29 7.75 37.01 6.14
N ILE B 30 7.66 35.82 5.49
CA ILE B 30 6.80 35.59 4.32
C ILE B 30 5.41 35.17 4.84
N ASP B 31 4.55 36.17 5.15
CA ASP B 31 3.19 35.96 5.70
C ASP B 31 2.35 35.05 4.77
N PRO B 32 1.55 34.07 5.32
CA PRO B 32 0.78 33.12 4.49
C PRO B 32 0.40 33.43 3.03
N THR B 33 0.20 34.74 2.72
CA THR B 33 -0.18 35.32 1.43
C THR B 33 0.97 35.33 0.41
N GLY B 34 2.16 35.70 0.88
CA GLY B 34 3.36 35.80 0.06
C GLY B 34 3.85 37.23 -0.09
N SER B 35 4.34 37.81 1.02
CA SER B 35 4.85 39.19 1.10
C SER B 35 5.81 39.28 2.27
N TYR B 36 6.97 39.96 2.07
CA TYR B 36 7.95 40.14 3.16
C TYR B 36 7.44 41.23 4.10
N HIS B 37 7.44 40.93 5.41
CA HIS B 37 7.04 41.88 6.45
C HIS B 37 8.00 41.90 7.65
N GLY B 38 8.99 41.02 7.64
CA GLY B 38 10.00 40.85 8.69
C GLY B 38 10.73 42.11 9.08
N ASP B 39 11.24 42.15 10.33
CA ASP B 39 11.97 43.29 10.88
C ASP B 39 13.32 43.54 10.15
N SER B 40 14.37 42.76 10.49
CA SER B 40 15.68 42.95 9.84
C SER B 40 15.75 42.28 8.48
N ASP B 41 16.52 42.90 7.57
CA ASP B 41 16.77 42.44 6.21
C ASP B 41 17.87 41.33 6.18
N LEU B 42 18.24 40.80 7.38
CA LEU B 42 19.19 39.69 7.60
C LEU B 42 18.53 38.39 7.09
N GLN B 43 17.18 38.37 7.13
CA GLN B 43 16.31 37.31 6.63
C GLN B 43 16.46 37.31 5.11
N LEU B 44 16.07 38.45 4.46
CA LEU B 44 16.12 38.73 3.03
C LEU B 44 17.42 38.39 2.32
N GLU B 45 18.56 38.45 3.04
CA GLU B 45 19.89 38.19 2.48
C GLU B 45 19.97 36.86 1.74
N ARG B 46 19.72 35.73 2.45
CA ARG B 46 19.75 34.38 1.86
C ARG B 46 18.32 33.80 1.67
N ILE B 47 17.42 34.63 1.11
CA ILE B 47 16.03 34.29 0.85
C ILE B 47 15.88 33.68 -0.55
N ASN B 48 16.88 33.90 -1.39
CA ASN B 48 16.93 33.39 -2.76
C ASN B 48 17.17 31.88 -2.82
N VAL B 49 17.69 31.29 -1.71
CA VAL B 49 17.98 29.85 -1.55
C VAL B 49 16.68 29.06 -1.68
N TYR B 50 15.64 29.48 -0.94
CA TYR B 50 14.34 28.82 -0.97
C TYR B 50 13.27 29.53 -1.77
N TYR B 51 13.18 30.87 -1.69
CA TYR B 51 12.10 31.62 -2.35
C TYR B 51 12.44 32.36 -3.63
N ASN B 52 11.46 32.42 -4.56
CA ASN B 52 11.48 33.15 -5.84
C ASN B 52 10.70 34.46 -5.69
N GLU B 53 10.63 35.28 -6.76
CA GLU B 53 9.92 36.56 -6.76
C GLU B 53 8.87 36.63 -7.86
N ALA B 54 7.64 37.08 -7.51
CA ALA B 54 6.53 37.26 -8.44
C ALA B 54 6.56 38.66 -9.09
N THR B 55 7.44 39.54 -8.55
CA THR B 55 7.71 40.93 -8.97
C THR B 55 6.48 41.80 -9.44
N GLY B 56 5.43 41.93 -8.62
CA GLY B 56 5.28 41.32 -7.30
C GLY B 56 5.02 42.33 -6.18
N ASN B 57 5.93 42.45 -5.18
CA ASN B 57 7.21 41.74 -5.02
C ASN B 57 6.98 40.47 -4.17
N LYS B 58 5.95 39.69 -4.51
CA LYS B 58 5.57 38.46 -3.82
C LYS B 58 6.64 37.36 -3.88
N TYR B 59 6.62 36.42 -2.91
CA TYR B 59 7.56 35.29 -2.83
C TYR B 59 6.88 33.94 -3.00
N VAL B 60 7.55 33.03 -3.74
CA VAL B 60 7.08 31.67 -4.04
C VAL B 60 8.15 30.66 -3.58
N PRO B 61 7.82 29.62 -2.76
CA PRO B 61 8.87 28.66 -2.36
C PRO B 61 9.33 27.83 -3.56
N ARG B 62 10.61 27.41 -3.57
CA ARG B 62 11.11 26.55 -4.66
C ARG B 62 10.69 25.13 -4.33
N ALA B 63 9.35 24.94 -4.22
CA ALA B 63 8.69 23.71 -3.82
C ALA B 63 7.79 23.11 -4.90
N ILE B 64 8.05 21.82 -5.21
CA ILE B 64 7.30 20.93 -6.14
C ILE B 64 6.53 19.94 -5.24
N LEU B 65 5.22 19.83 -5.45
CA LEU B 65 4.43 18.92 -4.63
C LEU B 65 4.05 17.65 -5.40
N VAL B 66 4.33 16.47 -4.83
CA VAL B 66 4.00 15.18 -5.47
C VAL B 66 3.15 14.26 -4.59
N ASP B 67 2.17 13.60 -5.23
CA ASP B 67 1.22 12.65 -4.62
C ASP B 67 0.58 11.79 -5.74
N LEU B 68 0.25 10.53 -5.44
CA LEU B 68 -0.38 9.71 -6.47
C LEU B 68 -1.89 9.64 -6.29
N GLU B 69 -2.42 10.49 -5.37
CA GLU B 69 -3.83 10.71 -5.02
C GLU B 69 -4.02 12.16 -4.52
N PRO B 70 -5.18 12.80 -4.79
CA PRO B 70 -5.37 14.21 -4.37
C PRO B 70 -5.31 14.57 -2.88
N GLY B 71 -6.00 13.80 -2.03
CA GLY B 71 -6.14 14.00 -0.58
C GLY B 71 -5.26 15.05 0.10
N THR B 72 -3.96 14.76 0.21
CA THR B 72 -2.95 15.56 0.91
C THR B 72 -2.64 16.89 0.24
N MET B 73 -2.74 16.95 -1.10
CA MET B 73 -2.51 18.18 -1.89
C MET B 73 -3.53 19.22 -1.46
N ASP B 74 -4.77 18.75 -1.28
CA ASP B 74 -5.91 19.54 -0.87
C ASP B 74 -5.78 20.02 0.57
N SER B 75 -5.16 19.20 1.46
CA SER B 75 -4.89 19.56 2.86
C SER B 75 -4.02 20.82 2.88
N VAL B 76 -2.99 20.85 2.00
CA VAL B 76 -2.06 21.97 1.81
C VAL B 76 -2.84 23.16 1.25
N ARG B 77 -3.65 22.92 0.19
CA ARG B 77 -4.51 23.93 -0.43
C ARG B 77 -5.38 24.61 0.65
N SER B 78 -6.03 23.77 1.48
CA SER B 78 -6.91 24.20 2.57
C SER B 78 -6.11 24.74 3.77
N GLY B 79 -4.83 24.34 3.85
CA GLY B 79 -3.90 24.78 4.89
C GLY B 79 -3.59 26.26 4.84
N PRO B 80 -3.06 26.84 5.96
CA PRO B 80 -2.80 28.30 6.00
C PRO B 80 -1.74 28.79 5.03
N PHE B 81 -0.57 28.13 5.03
CA PHE B 81 0.56 28.47 4.19
C PHE B 81 0.43 27.90 2.77
N GLY B 82 -0.70 27.26 2.47
CA GLY B 82 -0.98 26.66 1.16
C GLY B 82 -1.14 27.64 0.01
N GLN B 83 -1.63 28.87 0.28
CA GLN B 83 -1.84 29.93 -0.70
C GLN B 83 -0.52 30.39 -1.35
N ILE B 84 0.56 30.39 -0.55
CA ILE B 84 1.93 30.76 -0.89
C ILE B 84 2.55 29.90 -2.01
N PHE B 85 2.07 28.64 -2.17
CA PHE B 85 2.58 27.68 -3.15
C PHE B 85 2.12 27.97 -4.55
N ARG B 86 3.02 27.76 -5.55
CA ARG B 86 2.71 27.98 -6.95
C ARG B 86 1.70 26.93 -7.41
N PRO B 87 0.51 27.35 -7.88
CA PRO B 87 -0.52 26.37 -8.28
C PRO B 87 -0.01 25.35 -9.30
N ASP B 88 0.78 25.83 -10.29
CA ASP B 88 1.37 25.01 -11.34
C ASP B 88 2.47 24.05 -10.78
N ASN B 89 2.62 23.99 -9.45
CA ASN B 89 3.59 23.11 -8.81
C ASN B 89 3.00 21.84 -8.15
N PHE B 90 1.66 21.78 -7.99
CA PHE B 90 0.99 20.60 -7.42
C PHE B 90 0.85 19.56 -8.52
N VAL B 91 1.67 18.51 -8.45
CA VAL B 91 1.64 17.44 -9.45
C VAL B 91 1.09 16.19 -8.79
N PHE B 92 -0.17 15.83 -9.08
CA PHE B 92 -0.80 14.67 -8.44
C PHE B 92 -1.72 13.82 -9.31
N GLY B 93 -1.69 12.50 -9.02
CA GLY B 93 -2.52 11.49 -9.66
C GLY B 93 -3.84 11.31 -8.95
N GLN B 94 -4.50 10.16 -9.21
CA GLN B 94 -5.81 9.86 -8.61
C GLN B 94 -5.87 8.46 -8.02
N SER B 95 -5.06 7.55 -8.56
CA SER B 95 -4.96 6.14 -8.16
C SER B 95 -3.85 5.97 -7.10
N GLY B 96 -4.19 6.34 -5.87
CA GLY B 96 -3.39 6.39 -4.65
C GLY B 96 -2.04 5.72 -4.35
N ALA B 97 -1.48 4.84 -5.24
CA ALA B 97 -0.23 4.03 -5.05
C ALA B 97 -0.30 3.07 -3.84
N GLY B 98 -1.31 3.27 -2.99
CA GLY B 98 -1.65 2.56 -1.78
C GLY B 98 -0.57 1.72 -1.14
N ASN B 99 0.21 2.34 -0.22
CA ASN B 99 1.31 1.75 0.57
C ASN B 99 2.10 0.60 -0.11
N ASN B 100 2.34 0.76 -1.41
CA ASN B 100 3.08 -0.18 -2.23
C ASN B 100 4.18 0.62 -2.90
N TRP B 101 5.41 0.26 -2.58
CA TRP B 101 6.61 0.90 -3.12
C TRP B 101 6.63 0.60 -4.62
N ALA B 102 6.28 -0.64 -5.02
CA ALA B 102 6.23 -1.09 -6.42
C ALA B 102 5.24 -0.31 -7.31
N LYS B 103 4.16 0.24 -6.72
CA LYS B 103 3.15 1.05 -7.41
C LYS B 103 3.73 2.44 -7.67
N GLY B 104 4.18 3.09 -6.60
CA GLY B 104 4.82 4.41 -6.62
C GLY B 104 6.10 4.40 -7.42
N HIS B 105 6.95 3.40 -7.22
CA HIS B 105 8.20 3.26 -7.97
C HIS B 105 8.04 2.75 -9.39
N TYR B 106 7.07 1.85 -9.68
CA TYR B 106 6.92 1.36 -11.05
C TYR B 106 5.69 1.89 -11.78
N THR B 107 4.68 1.03 -11.90
CA THR B 107 3.42 1.24 -12.60
C THR B 107 2.81 2.64 -12.47
N GLU B 108 2.29 3.00 -11.27
CA GLU B 108 1.64 4.29 -10.99
C GLU B 108 2.55 5.52 -11.01
N GLY B 109 3.72 5.42 -10.42
CA GLY B 109 4.71 6.49 -10.39
C GLY B 109 5.13 6.99 -11.76
N ALA B 110 5.57 6.05 -12.65
CA ALA B 110 5.98 6.27 -14.05
C ALA B 110 5.01 7.20 -14.83
N GLU B 111 3.71 7.00 -14.57
CA GLU B 111 2.63 7.74 -15.15
C GLU B 111 2.64 9.22 -14.73
N LEU B 112 3.15 9.54 -13.54
CA LEU B 112 3.21 10.93 -13.11
C LEU B 112 4.66 11.53 -13.09
N VAL B 113 5.70 10.67 -13.16
CA VAL B 113 7.10 11.08 -13.09
C VAL B 113 7.48 12.16 -14.08
N ASP B 114 7.44 11.85 -15.38
CA ASP B 114 7.76 12.69 -16.54
C ASP B 114 7.12 14.06 -16.35
N SER B 115 5.83 14.07 -15.98
CA SER B 115 4.95 15.20 -15.71
C SER B 115 5.50 16.07 -14.56
N VAL B 116 5.99 15.41 -13.48
CA VAL B 116 6.59 16.08 -12.31
C VAL B 116 7.95 16.69 -12.74
N LEU B 117 8.84 15.86 -13.34
CA LEU B 117 10.18 16.22 -13.84
C LEU B 117 10.21 17.51 -14.64
N ASP B 118 9.10 17.81 -15.38
CA ASP B 118 8.92 19.02 -16.18
C ASP B 118 8.93 20.24 -15.28
N VAL B 119 8.25 20.15 -14.10
CA VAL B 119 8.20 21.21 -13.08
C VAL B 119 9.62 21.44 -12.55
N VAL B 120 10.37 20.36 -12.29
CA VAL B 120 11.75 20.51 -11.82
C VAL B 120 12.64 21.10 -12.93
N ARG B 121 12.45 20.66 -14.19
CA ARG B 121 13.18 21.20 -15.36
C ARG B 121 12.98 22.73 -15.35
N LYS B 122 11.69 23.18 -15.38
CA LYS B 122 11.24 24.58 -15.32
C LYS B 122 11.82 25.30 -14.09
N GLU B 123 11.46 24.84 -12.87
CA GLU B 123 11.92 25.45 -11.63
C GLU B 123 13.45 25.58 -11.49
N SER B 124 14.22 24.73 -12.23
CA SER B 124 15.69 24.74 -12.26
C SER B 124 16.21 25.83 -13.19
N GLU B 125 15.38 26.27 -14.17
CA GLU B 125 15.73 27.33 -15.12
C GLU B 125 15.87 28.69 -14.43
N SER B 126 14.88 29.05 -13.57
CA SER B 126 14.77 30.28 -12.76
C SER B 126 16.03 30.64 -11.92
N CYS B 127 16.89 29.62 -11.62
CA CYS B 127 18.10 29.69 -10.78
C CYS B 127 19.39 29.98 -11.57
N ASP B 128 20.22 30.94 -11.07
CA ASP B 128 21.51 31.33 -11.67
C ASP B 128 22.47 30.14 -11.61
N CYS B 129 22.67 29.59 -10.38
CA CYS B 129 23.46 28.40 -10.08
C CYS B 129 22.81 27.67 -8.90
N LEU B 130 22.17 26.51 -9.20
CA LEU B 130 21.56 25.67 -8.19
C LEU B 130 22.60 24.88 -7.39
N GLN B 131 22.31 24.65 -6.09
CA GLN B 131 23.10 23.88 -5.11
C GLN B 131 22.81 22.44 -5.39
N GLY B 132 21.52 22.14 -5.31
CA GLY B 132 20.97 20.82 -5.50
C GLY B 132 19.51 20.72 -5.10
N PHE B 133 19.15 19.50 -4.69
CA PHE B 133 17.79 19.09 -4.38
C PHE B 133 17.59 18.55 -2.95
N GLN B 134 16.37 18.80 -2.46
CA GLN B 134 15.82 18.42 -1.16
C GLN B 134 14.54 17.63 -1.37
N LEU B 135 14.54 16.33 -0.96
CA LEU B 135 13.33 15.49 -1.02
C LEU B 135 12.88 15.07 0.37
N THR B 136 11.64 15.45 0.73
CA THR B 136 11.05 15.08 2.01
C THR B 136 10.08 13.96 1.72
N HIS B 137 10.25 12.79 2.42
CA HIS B 137 9.38 11.64 2.22
C HIS B 137 9.46 10.53 3.29
N SER B 138 8.40 9.70 3.34
CA SER B 138 8.22 8.51 4.17
C SER B 138 8.98 7.35 3.54
N LEU B 139 9.51 6.45 4.36
CA LEU B 139 10.20 5.28 3.80
C LEU B 139 9.36 3.97 3.81
N GLY B 140 8.18 3.96 4.45
CA GLY B 140 7.29 2.81 4.49
C GLY B 140 6.03 2.84 3.61
N GLY B 141 5.76 3.97 2.95
CA GLY B 141 4.59 4.18 2.09
C GLY B 141 4.65 3.63 0.68
N GLY B 142 4.37 4.49 -0.30
CA GLY B 142 4.36 4.12 -1.71
C GLY B 142 4.66 5.29 -2.64
N THR B 143 3.92 6.41 -2.47
CA THR B 143 4.17 7.63 -3.24
C THR B 143 5.56 8.10 -2.77
N GLY B 144 5.64 8.50 -1.50
CA GLY B 144 6.87 8.92 -0.83
C GLY B 144 7.97 7.89 -0.96
N SER B 145 7.75 6.70 -0.39
CA SER B 145 8.70 5.58 -0.41
C SER B 145 9.20 5.11 -1.81
N GLY B 146 8.28 4.87 -2.75
CA GLY B 146 8.55 4.38 -4.09
C GLY B 146 8.77 5.42 -5.17
N MET B 147 7.83 6.37 -5.31
CA MET B 147 7.96 7.44 -6.34
C MET B 147 9.09 8.43 -6.06
N GLY B 148 9.27 8.80 -4.79
CA GLY B 148 10.33 9.67 -4.31
C GLY B 148 11.68 9.10 -4.71
N THR B 149 11.92 7.81 -4.42
CA THR B 149 13.15 7.12 -4.84
C THR B 149 13.23 7.00 -6.37
N LEU B 150 12.07 6.84 -7.06
CA LEU B 150 12.01 6.82 -8.53
C LEU B 150 12.50 8.16 -9.12
N LEU B 151 11.88 9.26 -8.62
CA LEU B 151 12.12 10.67 -8.90
C LEU B 151 13.57 11.04 -8.64
N ILE B 152 14.17 10.49 -7.56
CA ILE B 152 15.57 10.69 -7.21
C ILE B 152 16.44 10.16 -8.37
N SER B 153 16.29 8.86 -8.72
CA SER B 153 16.98 8.18 -9.82
C SER B 153 16.81 8.94 -11.13
N LYS B 154 15.60 9.46 -11.39
CA LYS B 154 15.30 10.24 -12.59
C LYS B 154 16.10 11.53 -12.61
N ILE B 155 16.09 12.27 -11.46
CA ILE B 155 16.79 13.55 -11.25
C ILE B 155 18.29 13.41 -11.33
N ARG B 156 18.86 12.40 -10.64
CA ARG B 156 20.29 12.05 -10.64
C ARG B 156 20.78 11.92 -12.10
N GLU B 157 20.01 11.23 -12.95
CA GLU B 157 20.25 11.05 -14.38
C GLU B 157 20.30 12.41 -15.12
N GLU B 158 19.29 13.30 -14.89
CA GLU B 158 19.11 14.64 -15.46
C GLU B 158 20.15 15.68 -14.96
N TYR B 159 20.45 15.71 -13.63
CA TYR B 159 21.38 16.65 -12.98
C TYR B 159 22.47 15.90 -12.22
N PRO B 160 23.40 15.20 -12.90
CA PRO B 160 24.42 14.42 -12.17
C PRO B 160 25.37 15.19 -11.25
N ASP B 161 25.73 16.42 -11.65
CA ASP B 161 26.62 17.35 -10.93
C ASP B 161 25.95 17.97 -9.68
N ARG B 162 24.59 17.99 -9.65
CA ARG B 162 23.81 18.53 -8.54
C ARG B 162 23.74 17.55 -7.40
N ILE B 163 23.66 18.07 -6.15
CA ILE B 163 23.64 17.26 -4.93
C ILE B 163 22.26 16.86 -4.41
N MET B 164 22.07 15.53 -4.15
CA MET B 164 20.83 14.92 -3.64
C MET B 164 20.74 14.75 -2.10
N ASN B 165 20.00 15.70 -1.51
CA ASN B 165 19.74 15.78 -0.08
C ASN B 165 18.29 15.36 0.16
N THR B 166 18.08 14.45 1.13
CA THR B 166 16.77 13.95 1.52
C THR B 166 16.53 14.01 3.01
N PHE B 167 15.28 14.30 3.35
CA PHE B 167 14.75 14.23 4.70
C PHE B 167 13.79 13.03 4.69
N SER B 168 14.41 11.83 4.81
CA SER B 168 13.81 10.50 4.74
C SER B 168 13.35 9.98 6.09
N VAL B 169 12.01 9.85 6.29
CA VAL B 169 11.39 9.38 7.52
C VAL B 169 11.30 7.85 7.60
N MET B 170 12.12 7.25 8.49
CA MET B 170 12.20 5.81 8.75
C MET B 170 10.91 5.32 9.41
N PRO B 171 10.33 4.17 8.98
CA PRO B 171 9.09 3.71 9.60
C PRO B 171 9.35 2.99 10.93
N SER B 172 8.27 2.53 11.60
CA SER B 172 8.35 1.79 12.87
C SER B 172 7.01 1.14 13.17
N PRO B 173 6.97 -0.01 13.89
CA PRO B 173 5.67 -0.61 14.23
C PRO B 173 4.87 0.14 15.31
N LYS B 174 5.52 1.07 16.04
CA LYS B 174 4.96 1.90 17.13
C LYS B 174 4.08 2.97 16.57
N VAL B 175 4.29 3.28 15.32
CA VAL B 175 3.55 4.28 14.57
C VAL B 175 3.40 3.77 13.14
N SER B 176 2.24 3.16 12.87
CA SER B 176 1.75 2.58 11.60
C SER B 176 1.65 1.08 11.65
N ASP B 177 0.42 0.62 11.45
CA ASP B 177 0.03 -0.78 11.51
C ASP B 177 0.19 -1.55 10.17
N THR B 178 0.58 -0.83 9.07
CA THR B 178 0.79 -1.40 7.73
C THR B 178 1.88 -2.42 7.74
N VAL B 179 1.48 -3.65 7.61
CA VAL B 179 2.31 -4.85 7.65
C VAL B 179 3.47 -4.81 6.67
N VAL B 180 3.21 -4.27 5.49
CA VAL B 180 4.13 -4.21 4.36
C VAL B 180 5.37 -3.28 4.48
N GLU B 181 5.31 -2.26 5.38
CA GLU B 181 6.33 -1.25 5.68
C GLU B 181 7.82 -1.65 5.64
N PRO B 182 8.27 -2.76 6.27
CA PRO B 182 9.69 -3.14 6.15
C PRO B 182 10.10 -3.52 4.71
N TYR B 183 9.12 -3.83 3.81
CA TYR B 183 9.39 -4.15 2.41
C TYR B 183 9.73 -2.86 1.69
N ASN B 184 8.83 -1.86 1.72
CA ASN B 184 9.03 -0.55 1.07
C ASN B 184 10.35 0.08 1.56
N ALA B 185 10.50 0.19 2.90
CA ALA B 185 11.64 0.75 3.63
C ALA B 185 12.93 0.27 3.07
N THR B 186 13.14 -1.08 3.07
CA THR B 186 14.33 -1.77 2.54
C THR B 186 14.58 -1.39 1.07
N LEU B 187 13.52 -1.59 0.22
CA LEU B 187 13.56 -1.30 -1.19
C LEU B 187 14.03 0.13 -1.41
N SER B 188 13.38 1.12 -0.72
CA SER B 188 13.76 2.54 -0.73
C SER B 188 15.15 2.83 -0.09
N VAL B 189 15.54 2.13 1.01
CA VAL B 189 16.87 2.35 1.59
C VAL B 189 17.94 2.06 0.54
N HIS B 190 17.81 0.92 -0.15
CA HIS B 190 18.67 0.43 -1.22
C HIS B 190 18.97 1.49 -2.30
N GLN B 191 17.93 2.26 -2.66
CA GLN B 191 17.96 3.34 -3.65
C GLN B 191 18.65 4.57 -3.11
N LEU B 192 18.58 4.81 -1.80
CA LEU B 192 19.24 5.97 -1.18
C LEU B 192 20.75 5.79 -1.03
N VAL B 193 21.15 4.57 -0.59
CA VAL B 193 22.52 4.08 -0.40
C VAL B 193 23.35 4.35 -1.67
N GLU B 194 22.68 4.22 -2.84
CA GLU B 194 23.26 4.37 -4.16
C GLU B 194 23.00 5.73 -4.88
N ASN B 195 21.93 6.48 -4.48
CA ASN B 195 21.57 7.70 -5.19
C ASN B 195 21.65 9.02 -4.48
N THR B 196 21.40 9.10 -3.19
CA THR B 196 21.48 10.42 -2.55
C THR B 196 22.88 10.68 -2.04
N ASP B 197 23.27 11.96 -1.83
CA ASP B 197 24.61 12.36 -1.35
C ASP B 197 24.70 12.49 0.16
N GLU B 198 23.64 13.05 0.78
CA GLU B 198 23.43 13.17 2.23
C GLU B 198 21.98 12.79 2.45
N THR B 199 21.68 11.97 3.49
CA THR B 199 20.29 11.58 3.83
C THR B 199 20.07 11.78 5.32
N TYR B 200 19.02 12.51 5.69
CA TYR B 200 18.71 12.72 7.10
C TYR B 200 17.72 11.65 7.58
N SER B 201 18.21 10.72 8.43
CA SER B 201 17.45 9.58 8.97
C SER B 201 16.54 10.00 10.15
N ILE B 202 15.23 10.07 9.88
CA ILE B 202 14.18 10.46 10.83
C ILE B 202 13.39 9.20 11.27
N ASP B 203 13.83 8.55 12.36
CA ASP B 203 13.12 7.38 12.85
C ASP B 203 11.86 7.77 13.61
N ASN B 204 10.71 7.26 13.14
CA ASN B 204 9.38 7.41 13.74
C ASN B 204 9.32 6.71 15.11
N GLU B 205 10.13 5.63 15.28
CA GLU B 205 10.26 4.89 16.54
C GLU B 205 10.61 5.97 17.55
N ALA B 206 11.79 6.66 17.33
CA ALA B 206 12.36 7.74 18.14
C ALA B 206 11.45 8.97 18.31
N LEU B 207 10.72 9.39 17.25
CA LEU B 207 9.82 10.54 17.37
C LEU B 207 8.66 10.20 18.28
N TYR B 208 8.12 8.96 18.18
CA TYR B 208 7.02 8.51 19.04
C TYR B 208 7.51 8.38 20.49
N ASP B 209 8.73 7.85 20.66
CA ASP B 209 9.38 7.67 21.95
C ASP B 209 9.62 9.03 22.61
N ILE B 210 10.13 10.03 21.85
CA ILE B 210 10.33 11.41 22.35
C ILE B 210 8.99 11.98 22.84
N CYS B 211 7.96 12.00 21.96
CA CYS B 211 6.62 12.46 22.27
C CYS B 211 6.11 11.82 23.55
N PHE B 212 6.31 10.50 23.67
CA PHE B 212 5.86 9.74 24.82
C PHE B 212 6.63 9.93 26.11
N ARG B 213 7.72 9.16 26.30
CA ARG B 213 8.56 9.16 27.51
C ARG B 213 8.98 10.57 27.94
N THR B 214 9.60 11.31 27.01
CA THR B 214 10.20 12.64 27.18
C THR B 214 9.19 13.81 27.20
N LEU B 215 8.31 13.94 26.20
CA LEU B 215 7.36 15.06 26.14
C LEU B 215 6.09 14.87 26.97
N LYS B 216 5.93 13.66 27.57
CA LYS B 216 4.80 13.24 28.42
C LYS B 216 3.42 13.30 27.70
N LEU B 217 3.42 13.23 26.33
CA LEU B 217 2.23 13.25 25.48
C LEU B 217 1.66 11.85 25.39
N THR B 218 0.50 11.62 26.07
CA THR B 218 -0.21 10.34 26.21
C THR B 218 -0.75 9.82 24.87
N THR B 219 -1.25 10.74 24.04
CA THR B 219 -1.73 10.42 22.70
C THR B 219 -0.91 11.22 21.68
N PRO B 220 0.26 10.69 21.26
CA PRO B 220 1.07 11.39 20.26
C PRO B 220 0.36 11.35 18.89
N THR B 221 0.11 12.53 18.32
CA THR B 221 -0.52 12.69 17.02
C THR B 221 0.57 13.09 16.03
N TYR B 222 0.32 13.05 14.70
CA TYR B 222 1.34 13.41 13.71
C TYR B 222 1.79 14.83 13.86
N GLY B 223 0.87 15.73 14.23
CA GLY B 223 1.15 17.15 14.49
C GLY B 223 2.27 17.38 15.48
N ASP B 224 2.37 16.48 16.51
CA ASP B 224 3.39 16.48 17.56
C ASP B 224 4.73 15.87 17.07
N LEU B 225 4.62 14.77 16.31
CA LEU B 225 5.75 14.03 15.72
C LEU B 225 6.39 14.89 14.62
N ASN B 226 5.55 15.68 13.90
CA ASN B 226 5.93 16.59 12.82
C ASN B 226 6.47 17.92 13.33
N HIS B 227 6.00 18.38 14.52
CA HIS B 227 6.47 19.59 15.19
C HIS B 227 7.96 19.44 15.53
N LEU B 228 8.37 18.21 15.91
CA LEU B 228 9.76 17.83 16.21
C LEU B 228 10.61 17.88 14.94
N VAL B 229 10.04 17.46 13.79
CA VAL B 229 10.74 17.40 12.50
C VAL B 229 11.02 18.79 11.91
N SER B 230 10.00 19.66 11.88
CA SER B 230 10.14 21.04 11.39
C SER B 230 11.29 21.77 12.15
N ALA B 231 11.39 21.53 13.48
CA ALA B 231 12.43 22.08 14.34
C ALA B 231 13.76 21.62 13.80
N THR B 232 13.99 20.28 13.69
CA THR B 232 15.22 19.69 13.14
C THR B 232 15.51 20.04 11.66
N MET B 233 14.47 20.49 10.89
CA MET B 233 14.67 20.91 9.50
C MET B 233 15.23 22.32 9.47
N SER B 234 14.48 23.32 10.01
CA SER B 234 14.90 24.74 10.14
C SER B 234 16.19 24.86 10.97
N GLY B 235 16.45 23.83 11.75
CA GLY B 235 17.61 23.70 12.62
C GLY B 235 18.86 23.38 11.82
N VAL B 236 18.80 22.35 10.94
CA VAL B 236 19.96 21.98 10.10
C VAL B 236 20.11 22.91 8.88
N THR B 237 19.03 23.64 8.53
CA THR B 237 19.03 24.58 7.42
C THR B 237 19.17 26.03 7.88
N THR B 238 19.83 26.21 9.04
CA THR B 238 20.16 27.52 9.62
C THR B 238 21.35 28.02 8.84
N CYS B 239 22.27 27.11 8.48
CA CYS B 239 23.47 27.47 7.72
C CYS B 239 23.19 27.92 6.29
N LEU B 240 22.19 27.33 5.61
CA LEU B 240 21.80 27.67 4.23
C LEU B 240 21.02 28.96 4.14
N ARG B 241 20.09 29.21 5.09
CA ARG B 241 19.24 30.40 5.13
C ARG B 241 19.87 31.58 5.89
N PHE B 242 20.86 31.32 6.76
CA PHE B 242 21.41 32.40 7.56
C PHE B 242 22.87 32.80 7.39
N PRO B 243 23.08 34.11 7.07
CA PRO B 243 24.45 34.64 6.93
C PRO B 243 25.22 34.81 8.25
N GLY B 244 26.46 34.35 8.22
CA GLY B 244 27.42 34.38 9.33
C GLY B 244 28.80 34.03 8.81
N GLN B 245 29.68 33.43 9.66
CA GLN B 245 31.02 32.99 9.21
C GLN B 245 30.87 31.77 8.26
N LEU B 246 29.62 31.23 8.16
CA LEU B 246 29.17 30.16 7.29
C LEU B 246 27.98 30.73 6.44
N ASN B 247 28.12 30.99 5.11
CA ASN B 247 29.25 30.82 4.16
C ASN B 247 29.56 29.37 3.72
N ALA B 248 28.47 28.56 3.55
CA ALA B 248 28.56 27.15 3.15
C ALA B 248 27.45 26.72 2.21
N ASP B 249 27.59 25.50 1.65
CA ASP B 249 26.62 24.90 0.76
C ASP B 249 26.42 23.41 1.01
N LEU B 250 25.47 22.82 0.28
CA LEU B 250 25.08 21.42 0.28
C LEU B 250 26.26 20.48 0.04
N ARG B 251 27.12 20.83 -0.96
CA ARG B 251 28.35 20.10 -1.37
C ARG B 251 29.50 20.26 -0.39
N LYS B 252 29.63 21.47 0.25
CA LYS B 252 30.66 21.72 1.27
C LYS B 252 30.32 20.83 2.49
N LEU B 253 29.00 20.82 2.90
CA LEU B 253 28.48 20.01 4.00
C LEU B 253 28.75 18.53 3.74
N ALA B 254 28.39 18.05 2.53
CA ALA B 254 28.56 16.68 2.04
C ALA B 254 30.03 16.29 2.06
N VAL B 255 30.92 17.12 1.46
CA VAL B 255 32.36 16.87 1.46
C VAL B 255 32.85 16.63 2.88
N ASN B 256 32.52 17.54 3.80
CA ASN B 256 32.94 17.47 5.19
C ASN B 256 32.24 16.42 6.09
N MET B 257 30.99 16.11 5.79
CA MET B 257 30.29 15.14 6.62
C MET B 257 30.56 13.73 6.20
N VAL B 258 30.48 13.44 4.88
CA VAL B 258 30.61 12.10 4.30
C VAL B 258 32.07 11.70 4.00
N PRO B 259 32.66 10.77 4.83
CA PRO B 259 34.07 10.37 4.62
C PRO B 259 34.27 9.28 3.56
N PHE B 260 33.26 8.39 3.43
CA PHE B 260 33.16 7.26 2.51
C PHE B 260 31.80 7.40 1.86
N PRO B 261 31.66 7.08 0.54
CA PRO B 261 30.40 7.37 -0.17
C PRO B 261 29.08 6.96 0.47
N ARG B 262 28.83 5.62 0.59
CA ARG B 262 27.64 4.94 1.10
C ARG B 262 27.30 5.29 2.56
N LEU B 263 28.31 5.62 3.36
CA LEU B 263 28.13 6.01 4.76
C LEU B 263 27.77 7.49 4.76
N HIS B 264 26.50 7.81 4.44
CA HIS B 264 26.03 9.18 4.31
C HIS B 264 24.65 9.42 4.94
N PHE B 265 24.31 8.56 5.91
CA PHE B 265 23.02 8.63 6.61
C PHE B 265 23.29 9.30 7.93
N PHE B 266 22.45 10.27 8.27
CA PHE B 266 22.71 11.12 9.41
C PHE B 266 21.73 10.98 10.48
N MET B 267 22.20 11.20 11.71
CA MET B 267 21.44 11.07 12.93
C MET B 267 21.08 12.47 13.48
N PRO B 268 19.89 13.03 13.12
CA PRO B 268 19.54 14.36 13.59
C PRO B 268 19.26 14.40 15.07
N GLY B 269 19.66 15.51 15.68
CA GLY B 269 19.50 15.78 17.09
C GLY B 269 19.02 17.18 17.32
N PHE B 270 18.37 17.41 18.47
CA PHE B 270 17.84 18.71 18.82
C PHE B 270 17.84 18.94 20.32
N ALA B 271 18.10 20.18 20.72
CA ALA B 271 18.07 20.61 22.12
C ALA B 271 17.60 22.08 22.12
N PRO B 272 16.51 22.45 22.84
CA PRO B 272 15.67 21.64 23.72
C PRO B 272 14.48 21.00 23.00
N LEU B 273 14.09 19.80 23.49
CA LEU B 273 12.96 19.07 22.93
C LEU B 273 11.70 19.72 23.50
N THR B 274 11.19 20.75 22.78
CA THR B 274 10.03 21.53 23.19
C THR B 274 8.73 20.81 22.93
N SER B 275 7.66 21.24 23.64
CA SER B 275 6.31 20.71 23.52
C SER B 275 5.52 21.57 22.55
N ARG B 276 4.71 20.92 21.67
CA ARG B 276 3.83 21.53 20.67
C ARG B 276 2.77 22.32 21.45
N GLY B 277 3.03 23.62 21.62
CA GLY B 277 2.19 24.54 22.37
C GLY B 277 2.85 25.10 23.62
N SER B 278 2.42 24.59 24.81
CA SER B 278 2.90 24.98 26.14
C SER B 278 4.39 24.67 26.40
N GLN B 279 5.12 25.50 27.19
CA GLN B 279 4.70 26.75 27.84
C GLN B 279 5.75 27.88 27.64
N GLN B 280 6.95 27.51 27.10
CA GLN B 280 8.09 28.38 26.76
C GLN B 280 8.92 28.99 27.91
N TYR B 281 8.40 28.97 29.15
CA TYR B 281 9.04 29.52 30.37
C TYR B 281 10.37 28.82 30.73
N ARG B 282 11.33 29.60 31.30
CA ARG B 282 12.67 29.17 31.74
C ARG B 282 13.63 28.70 30.62
N ALA B 283 14.70 29.49 30.38
CA ALA B 283 15.74 29.26 29.38
C ALA B 283 16.82 28.24 29.83
N LEU B 284 17.69 27.81 28.89
CA LEU B 284 18.78 26.84 29.12
C LEU B 284 20.13 27.50 29.17
N THR B 285 21.07 26.87 29.91
CA THR B 285 22.45 27.30 29.98
C THR B 285 23.21 26.58 28.86
N VAL B 286 24.43 27.04 28.56
CA VAL B 286 25.23 26.42 27.51
C VAL B 286 25.49 24.94 27.83
N PRO B 287 26.12 24.56 28.98
CA PRO B 287 26.32 23.12 29.26
C PRO B 287 25.07 22.26 29.15
N GLU B 288 23.90 22.76 29.62
CA GLU B 288 22.61 22.07 29.53
C GLU B 288 22.28 21.77 28.06
N LEU B 289 22.45 22.78 27.17
CA LEU B 289 22.18 22.72 25.74
C LEU B 289 23.14 21.80 24.97
N THR B 290 24.39 21.69 25.42
CA THR B 290 25.35 20.83 24.72
C THR B 290 25.13 19.34 24.97
N GLN B 291 25.27 18.91 26.25
CA GLN B 291 25.12 17.51 26.69
C GLN B 291 23.76 16.85 26.43
N GLN B 292 22.69 17.66 26.33
CA GLN B 292 21.34 17.20 26.04
C GLN B 292 21.37 16.65 24.62
N MET B 293 21.79 17.52 23.70
CA MET B 293 21.96 17.32 22.27
C MET B 293 22.83 16.10 21.89
N PHE B 294 23.85 15.81 22.69
CA PHE B 294 24.76 14.69 22.48
C PHE B 294 24.23 13.38 23.03
N ASP B 295 23.28 13.46 23.97
CA ASP B 295 22.60 12.34 24.63
C ASP B 295 21.43 11.80 23.79
N SER B 296 21.45 10.46 23.53
CA SER B 296 20.53 9.61 22.77
C SER B 296 19.02 9.94 22.90
N LYS B 297 18.63 10.51 24.04
CA LYS B 297 17.27 10.93 24.39
C LYS B 297 16.78 12.12 23.54
N ASN B 298 17.71 12.76 22.81
CA ASN B 298 17.47 13.94 21.98
C ASN B 298 17.67 13.69 20.47
N MET B 299 17.80 12.40 20.05
CA MET B 299 18.01 11.99 18.64
C MET B 299 16.68 11.63 17.95
N MET B 300 16.45 12.19 16.73
CA MET B 300 15.29 11.93 15.88
C MET B 300 15.39 10.55 15.24
N ALA B 301 16.58 9.92 15.31
CA ALA B 301 16.87 8.58 14.83
C ALA B 301 17.03 7.69 16.06
N ALA B 302 16.46 6.47 16.04
CA ALA B 302 16.52 5.53 17.16
C ALA B 302 17.70 4.56 17.05
N CYS B 303 18.78 4.98 17.70
CA CYS B 303 20.09 4.35 17.79
C CYS B 303 20.73 4.86 19.09
N ASP B 304 21.87 4.26 19.48
CA ASP B 304 22.60 4.73 20.63
C ASP B 304 23.97 5.20 20.16
N PRO B 305 24.24 6.54 20.24
CA PRO B 305 25.54 7.07 19.84
C PRO B 305 26.73 6.40 20.53
N ARG B 306 26.45 5.82 21.73
CA ARG B 306 27.40 5.11 22.59
C ARG B 306 27.59 3.65 22.14
N HIS B 307 26.81 3.22 21.11
CA HIS B 307 26.96 1.88 20.54
C HIS B 307 27.94 1.85 19.41
N GLY B 308 28.00 2.96 18.68
CA GLY B 308 28.95 3.16 17.60
C GLY B 308 30.07 4.12 17.96
N ARG B 309 30.59 4.82 16.93
CA ARG B 309 31.65 5.82 16.96
C ARG B 309 31.30 6.83 15.87
N TYR B 310 31.19 8.15 16.21
CA TYR B 310 30.90 9.18 15.22
C TYR B 310 32.10 9.34 14.30
N LEU B 311 31.84 9.40 12.98
CA LEU B 311 32.91 9.61 11.99
C LEU B 311 33.16 11.14 11.94
N THR B 312 32.05 11.91 11.83
CA THR B 312 31.97 13.36 11.76
C THR B 312 30.72 13.84 12.53
N VAL B 313 30.75 15.04 13.11
CA VAL B 313 29.63 15.64 13.86
C VAL B 313 29.47 17.07 13.38
N ALA B 314 28.23 17.55 13.28
CA ALA B 314 27.92 18.94 12.97
C ALA B 314 26.94 19.43 14.03
N ALA B 315 27.04 20.70 14.43
CA ALA B 315 26.15 21.27 15.46
C ALA B 315 25.83 22.79 15.34
N VAL B 316 24.58 23.14 15.01
CA VAL B 316 24.22 24.55 14.87
C VAL B 316 23.53 25.13 16.11
N PHE B 317 24.30 25.78 16.98
CA PHE B 317 23.73 26.42 18.15
C PHE B 317 23.10 27.74 17.71
N ARG B 318 21.81 27.96 18.01
CA ARG B 318 21.12 29.22 17.69
C ARG B 318 20.98 30.06 18.97
N GLY B 319 20.32 31.21 18.88
CA GLY B 319 20.12 32.12 20.02
C GLY B 319 21.36 32.88 20.48
N ARG B 320 21.14 34.01 21.21
CA ARG B 320 22.22 34.86 21.75
C ARG B 320 22.94 34.11 22.89
N MET B 321 24.25 33.88 22.73
CA MET B 321 25.10 33.17 23.70
C MET B 321 26.57 33.67 23.58
N SER B 322 27.57 32.80 23.85
CA SER B 322 28.98 33.13 23.70
C SER B 322 29.75 31.91 23.25
N MET B 323 30.44 32.02 22.09
CA MET B 323 31.26 30.99 21.46
C MET B 323 32.33 30.45 22.39
N LYS B 324 32.69 31.24 23.42
CA LYS B 324 33.64 30.85 24.48
C LYS B 324 32.94 29.70 25.20
N GLU B 325 31.81 30.01 25.87
CA GLU B 325 30.96 29.05 26.58
C GLU B 325 30.76 27.75 25.76
N VAL B 326 30.25 27.89 24.52
CA VAL B 326 29.96 26.85 23.54
C VAL B 326 31.19 25.98 23.22
N ASP B 327 32.29 26.61 22.73
CA ASP B 327 33.54 25.94 22.39
C ASP B 327 34.16 25.26 23.61
N GLU B 328 33.98 25.86 24.81
CA GLU B 328 34.45 25.34 26.10
C GLU B 328 33.79 24.02 26.42
N GLN B 329 32.52 23.86 26.00
CA GLN B 329 31.78 22.62 26.26
C GLN B 329 32.03 21.53 25.22
N MET B 330 32.26 21.94 23.96
CA MET B 330 32.54 20.99 22.88
C MET B 330 33.86 20.27 23.11
N LEU B 331 34.88 21.01 23.59
CA LEU B 331 36.20 20.46 23.92
C LEU B 331 36.10 19.57 25.16
N ASN B 332 35.14 19.88 26.05
CA ASN B 332 34.86 19.17 27.30
C ASN B 332 34.29 17.77 26.99
N VAL B 333 33.26 17.71 26.10
CA VAL B 333 32.52 16.53 25.60
C VAL B 333 33.42 15.52 24.90
N GLN B 334 34.19 16.00 23.89
CA GLN B 334 35.11 15.21 23.07
C GLN B 334 36.21 14.63 23.94
N ASN B 335 36.60 15.36 25.00
CA ASN B 335 37.61 14.88 25.94
C ASN B 335 37.00 13.83 26.88
N LYS B 336 35.74 14.06 27.32
CA LYS B 336 34.99 13.16 28.20
C LYS B 336 34.58 11.86 27.50
N ASN B 337 33.96 11.96 26.31
CA ASN B 337 33.45 10.82 25.54
C ASN B 337 34.31 10.54 24.29
N SER B 338 35.64 10.52 24.49
CA SER B 338 36.67 10.33 23.45
C SER B 338 36.64 9.00 22.68
N SER B 339 36.05 7.94 23.26
CA SER B 339 35.94 6.60 22.62
C SER B 339 34.95 6.58 21.43
N TYR B 340 33.97 7.49 21.45
CA TYR B 340 32.89 7.54 20.47
C TYR B 340 33.09 8.51 19.32
N PHE B 341 34.32 9.01 19.12
CA PHE B 341 34.70 9.90 18.01
C PHE B 341 35.93 9.31 17.34
N VAL B 342 35.84 8.95 16.03
CA VAL B 342 36.96 8.34 15.31
C VAL B 342 38.24 9.18 15.24
N GLU B 343 39.26 8.75 15.99
CA GLU B 343 40.56 9.43 16.11
C GLU B 343 41.31 9.69 14.79
N TRP B 344 41.02 8.88 13.77
CA TRP B 344 41.61 8.93 12.43
C TRP B 344 40.97 9.94 11.42
N ILE B 345 40.18 10.94 11.92
CA ILE B 345 39.54 12.04 11.15
C ILE B 345 39.76 13.40 11.92
N PRO B 346 41.03 13.86 12.06
CA PRO B 346 41.29 15.08 12.86
C PRO B 346 40.30 16.21 12.83
N ASN B 347 39.94 16.68 14.03
CA ASN B 347 38.96 17.76 14.33
C ASN B 347 37.53 17.42 13.92
N ASN B 348 37.21 16.10 13.90
CA ASN B 348 35.93 15.42 13.56
C ASN B 348 34.59 16.00 14.07
N VAL B 349 34.60 17.15 14.79
CA VAL B 349 33.40 17.81 15.32
C VAL B 349 33.39 19.27 14.91
N LYS B 350 32.32 19.70 14.22
CA LYS B 350 32.18 21.09 13.82
C LYS B 350 31.02 21.80 14.49
N THR B 351 31.30 22.96 15.06
CA THR B 351 30.31 23.81 15.70
C THR B 351 29.96 24.96 14.75
N ALA B 352 28.77 25.52 14.95
CA ALA B 352 28.27 26.67 14.22
C ALA B 352 27.37 27.42 15.18
N VAL B 353 27.57 28.74 15.30
CA VAL B 353 26.76 29.57 16.19
C VAL B 353 26.06 30.67 15.37
N CYS B 354 24.74 30.71 15.41
CA CYS B 354 23.95 31.76 14.75
C CYS B 354 23.34 32.61 15.86
N ASP B 355 23.45 33.95 15.76
CA ASP B 355 22.86 34.80 16.79
C ASP B 355 21.42 35.23 16.52
N ILE B 356 20.61 34.23 16.14
CA ILE B 356 19.16 34.33 15.89
C ILE B 356 18.53 33.07 16.53
N PRO B 357 17.59 33.20 17.50
CA PRO B 357 16.96 32.00 18.05
C PRO B 357 15.77 31.60 17.18
N PRO B 358 15.22 30.36 17.28
CA PRO B 358 14.02 30.06 16.46
C PRO B 358 12.75 30.70 17.05
N ARG B 359 11.56 30.32 16.53
CA ARG B 359 10.29 30.84 17.03
C ARG B 359 10.03 30.41 18.48
N GLY B 360 9.72 31.39 19.33
CA GLY B 360 9.43 31.21 20.75
C GLY B 360 10.68 31.11 21.62
N LEU B 361 11.33 29.93 21.57
CA LEU B 361 12.53 29.60 22.35
C LEU B 361 13.74 30.44 22.00
N LYS B 362 14.38 30.99 23.06
CA LYS B 362 15.53 31.87 22.98
C LYS B 362 16.86 31.13 23.19
N MET B 363 17.08 30.10 22.33
CA MET B 363 18.22 29.16 22.19
C MET B 363 17.77 27.85 21.53
N SER B 364 18.71 27.18 20.82
CA SER B 364 18.50 25.93 20.09
C SER B 364 19.83 25.31 19.79
N ALA B 365 19.85 24.01 19.53
CA ALA B 365 21.10 23.30 19.23
C ALA B 365 20.81 22.08 18.39
N THR B 366 20.73 22.26 17.07
CA THR B 366 20.49 21.17 16.13
C THR B 366 21.78 20.34 15.86
N PHE B 367 21.63 19.02 15.81
CA PHE B 367 22.75 18.09 15.70
C PHE B 367 22.62 17.19 14.52
N ILE B 368 23.75 16.76 13.95
CA ILE B 368 23.84 15.81 12.83
C ILE B 368 25.10 15.06 13.15
N GLY B 369 25.05 13.76 13.11
CA GLY B 369 26.23 12.97 13.40
C GLY B 369 26.32 11.82 12.47
N ASN B 370 27.44 11.69 11.77
CA ASN B 370 27.65 10.54 10.91
C ASN B 370 28.29 9.46 11.80
N SER B 371 27.41 8.78 12.63
CA SER B 371 27.75 7.71 13.61
C SER B 371 27.55 6.36 12.97
N THR B 372 28.51 5.45 13.26
CA THR B 372 28.47 4.08 12.76
C THR B 372 27.32 3.34 13.39
N ALA B 373 26.80 3.85 14.56
CA ALA B 373 25.67 3.34 15.33
C ALA B 373 24.36 3.22 14.56
N ILE B 374 24.20 3.97 13.42
CA ILE B 374 23.01 3.92 12.55
C ILE B 374 22.72 2.52 11.98
N GLN B 375 23.76 1.65 11.89
CA GLN B 375 23.57 0.27 11.44
C GLN B 375 22.43 -0.44 12.25
N GLU B 376 22.19 0.00 13.55
CA GLU B 376 21.12 -0.46 14.45
C GLU B 376 19.74 -0.19 13.82
N LEU B 377 19.56 1.00 13.24
CA LEU B 377 18.33 1.43 12.54
C LEU B 377 18.11 0.51 11.32
N PHE B 378 19.20 0.10 10.63
CA PHE B 378 19.14 -0.79 9.45
C PHE B 378 18.93 -2.26 9.80
N LYS B 379 19.59 -2.78 10.84
CA LYS B 379 19.34 -4.15 11.31
C LYS B 379 17.82 -4.24 11.70
N ARG B 380 17.32 -3.22 12.45
CA ARG B 380 15.92 -3.04 12.87
C ARG B 380 14.96 -3.32 11.72
N ILE B 381 15.19 -2.68 10.55
CA ILE B 381 14.40 -2.86 9.31
C ILE B 381 14.67 -4.25 8.69
N SER B 382 15.96 -4.60 8.42
CA SER B 382 16.40 -5.87 7.81
C SER B 382 15.83 -7.07 8.50
N GLU B 383 15.71 -6.99 9.83
CA GLU B 383 15.13 -8.03 10.66
C GLU B 383 13.62 -8.15 10.37
N GLN B 384 12.87 -7.02 10.56
CA GLN B 384 11.44 -6.88 10.32
C GLN B 384 11.04 -7.42 8.95
N PHE B 385 11.89 -7.16 7.93
CA PHE B 385 11.78 -7.62 6.54
C PHE B 385 11.71 -9.14 6.52
N THR B 386 12.82 -9.79 6.95
CA THR B 386 13.03 -11.25 6.99
C THR B 386 11.90 -12.06 7.63
N ALA B 387 11.29 -11.51 8.69
CA ALA B 387 10.16 -12.14 9.36
C ALA B 387 9.20 -12.59 8.26
N MET B 388 8.71 -11.62 7.51
CA MET B 388 7.80 -11.79 6.39
C MET B 388 8.49 -12.56 5.27
N PHE B 389 9.73 -12.18 4.96
CA PHE B 389 10.45 -12.72 3.82
C PHE B 389 10.74 -14.20 3.79
N ARG B 390 11.26 -14.79 4.87
CA ARG B 390 11.55 -16.24 4.91
C ARG B 390 10.35 -17.12 4.49
N ARG B 391 9.14 -16.66 4.86
CA ARG B 391 7.85 -17.28 4.56
C ARG B 391 7.19 -16.64 3.30
N LYS B 392 7.86 -15.63 2.68
CA LYS B 392 7.43 -14.89 1.48
C LYS B 392 6.04 -14.24 1.66
N ALA B 393 5.71 -13.82 2.91
CA ALA B 393 4.46 -13.19 3.29
C ALA B 393 4.28 -11.81 2.67
N PHE B 394 3.07 -11.50 2.16
CA PHE B 394 2.66 -10.20 1.57
C PHE B 394 3.39 -9.80 0.29
N LEU B 395 4.16 -10.73 -0.27
CA LEU B 395 4.96 -10.54 -1.47
C LEU B 395 4.08 -10.47 -2.68
N HIS B 396 2.96 -11.23 -2.66
CA HIS B 396 2.01 -11.26 -3.75
C HIS B 396 1.64 -9.86 -4.30
N TRP B 397 1.52 -8.84 -3.40
CA TRP B 397 1.14 -7.47 -3.76
C TRP B 397 2.19 -6.82 -4.63
N TYR B 398 3.45 -7.21 -4.44
CA TYR B 398 4.61 -6.69 -5.14
C TYR B 398 4.86 -7.45 -6.42
N THR B 399 4.85 -8.81 -6.38
CA THR B 399 5.02 -9.67 -7.57
C THR B 399 3.91 -9.40 -8.60
N GLY B 400 2.73 -9.05 -8.10
CA GLY B 400 1.59 -8.66 -8.91
C GLY B 400 1.88 -7.40 -9.68
N GLU B 401 2.64 -6.43 -9.07
CA GLU B 401 3.04 -5.14 -9.70
C GLU B 401 4.06 -5.24 -10.84
N GLY B 402 4.70 -6.40 -10.97
CA GLY B 402 5.66 -6.68 -12.02
C GLY B 402 7.00 -7.15 -11.54
N MET B 403 7.30 -6.94 -10.24
CA MET B 403 8.58 -7.27 -9.61
C MET B 403 8.88 -8.78 -9.52
N ASP B 404 10.07 -9.11 -8.98
CA ASP B 404 10.56 -10.46 -8.73
C ASP B 404 11.18 -10.51 -7.34
N GLU B 405 11.16 -11.70 -6.71
CA GLU B 405 11.75 -11.93 -5.39
C GLU B 405 13.21 -11.47 -5.35
N MET B 406 13.90 -11.51 -6.51
CA MET B 406 15.29 -11.13 -6.71
C MET B 406 15.57 -9.70 -6.24
N GLU B 407 14.66 -8.78 -6.57
CA GLU B 407 14.72 -7.38 -6.13
C GLU B 407 14.66 -7.25 -4.61
N PHE B 408 13.96 -8.17 -3.93
CA PHE B 408 13.85 -8.18 -2.47
C PHE B 408 15.13 -8.73 -1.87
N THR B 409 15.66 -9.86 -2.44
CA THR B 409 16.90 -10.57 -2.08
C THR B 409 18.09 -9.59 -2.20
N GLU B 410 18.14 -8.85 -3.32
CA GLU B 410 19.15 -7.86 -3.63
C GLU B 410 19.08 -6.68 -2.69
N ALA B 411 17.89 -6.05 -2.56
CA ALA B 411 17.64 -4.86 -1.70
C ALA B 411 17.96 -5.07 -0.24
N GLU B 412 17.83 -6.32 0.23
CA GLU B 412 18.17 -6.66 1.61
C GLU B 412 19.67 -6.86 1.65
N SER B 413 20.22 -7.75 0.77
CA SER B 413 21.65 -8.04 0.68
C SER B 413 22.47 -6.77 0.60
N ASN B 414 21.98 -5.76 -0.14
CA ASN B 414 22.63 -4.47 -0.29
C ASN B 414 22.66 -3.71 1.06
N MET B 415 21.54 -3.73 1.82
CA MET B 415 21.44 -3.10 3.13
C MET B 415 22.23 -3.90 4.21
N ASN B 416 22.38 -5.22 3.99
CA ASN B 416 23.16 -6.06 4.88
C ASN B 416 24.64 -5.71 4.69
N ASP B 417 25.03 -5.39 3.45
CA ASP B 417 26.39 -4.97 3.11
C ASP B 417 26.67 -3.57 3.66
N LEU B 418 25.62 -2.73 3.83
CA LEU B 418 25.79 -1.39 4.39
C LEU B 418 26.13 -1.49 5.88
N VAL B 419 25.37 -2.33 6.61
CA VAL B 419 25.56 -2.62 8.03
C VAL B 419 26.98 -3.24 8.20
N SER B 420 27.36 -4.14 7.26
CA SER B 420 28.67 -4.79 7.20
C SER B 420 29.76 -3.73 7.02
N GLU B 421 29.47 -2.70 6.20
CA GLU B 421 30.38 -1.57 5.98
C GLU B 421 30.42 -0.62 7.19
N TYR B 422 29.24 -0.15 7.73
CA TYR B 422 29.18 0.75 8.90
C TYR B 422 29.99 0.18 10.05
N GLN B 423 30.00 -1.16 10.15
CA GLN B 423 30.75 -1.90 11.14
C GLN B 423 32.26 -1.71 10.94
N GLN B 424 32.82 -2.06 9.75
CA GLN B 424 34.25 -1.97 9.39
C GLN B 424 35.00 -0.82 10.08
N TYR B 425 34.37 0.38 10.07
CA TYR B 425 34.90 1.64 10.62
C TYR B 425 34.69 1.83 12.14
N GLN B 426 33.60 1.26 12.71
CA GLN B 426 33.24 1.28 14.14
C GLN B 426 34.32 0.64 14.99
N ASP B 427 34.99 -0.39 14.43
CA ASP B 427 36.06 -1.18 15.02
C ASP B 427 37.48 -0.64 14.70
N ALA B 428 37.65 0.02 13.53
CA ALA B 428 38.90 0.58 13.00
C ALA B 428 39.56 1.64 13.86
N THR B 429 40.92 1.60 13.90
CA THR B 429 41.81 2.49 14.66
C THR B 429 43.18 2.71 13.94
N ALA B 430 43.79 3.91 14.14
CA ALA B 430 45.06 4.33 13.57
C ALA B 430 46.21 3.34 13.82
N MET C 1 -14.90 9.71 -9.07
CA MET C 1 -13.74 8.83 -8.89
C MET C 1 -14.03 7.73 -7.89
N ARG C 2 -13.03 6.83 -7.67
CA ARG C 2 -12.98 5.70 -6.72
C ARG C 2 -14.27 4.86 -6.72
N GLU C 3 -14.87 4.71 -7.90
CA GLU C 3 -16.14 4.03 -8.11
C GLU C 3 -16.09 2.55 -7.91
N CYS C 4 -17.26 1.95 -7.56
CA CYS C 4 -17.43 0.52 -7.35
CA CYS C 4 -17.43 0.53 -7.33
C CYS C 4 -18.87 0.09 -7.56
N ILE C 5 -19.04 -0.96 -8.35
CA ILE C 5 -20.32 -1.56 -8.71
C ILE C 5 -20.61 -2.76 -7.80
N SER C 6 -21.88 -2.88 -7.32
CA SER C 6 -22.38 -3.99 -6.48
C SER C 6 -23.25 -4.92 -7.35
N ILE C 7 -22.91 -6.22 -7.43
CA ILE C 7 -23.68 -7.18 -8.25
C ILE C 7 -24.41 -8.24 -7.38
N HIS C 8 -25.76 -8.27 -7.44
CA HIS C 8 -26.61 -9.14 -6.61
C HIS C 8 -27.14 -10.39 -7.29
N VAL C 9 -26.75 -11.58 -6.79
CA VAL C 9 -27.09 -12.84 -7.46
C VAL C 9 -28.20 -13.71 -6.81
N GLY C 10 -29.44 -13.40 -7.16
CA GLY C 10 -30.66 -14.11 -6.79
C GLY C 10 -30.92 -14.39 -5.33
N GLN C 11 -32.19 -14.25 -4.94
CA GLN C 11 -32.71 -14.49 -3.59
C GLN C 11 -31.80 -13.88 -2.50
N ALA C 12 -30.91 -14.69 -1.91
CA ALA C 12 -29.99 -14.20 -0.89
C ALA C 12 -29.32 -12.88 -1.33
N GLY C 13 -28.67 -12.93 -2.49
CA GLY C 13 -27.96 -11.82 -3.12
C GLY C 13 -28.83 -10.60 -3.32
N VAL C 14 -30.01 -10.79 -3.89
CA VAL C 14 -30.95 -9.69 -4.10
C VAL C 14 -31.46 -9.13 -2.77
N GLN C 15 -32.14 -9.97 -1.96
CA GLN C 15 -32.70 -9.59 -0.67
C GLN C 15 -31.69 -8.87 0.21
N ILE C 16 -30.43 -9.39 0.29
CA ILE C 16 -29.37 -8.75 1.07
C ILE C 16 -29.09 -7.33 0.59
N GLY C 17 -28.97 -7.19 -0.74
CA GLY C 17 -28.67 -5.93 -1.43
C GLY C 17 -29.67 -4.87 -1.12
N ASN C 18 -30.96 -5.26 -1.02
CA ASN C 18 -32.07 -4.37 -0.70
C ASN C 18 -31.94 -3.84 0.69
N ALA C 19 -31.54 -4.70 1.64
CA ALA C 19 -31.31 -4.29 3.01
C ALA C 19 -30.14 -3.28 3.05
N CYS C 20 -29.10 -3.55 2.23
CA CYS C 20 -27.91 -2.73 2.08
C CYS C 20 -28.37 -1.41 1.58
N TRP C 21 -28.85 -1.36 0.32
CA TRP C 21 -29.30 -0.16 -0.39
C TRP C 21 -30.33 0.73 0.29
N GLU C 22 -31.23 0.15 1.10
CA GLU C 22 -32.20 0.92 1.88
C GLU C 22 -31.45 1.65 3.00
N LEU C 23 -30.52 0.96 3.66
CA LEU C 23 -29.67 1.50 4.71
C LEU C 23 -28.76 2.61 4.17
N TYR C 24 -28.29 2.46 2.91
CA TYR C 24 -27.44 3.44 2.23
C TYR C 24 -28.20 4.72 2.02
N CYS C 25 -29.42 4.64 1.48
CA CYS C 25 -30.34 5.76 1.32
C CYS C 25 -30.54 6.49 2.64
N LEU C 26 -30.56 5.75 3.76
CA LEU C 26 -30.76 6.36 5.07
C LEU C 26 -29.45 7.03 5.51
N GLU C 27 -28.31 6.31 5.37
CA GLU C 27 -26.96 6.75 5.71
C GLU C 27 -26.70 8.13 5.09
N HIS C 28 -26.92 8.25 3.78
CA HIS C 28 -26.70 9.49 3.03
C HIS C 28 -28.02 10.20 2.75
N GLY C 29 -28.88 10.25 3.78
CA GLY C 29 -30.20 10.90 3.77
C GLY C 29 -30.93 11.02 2.44
N ILE C 30 -30.79 10.00 1.57
CA ILE C 30 -31.41 9.87 0.25
C ILE C 30 -32.88 9.37 0.38
N GLN C 31 -33.75 9.86 -0.52
CA GLN C 31 -35.16 9.51 -0.58
C GLN C 31 -35.32 8.46 -1.70
N PRO C 32 -36.32 7.53 -1.56
CA PRO C 32 -36.48 6.44 -2.57
C PRO C 32 -36.80 6.79 -4.03
N ASP C 33 -36.53 8.04 -4.41
CA ASP C 33 -36.71 8.62 -5.74
C ASP C 33 -35.37 8.89 -6.42
N GLY C 34 -34.30 8.72 -5.64
CA GLY C 34 -32.91 8.98 -6.01
C GLY C 34 -32.44 10.34 -5.52
N GLN C 35 -33.40 11.22 -5.20
CA GLN C 35 -33.16 12.59 -4.72
C GLN C 35 -32.79 12.63 -3.23
N MET C 36 -32.01 13.65 -2.85
CA MET C 36 -31.56 13.91 -1.48
C MET C 36 -31.68 15.40 -1.10
N PRO C 37 -32.31 15.74 0.08
CA PRO C 37 -32.45 17.16 0.47
C PRO C 37 -31.15 17.94 0.69
N ASP C 46 -19.56 16.51 2.21
CA ASP C 46 -19.01 15.27 1.68
C ASP C 46 -19.66 14.85 0.35
N ASP C 47 -18.85 14.27 -0.56
CA ASP C 47 -19.22 13.79 -1.90
C ASP C 47 -18.83 12.31 -2.05
N SER C 48 -18.12 11.76 -1.03
CA SER C 48 -17.59 10.40 -0.98
C SER C 48 -18.58 9.28 -1.25
N PHE C 49 -19.90 9.56 -1.11
CA PHE C 49 -20.96 8.57 -1.40
C PHE C 49 -21.12 8.34 -2.90
N ASN C 50 -20.64 9.27 -3.74
CA ASN C 50 -20.72 9.11 -5.19
C ASN C 50 -19.86 7.93 -5.71
N THR C 51 -19.18 7.20 -4.78
CA THR C 51 -18.39 6.01 -5.09
C THR C 51 -19.34 4.81 -5.26
N PHE C 52 -20.61 4.98 -4.82
CA PHE C 52 -21.71 4.00 -4.85
C PHE C 52 -22.95 4.42 -5.62
N PHE C 53 -23.30 5.71 -5.58
CA PHE C 53 -24.45 6.26 -6.29
C PHE C 53 -23.90 7.13 -7.39
N SER C 54 -24.78 7.67 -8.22
CA SER C 54 -24.38 8.55 -9.31
C SER C 54 -25.49 9.54 -9.55
N GLU C 55 -25.15 10.84 -9.58
CA GLU C 55 -26.09 11.93 -9.78
C GLU C 55 -26.31 12.24 -11.27
N THR C 56 -27.60 12.42 -11.68
CA THR C 56 -27.97 12.80 -13.05
C THR C 56 -28.37 14.29 -13.07
N GLY C 57 -28.75 14.79 -14.26
CA GLY C 57 -29.17 16.18 -14.47
C GLY C 57 -30.23 16.64 -13.49
N ALA C 58 -31.27 15.81 -13.32
CA ALA C 58 -32.39 16.05 -12.39
C ALA C 58 -31.98 15.95 -10.89
N GLY C 59 -30.71 15.61 -10.63
CA GLY C 59 -30.20 15.44 -9.28
C GLY C 59 -30.60 14.09 -8.69
N LYS C 60 -30.80 13.08 -9.57
CA LYS C 60 -31.20 11.73 -9.18
C LYS C 60 -29.95 10.90 -8.95
N HIS C 61 -29.78 10.36 -7.72
CA HIS C 61 -28.63 9.56 -7.29
C HIS C 61 -28.85 8.04 -7.38
N VAL C 62 -28.75 7.49 -8.60
CA VAL C 62 -28.93 6.07 -8.89
C VAL C 62 -27.71 5.22 -8.44
N PRO C 63 -27.91 4.11 -7.68
CA PRO C 63 -26.77 3.28 -7.26
C PRO C 63 -26.03 2.57 -8.38
N ARG C 64 -24.69 2.47 -8.22
CA ARG C 64 -23.77 1.75 -9.09
C ARG C 64 -23.91 0.27 -8.67
N ALA C 65 -25.04 -0.37 -9.11
CA ALA C 65 -25.44 -1.75 -8.76
C ALA C 65 -26.24 -2.45 -9.85
N VAL C 66 -26.26 -3.80 -9.82
CA VAL C 66 -26.96 -4.71 -10.74
C VAL C 66 -27.65 -5.83 -9.94
N PHE C 67 -28.95 -6.01 -10.15
CA PHE C 67 -29.74 -7.05 -9.51
C PHE C 67 -30.05 -8.09 -10.58
N VAL C 68 -29.53 -9.29 -10.40
CA VAL C 68 -29.63 -10.39 -11.36
C VAL C 68 -30.27 -11.60 -10.67
N ASP C 69 -31.13 -12.36 -11.38
CA ASP C 69 -31.74 -13.61 -10.88
C ASP C 69 -32.20 -14.40 -12.07
N LEU C 70 -32.03 -15.73 -12.04
CA LEU C 70 -32.49 -16.57 -13.15
C LEU C 70 -34.03 -16.65 -13.33
N GLU C 71 -34.79 -16.38 -12.27
CA GLU C 71 -36.26 -16.37 -12.28
C GLU C 71 -36.80 -14.98 -11.84
N PRO C 72 -38.08 -14.63 -12.15
CA PRO C 72 -38.53 -13.26 -11.85
C PRO C 72 -38.89 -12.86 -10.42
N THR C 73 -39.64 -13.71 -9.71
CA THR C 73 -40.17 -13.46 -8.37
C THR C 73 -39.47 -12.45 -7.48
N VAL C 74 -38.21 -12.72 -7.04
CA VAL C 74 -37.50 -11.80 -6.15
C VAL C 74 -37.25 -10.41 -6.70
N ILE C 75 -36.87 -10.31 -7.99
CA ILE C 75 -36.61 -9.01 -8.62
C ILE C 75 -37.90 -8.24 -8.91
N ASP C 76 -39.01 -8.96 -9.04
CA ASP C 76 -40.32 -8.35 -9.24
C ASP C 76 -40.74 -7.61 -7.96
N GLU C 77 -40.36 -8.17 -6.78
CA GLU C 77 -40.67 -7.60 -5.47
C GLU C 77 -40.03 -6.25 -5.32
N VAL C 78 -38.92 -6.01 -6.05
CA VAL C 78 -38.15 -4.76 -6.08
C VAL C 78 -38.81 -3.79 -7.07
N ARG C 79 -39.25 -4.33 -8.23
CA ARG C 79 -39.87 -3.60 -9.32
C ARG C 79 -41.21 -2.97 -9.02
N THR C 80 -41.80 -3.36 -7.89
CA THR C 80 -43.09 -2.84 -7.40
C THR C 80 -42.91 -2.25 -5.99
N GLY C 81 -41.88 -2.72 -5.29
CA GLY C 81 -41.53 -2.32 -3.93
C GLY C 81 -41.33 -0.84 -3.68
N THR C 82 -41.21 -0.51 -2.37
CA THR C 82 -41.06 0.85 -1.79
C THR C 82 -39.98 1.79 -2.40
N TYR C 83 -39.12 1.25 -3.27
CA TYR C 83 -38.04 1.99 -3.91
C TYR C 83 -38.02 1.80 -5.44
N ARG C 84 -39.12 1.27 -6.05
CA ARG C 84 -39.24 0.97 -7.50
C ARG C 84 -38.50 1.95 -8.45
N GLN C 85 -38.51 3.25 -8.11
CA GLN C 85 -37.89 4.32 -8.89
C GLN C 85 -36.40 4.54 -8.61
N LEU C 86 -35.86 3.98 -7.51
CA LEU C 86 -34.44 4.10 -7.13
C LEU C 86 -33.45 3.49 -8.15
N PHE C 87 -33.94 2.65 -9.07
CA PHE C 87 -33.14 1.98 -10.09
C PHE C 87 -33.66 2.18 -11.53
N HIS C 88 -32.99 1.48 -12.47
CA HIS C 88 -33.30 1.42 -13.89
C HIS C 88 -33.92 0.07 -14.17
N PRO C 89 -34.88 -0.03 -15.11
CA PRO C 89 -35.43 -1.37 -15.44
C PRO C 89 -34.36 -2.24 -16.10
N GLU C 90 -33.28 -1.61 -16.64
CA GLU C 90 -32.19 -2.30 -17.30
C GLU C 90 -31.25 -2.87 -16.26
N GLN C 91 -30.97 -2.11 -15.18
CA GLN C 91 -30.05 -2.51 -14.11
C GLN C 91 -30.67 -3.57 -13.16
N LEU C 92 -31.91 -4.02 -13.45
CA LEU C 92 -32.66 -5.04 -12.71
C LEU C 92 -32.99 -6.16 -13.72
N ILE C 93 -32.04 -7.09 -13.88
CA ILE C 93 -32.06 -8.21 -14.84
C ILE C 93 -32.72 -9.47 -14.27
N THR C 94 -33.53 -10.18 -15.07
CA THR C 94 -34.20 -11.42 -14.65
C THR C 94 -34.36 -12.44 -15.76
N GLY C 95 -34.50 -13.69 -15.37
CA GLY C 95 -34.82 -14.75 -16.31
C GLY C 95 -36.28 -15.10 -16.15
N LYS C 96 -36.57 -16.41 -16.17
CA LYS C 96 -37.87 -17.04 -15.98
C LYS C 96 -37.59 -18.41 -15.39
N GLU C 97 -36.78 -19.21 -16.10
CA GLU C 97 -36.37 -20.53 -15.67
C GLU C 97 -35.31 -20.35 -14.55
N ASP C 98 -35.65 -20.81 -13.32
CA ASP C 98 -34.84 -20.79 -12.10
C ASP C 98 -33.63 -21.71 -12.25
N ALA C 99 -32.71 -21.61 -11.31
CA ALA C 99 -31.51 -22.44 -11.31
C ALA C 99 -31.72 -23.80 -10.65
N ALA C 100 -32.98 -24.07 -10.19
CA ALA C 100 -33.48 -25.31 -9.56
C ALA C 100 -32.58 -25.89 -8.45
N ASN C 101 -31.94 -24.98 -7.66
CA ASN C 101 -30.96 -25.23 -6.57
C ASN C 101 -29.79 -26.07 -7.08
N ASN C 102 -29.46 -25.87 -8.35
CA ASN C 102 -28.44 -26.61 -9.07
C ASN C 102 -27.46 -25.67 -9.70
N TYR C 103 -26.20 -25.82 -9.30
CA TYR C 103 -25.02 -25.07 -9.73
C TYR C 103 -24.88 -25.22 -11.26
N ALA C 104 -24.90 -26.50 -11.76
CA ALA C 104 -24.79 -26.91 -13.16
C ALA C 104 -25.75 -26.15 -14.10
N ARG C 105 -26.92 -25.70 -13.56
CA ARG C 105 -27.95 -24.89 -14.25
C ARG C 105 -27.54 -23.42 -14.17
N GLY C 106 -27.21 -22.98 -12.94
CA GLY C 106 -26.81 -21.62 -12.63
C GLY C 106 -25.59 -21.23 -13.44
N HIS C 107 -24.57 -22.11 -13.44
CA HIS C 107 -23.33 -21.90 -14.19
C HIS C 107 -23.52 -22.03 -15.67
N TYR C 108 -23.97 -23.22 -16.13
CA TYR C 108 -24.16 -23.53 -17.55
C TYR C 108 -25.60 -23.32 -18.08
N THR C 109 -26.32 -24.40 -18.40
CA THR C 109 -27.70 -24.41 -18.94
C THR C 109 -28.50 -23.12 -18.92
N ILE C 110 -28.91 -22.67 -17.73
CA ILE C 110 -29.72 -21.46 -17.62
C ILE C 110 -28.88 -20.17 -17.66
N GLY C 111 -27.79 -20.15 -16.89
CA GLY C 111 -26.87 -19.01 -16.77
C GLY C 111 -26.42 -18.38 -18.06
N LYS C 112 -25.98 -19.22 -19.04
CA LYS C 112 -25.49 -18.81 -20.36
C LYS C 112 -26.48 -17.95 -21.14
N GLU C 113 -27.76 -18.14 -20.86
CA GLU C 113 -28.84 -17.44 -21.50
C GLU C 113 -29.09 -16.04 -20.96
N ILE C 114 -28.20 -15.53 -20.11
CA ILE C 114 -28.36 -14.19 -19.53
C ILE C 114 -27.04 -13.45 -19.41
N ILE C 115 -25.97 -14.18 -19.07
CA ILE C 115 -24.62 -13.67 -18.84
C ILE C 115 -24.22 -12.49 -19.70
N ASP C 116 -24.38 -12.66 -21.02
CA ASP C 116 -24.02 -11.67 -22.03
C ASP C 116 -24.78 -10.38 -21.80
N LEU C 117 -26.10 -10.46 -21.57
CA LEU C 117 -26.93 -9.28 -21.27
C LEU C 117 -26.44 -8.64 -19.98
N VAL C 118 -26.18 -9.47 -18.96
CA VAL C 118 -25.75 -9.06 -17.63
C VAL C 118 -24.45 -8.23 -17.72
N LEU C 119 -23.39 -8.82 -18.28
CA LEU C 119 -22.10 -8.19 -18.44
C LEU C 119 -22.21 -6.83 -19.13
N ASP C 120 -23.26 -6.65 -19.92
CA ASP C 120 -23.49 -5.42 -20.64
C ASP C 120 -23.91 -4.29 -19.76
N ARG C 121 -24.84 -4.55 -18.81
CA ARG C 121 -25.25 -3.50 -17.85
C ARG C 121 -24.09 -3.12 -16.95
N ILE C 122 -23.22 -4.12 -16.68
CA ILE C 122 -21.99 -3.93 -15.92
C ILE C 122 -21.13 -2.98 -16.73
N ARG C 123 -20.88 -3.29 -18.04
CA ARG C 123 -20.11 -2.41 -18.95
C ARG C 123 -20.68 -0.99 -19.07
N LYS C 124 -22.04 -0.83 -19.12
CA LYS C 124 -22.75 0.46 -19.16
C LYS C 124 -22.61 1.18 -17.83
N LEU C 125 -22.48 0.44 -16.73
CA LEU C 125 -22.27 1.05 -15.42
C LEU C 125 -20.82 1.43 -15.28
N ALA C 126 -19.94 0.65 -15.96
CA ALA C 126 -18.49 0.78 -15.98
C ALA C 126 -18.10 2.02 -16.78
N ASP C 127 -18.89 2.39 -17.78
CA ASP C 127 -18.60 3.58 -18.55
C ASP C 127 -18.63 4.86 -17.73
N GLN C 128 -19.66 5.03 -16.89
CA GLN C 128 -19.79 6.20 -16.01
C GLN C 128 -18.77 6.19 -14.86
N CYS C 129 -17.74 5.34 -14.96
CA CYS C 129 -16.72 5.23 -13.93
C CYS C 129 -15.41 5.84 -14.31
N THR C 130 -15.17 7.05 -13.77
CA THR C 130 -13.96 7.88 -13.91
C THR C 130 -12.71 7.08 -13.54
N GLY C 131 -12.82 6.34 -12.43
CA GLY C 131 -11.79 5.49 -11.85
C GLY C 131 -12.38 4.39 -11.00
N LEU C 132 -12.70 3.25 -11.64
CA LEU C 132 -13.28 2.09 -10.98
C LEU C 132 -12.29 1.46 -10.07
N GLN C 133 -12.67 1.29 -8.79
CA GLN C 133 -11.87 0.67 -7.71
C GLN C 133 -11.93 -0.85 -7.85
N GLY C 134 -13.15 -1.36 -8.15
CA GLY C 134 -13.47 -2.78 -8.32
C GLY C 134 -14.95 -3.10 -8.28
N PHE C 135 -15.31 -4.36 -7.88
CA PHE C 135 -16.71 -4.85 -7.78
C PHE C 135 -17.01 -5.54 -6.42
N LEU C 136 -18.32 -5.54 -6.00
CA LEU C 136 -18.87 -6.21 -4.79
C LEU C 136 -19.96 -7.21 -5.18
N VAL C 137 -19.67 -8.50 -5.01
CA VAL C 137 -20.56 -9.60 -5.43
C VAL C 137 -21.33 -10.31 -4.28
N PHE C 138 -22.56 -9.86 -4.02
CA PHE C 138 -23.49 -10.41 -3.00
C PHE C 138 -24.23 -11.65 -3.52
N HIS C 139 -23.80 -12.82 -3.04
CA HIS C 139 -24.38 -14.05 -3.52
C HIS C 139 -24.63 -15.09 -2.41
N SER C 140 -25.41 -16.14 -2.74
CA SER C 140 -25.65 -17.27 -1.85
C SER C 140 -24.53 -18.33 -2.09
N PHE C 141 -24.34 -19.25 -1.13
CA PHE C 141 -23.34 -20.33 -1.27
C PHE C 141 -24.00 -21.59 -1.78
N GLY C 142 -25.24 -21.84 -1.34
CA GLY C 142 -25.97 -23.03 -1.75
C GLY C 142 -27.08 -22.88 -2.76
N GLY C 143 -27.37 -21.65 -3.18
CA GLY C 143 -28.44 -21.42 -4.15
C GLY C 143 -27.98 -21.77 -5.54
N GLY C 144 -28.89 -22.22 -6.41
CA GLY C 144 -28.51 -22.57 -7.77
C GLY C 144 -27.88 -21.38 -8.51
N THR C 145 -28.55 -20.22 -8.38
CA THR C 145 -28.16 -18.92 -8.95
C THR C 145 -26.94 -18.36 -8.19
N GLY C 146 -27.11 -18.15 -6.87
CA GLY C 146 -26.08 -17.65 -5.97
C GLY C 146 -24.75 -18.36 -6.14
N SER C 147 -24.77 -19.67 -6.51
CA SER C 147 -23.55 -20.47 -6.71
C SER C 147 -23.07 -20.49 -8.16
N GLY C 148 -23.84 -21.13 -9.05
CA GLY C 148 -23.52 -21.28 -10.46
C GLY C 148 -23.32 -19.97 -11.21
N PHE C 149 -24.35 -19.14 -11.20
CA PHE C 149 -24.29 -17.89 -11.91
C PHE C 149 -23.15 -17.00 -11.44
N THR C 150 -22.98 -16.88 -10.11
CA THR C 150 -21.93 -16.03 -9.54
C THR C 150 -20.59 -16.42 -10.10
N SER C 151 -20.22 -17.72 -10.02
CA SER C 151 -18.92 -18.19 -10.53
CA SER C 151 -18.94 -18.22 -10.54
C SER C 151 -18.73 -17.87 -12.02
N LEU C 152 -19.79 -18.08 -12.85
CA LEU C 152 -19.71 -17.77 -14.27
C LEU C 152 -19.34 -16.29 -14.49
N LEU C 153 -20.09 -15.37 -13.83
CA LEU C 153 -19.90 -13.91 -13.81
C LEU C 153 -18.52 -13.55 -13.24
N MET C 154 -18.10 -14.20 -12.13
CA MET C 154 -16.80 -13.92 -11.52
C MET C 154 -15.67 -14.29 -12.47
N GLU C 155 -15.82 -15.46 -13.19
CA GLU C 155 -14.86 -15.92 -14.22
C GLU C 155 -14.84 -14.91 -15.38
N ARG C 156 -16.03 -14.45 -15.80
CA ARG C 156 -16.17 -13.50 -16.90
C ARG C 156 -15.63 -12.08 -16.66
N LEU C 157 -15.61 -11.61 -15.41
CA LEU C 157 -15.09 -10.28 -15.04
C LEU C 157 -13.57 -10.35 -14.89
N SER C 158 -13.05 -11.56 -14.59
CA SER C 158 -11.61 -11.78 -14.50
C SER C 158 -11.04 -11.80 -15.93
N VAL C 159 -11.94 -11.95 -16.94
CA VAL C 159 -11.60 -11.88 -18.35
C VAL C 159 -11.76 -10.41 -18.68
N ASP C 160 -13.02 -9.94 -18.87
CA ASP C 160 -13.38 -8.57 -19.19
C ASP C 160 -12.65 -7.51 -18.40
N TYR C 161 -12.66 -7.57 -17.06
CA TYR C 161 -12.00 -6.53 -16.26
C TYR C 161 -10.71 -6.99 -15.67
N GLY C 162 -10.17 -8.08 -16.24
CA GLY C 162 -8.87 -8.63 -15.90
C GLY C 162 -8.58 -8.73 -14.43
N LYS C 163 -7.39 -8.28 -13.99
CA LYS C 163 -6.99 -8.33 -12.58
C LYS C 163 -7.63 -7.27 -11.59
N LYS C 164 -8.84 -6.73 -11.94
CA LYS C 164 -9.65 -5.81 -11.11
C LYS C 164 -10.20 -6.48 -9.81
N SER C 165 -10.29 -5.67 -8.73
CA SER C 165 -10.73 -6.07 -7.40
C SER C 165 -12.13 -6.59 -7.39
N LYS C 166 -12.26 -7.93 -7.23
CA LYS C 166 -13.56 -8.61 -7.12
C LYS C 166 -13.78 -8.99 -5.65
N LEU C 167 -14.61 -8.22 -4.97
CA LEU C 167 -14.93 -8.51 -3.59
C LEU C 167 -16.26 -9.26 -3.48
N GLU C 168 -16.39 -10.08 -2.44
CA GLU C 168 -17.55 -10.92 -2.24
C GLU C 168 -18.14 -10.84 -0.86
N PHE C 169 -19.44 -11.12 -0.78
CA PHE C 169 -20.19 -11.27 0.43
C PHE C 169 -20.98 -12.57 0.23
N SER C 170 -20.35 -13.66 0.67
CA SER C 170 -20.86 -15.03 0.56
C SER C 170 -21.83 -15.37 1.74
N ILE C 171 -22.92 -16.09 1.45
CA ILE C 171 -23.87 -16.43 2.52
C ILE C 171 -23.77 -17.92 2.86
N TYR C 172 -22.90 -18.24 3.82
CA TYR C 172 -22.65 -19.59 4.33
C TYR C 172 -23.94 -20.29 4.83
N PRO C 173 -24.23 -21.51 4.29
CA PRO C 173 -25.45 -22.22 4.68
C PRO C 173 -25.56 -22.69 6.15
N ALA C 174 -26.80 -22.53 6.67
CA ALA C 174 -27.15 -22.96 8.01
C ALA C 174 -28.46 -23.76 7.91
N PRO C 175 -28.56 -24.97 8.55
CA PRO C 175 -29.81 -25.74 8.49
C PRO C 175 -31.02 -24.99 9.07
N GLN C 176 -30.78 -24.25 10.19
CA GLN C 176 -31.72 -23.37 10.91
C GLN C 176 -32.36 -22.37 9.95
N VAL C 177 -31.56 -21.81 9.03
CA VAL C 177 -32.04 -20.83 8.08
C VAL C 177 -32.15 -21.43 6.69
N SER C 178 -33.31 -22.03 6.42
CA SER C 178 -33.67 -22.73 5.19
C SER C 178 -32.76 -23.91 4.86
N THR C 179 -32.00 -23.82 3.72
CA THR C 179 -31.10 -24.86 3.23
C THR C 179 -31.85 -25.80 2.31
N ALA C 180 -31.14 -26.71 1.67
CA ALA C 180 -31.62 -27.69 0.72
C ALA C 180 -30.49 -28.69 0.61
N VAL C 181 -30.77 -29.98 0.88
CA VAL C 181 -29.77 -31.06 0.92
C VAL C 181 -28.51 -30.86 0.06
N VAL C 182 -28.66 -30.42 -1.19
CA VAL C 182 -27.56 -30.13 -2.12
C VAL C 182 -26.68 -28.97 -1.79
N GLU C 183 -27.19 -27.90 -1.17
CA GLU C 183 -26.38 -26.72 -0.79
C GLU C 183 -24.85 -26.96 -0.61
N PRO C 184 -24.36 -27.86 0.29
CA PRO C 184 -22.91 -28.12 0.37
C PRO C 184 -22.18 -28.45 -0.93
N TYR C 185 -22.89 -29.03 -1.94
CA TYR C 185 -22.34 -29.31 -3.26
C TYR C 185 -22.11 -27.94 -3.93
N ASN C 186 -23.22 -27.18 -4.12
CA ASN C 186 -23.22 -25.83 -4.69
C ASN C 186 -22.18 -24.93 -3.99
N SER C 187 -22.04 -25.07 -2.65
CA SER C 187 -21.11 -24.35 -1.79
C SER C 187 -19.69 -24.61 -2.25
N ILE C 188 -19.23 -25.88 -2.19
CA ILE C 188 -17.88 -26.31 -2.58
C ILE C 188 -17.57 -26.10 -4.07
N LEU C 189 -18.62 -26.22 -4.93
CA LEU C 189 -18.47 -26.03 -6.37
C LEU C 189 -18.07 -24.58 -6.69
N THR C 190 -18.85 -23.61 -6.16
CA THR C 190 -18.63 -22.18 -6.31
C THR C 190 -17.38 -21.73 -5.58
N THR C 191 -17.19 -22.14 -4.30
CA THR C 191 -15.99 -21.77 -3.55
C THR C 191 -14.76 -21.96 -4.44
N HIS C 192 -14.66 -23.16 -5.06
CA HIS C 192 -13.58 -23.56 -5.96
C HIS C 192 -13.43 -22.67 -7.17
N THR C 193 -14.49 -22.57 -7.99
CA THR C 193 -14.43 -21.77 -9.21
C THR C 193 -14.18 -20.31 -8.97
N THR C 194 -14.65 -19.77 -7.83
CA THR C 194 -14.45 -18.36 -7.55
C THR C 194 -13.05 -18.03 -7.06
N LEU C 195 -12.44 -18.90 -6.27
CA LEU C 195 -11.11 -18.74 -5.67
C LEU C 195 -10.09 -17.89 -6.46
N GLU C 196 -9.77 -18.28 -7.73
CA GLU C 196 -8.79 -17.57 -8.61
C GLU C 196 -9.29 -16.19 -8.97
N HIS C 197 -10.58 -16.05 -9.16
CA HIS C 197 -11.20 -14.83 -9.60
C HIS C 197 -11.65 -13.92 -8.45
N SER C 198 -11.32 -14.29 -7.22
CA SER C 198 -11.71 -13.43 -6.12
C SER C 198 -10.52 -12.64 -5.69
N ASP C 199 -10.75 -11.60 -4.88
CA ASP C 199 -9.69 -10.77 -4.33
C ASP C 199 -9.68 -10.88 -2.80
N CYS C 200 -10.86 -10.78 -2.20
CA CYS C 200 -11.10 -10.83 -0.77
C CYS C 200 -12.60 -11.14 -0.52
N ALA C 201 -12.89 -12.25 0.19
CA ALA C 201 -14.28 -12.66 0.41
C ALA C 201 -14.71 -12.63 1.85
N PHE C 202 -15.82 -11.94 2.13
CA PHE C 202 -16.47 -11.82 3.45
C PHE C 202 -17.62 -12.82 3.60
N MET C 203 -17.38 -13.96 4.32
CA MET C 203 -18.40 -15.00 4.58
C MET C 203 -19.33 -14.59 5.71
N VAL C 204 -20.56 -15.07 5.65
CA VAL C 204 -21.63 -14.73 6.58
C VAL C 204 -22.37 -16.04 6.90
N ASP C 205 -21.94 -16.75 7.94
CA ASP C 205 -22.60 -18.01 8.31
C ASP C 205 -23.96 -17.76 8.91
N ASN C 206 -24.99 -17.98 8.09
CA ASN C 206 -26.40 -17.80 8.43
C ASN C 206 -26.85 -18.25 9.85
N GLU C 207 -26.15 -19.23 10.44
CA GLU C 207 -26.41 -19.72 11.79
C GLU C 207 -26.01 -18.64 12.80
N ALA C 208 -24.79 -18.04 12.62
CA ALA C 208 -24.26 -16.96 13.46
C ALA C 208 -25.09 -15.68 13.35
N ILE C 209 -25.77 -15.51 12.21
CA ILE C 209 -26.66 -14.38 11.99
C ILE C 209 -27.95 -14.69 12.74
N TYR C 210 -28.47 -15.94 12.58
CA TYR C 210 -29.66 -16.47 13.24
C TYR C 210 -29.40 -16.32 14.75
N ASP C 211 -28.38 -17.02 15.27
CA ASP C 211 -27.96 -17.01 16.68
C ASP C 211 -27.99 -15.62 17.30
N ILE C 212 -27.42 -14.63 16.62
CA ILE C 212 -27.38 -13.26 17.10
C ILE C 212 -28.80 -12.65 17.34
N CYS C 213 -29.70 -12.67 16.32
CA CYS C 213 -31.07 -12.17 16.40
C CYS C 213 -31.71 -12.79 17.62
N ARG C 214 -31.73 -14.13 17.65
CA ARG C 214 -32.25 -14.97 18.74
C ARG C 214 -31.80 -14.45 20.12
N ARG C 215 -30.47 -14.26 20.28
CA ARG C 215 -29.81 -13.88 21.51
C ARG C 215 -29.87 -12.40 21.88
N ASN C 216 -29.78 -11.51 20.91
CA ASN C 216 -29.73 -10.07 21.22
C ASN C 216 -30.93 -9.26 20.76
N LEU C 217 -31.43 -9.55 19.57
CA LEU C 217 -32.63 -8.88 19.09
C LEU C 217 -33.85 -9.61 19.69
N ASP C 218 -33.57 -10.72 20.42
CA ASP C 218 -34.51 -11.60 21.10
C ASP C 218 -35.66 -12.03 20.19
N ILE C 219 -35.29 -12.64 19.04
CA ILE C 219 -36.23 -13.11 18.04
C ILE C 219 -36.17 -14.62 18.01
N GLU C 220 -37.22 -15.29 18.53
CA GLU C 220 -37.28 -16.75 18.55
C GLU C 220 -37.34 -17.34 17.16
N ARG C 221 -38.04 -16.65 16.24
CA ARG C 221 -38.09 -17.10 14.84
C ARG C 221 -37.72 -15.97 13.85
N PRO C 222 -36.38 -15.87 13.59
CA PRO C 222 -35.88 -14.78 12.74
C PRO C 222 -36.33 -14.88 11.29
N THR C 223 -36.91 -13.78 10.77
CA THR C 223 -37.35 -13.68 9.37
C THR C 223 -36.13 -13.35 8.56
N TYR C 224 -36.18 -13.52 7.24
CA TYR C 224 -35.04 -13.17 6.37
C TYR C 224 -34.57 -11.73 6.60
N THR C 225 -35.54 -10.79 6.61
CA THR C 225 -35.36 -9.36 6.85
C THR C 225 -34.60 -9.19 8.15
N ASN C 226 -35.16 -9.67 9.28
CA ASN C 226 -34.52 -9.64 10.60
C ASN C 226 -33.01 -9.91 10.52
N LEU C 227 -32.61 -10.91 9.69
CA LEU C 227 -31.21 -11.31 9.47
C LEU C 227 -30.51 -10.30 8.57
N ASN C 228 -31.10 -10.00 7.40
CA ASN C 228 -30.56 -9.08 6.41
C ASN C 228 -30.37 -7.71 7.00
N ARG C 229 -31.42 -7.07 7.59
CA ARG C 229 -31.30 -5.76 8.30
C ARG C 229 -30.02 -5.77 9.18
N LEU C 230 -29.72 -6.92 9.82
CA LEU C 230 -28.55 -7.10 10.67
C LEU C 230 -27.31 -7.22 9.81
N ILE C 231 -27.35 -8.05 8.76
CA ILE C 231 -26.24 -8.30 7.81
C ILE C 231 -25.82 -6.98 7.17
N GLY C 232 -26.81 -6.23 6.64
CA GLY C 232 -26.57 -4.94 6.00
C GLY C 232 -25.83 -3.99 6.90
N GLN C 233 -26.11 -4.06 8.22
CA GLN C 233 -25.44 -3.28 9.25
C GLN C 233 -23.91 -3.60 9.30
N ILE C 234 -23.56 -4.90 9.25
CA ILE C 234 -22.18 -5.38 9.25
C ILE C 234 -21.49 -5.00 7.92
N VAL C 235 -22.16 -5.25 6.78
CA VAL C 235 -21.64 -4.97 5.45
C VAL C 235 -21.33 -3.49 5.32
N SER C 236 -22.31 -2.61 5.68
CA SER C 236 -22.21 -1.14 5.66
C SER C 236 -21.01 -0.67 6.47
N SER C 237 -20.75 -1.31 7.64
CA SER C 237 -19.60 -1.00 8.50
C SER C 237 -18.29 -1.26 7.75
N ILE C 238 -18.26 -2.29 6.86
CA ILE C 238 -17.12 -2.66 6.02
C ILE C 238 -16.97 -1.57 4.91
N THR C 239 -18.08 -1.26 4.20
CA THR C 239 -18.07 -0.25 3.12
C THR C 239 -18.18 1.19 3.61
N ALA C 240 -18.27 1.42 4.93
CA ALA C 240 -18.34 2.77 5.53
C ALA C 240 -17.16 3.61 5.04
N SER C 241 -15.94 3.01 5.15
CA SER C 241 -14.61 3.50 4.78
C SER C 241 -14.42 3.86 3.29
N LEU C 242 -15.50 3.75 2.49
CA LEU C 242 -15.54 4.02 1.06
C LEU C 242 -16.52 5.17 0.73
N ARG C 243 -17.77 5.11 1.25
CA ARG C 243 -18.78 6.16 1.04
C ARG C 243 -18.62 7.34 2.03
N PHE C 244 -17.59 7.28 2.90
CA PHE C 244 -17.25 8.31 3.87
C PHE C 244 -15.74 8.56 3.92
N ASP C 245 -15.36 9.84 3.78
CA ASP C 245 -13.97 10.30 3.77
C ASP C 245 -13.51 10.93 5.11
N GLY C 246 -14.17 10.53 6.20
CA GLY C 246 -13.90 11.00 7.55
C GLY C 246 -12.46 11.00 8.01
N ALA C 247 -11.85 12.23 8.03
CA ALA C 247 -10.48 12.59 8.44
C ALA C 247 -9.92 11.73 9.58
N LEU C 248 -10.83 11.37 10.52
CA LEU C 248 -10.71 10.53 11.73
C LEU C 248 -9.78 9.35 11.45
N ASN C 249 -10.13 8.59 10.35
CA ASN C 249 -9.48 7.46 9.69
C ASN C 249 -10.30 7.03 8.46
N VAL C 250 -11.09 5.94 8.56
CA VAL C 250 -11.90 5.30 7.49
C VAL C 250 -11.10 5.05 6.23
N ASP C 251 -10.59 3.79 6.09
CA ASP C 251 -9.64 3.44 5.05
C ASP C 251 -9.60 1.99 4.55
N LEU C 252 -10.69 1.43 3.94
CA LEU C 252 -10.63 0.05 3.39
C LEU C 252 -9.58 0.01 2.26
N THR C 253 -9.18 -1.22 1.80
CA THR C 253 -8.12 -1.51 0.80
C THR C 253 -6.76 -1.51 1.50
N GLU C 254 -6.60 -0.61 2.50
CA GLU C 254 -5.45 -0.51 3.38
C GLU C 254 -5.56 -1.71 4.36
N PHE C 255 -6.81 -1.98 4.86
CA PHE C 255 -7.15 -3.11 5.75
C PHE C 255 -6.82 -4.38 5.03
N GLN C 256 -7.41 -4.53 3.83
CA GLN C 256 -7.22 -5.63 2.88
C GLN C 256 -5.71 -6.04 2.70
N THR C 257 -4.78 -5.05 2.74
CA THR C 257 -3.34 -5.29 2.62
C THR C 257 -2.80 -6.15 3.77
N ASN C 258 -3.28 -5.92 5.00
CA ASN C 258 -2.87 -6.72 6.17
C ASN C 258 -3.69 -8.00 6.22
N LEU C 259 -4.98 -7.84 5.88
CA LEU C 259 -5.96 -8.91 5.87
C LEU C 259 -5.61 -10.05 4.92
N VAL C 260 -5.16 -9.74 3.68
CA VAL C 260 -4.78 -10.77 2.73
C VAL C 260 -3.27 -11.09 2.72
N PRO C 261 -2.71 -11.92 3.67
CA PRO C 261 -1.26 -12.21 3.61
C PRO C 261 -0.80 -12.85 2.30
N TYR C 262 -1.47 -13.92 1.90
CA TYR C 262 -1.19 -14.66 0.68
C TYR C 262 -2.46 -14.56 -0.15
N PRO C 263 -2.51 -14.97 -1.45
CA PRO C 263 -3.73 -14.71 -2.22
C PRO C 263 -4.90 -15.63 -1.93
N ARG C 264 -4.66 -16.93 -1.72
CA ARG C 264 -5.74 -17.86 -1.42
C ARG C 264 -6.29 -17.61 -0.05
N ILE C 265 -5.45 -17.04 0.84
CA ILE C 265 -5.82 -16.73 2.22
C ILE C 265 -6.44 -15.31 2.21
N HIS C 266 -7.70 -15.23 1.71
CA HIS C 266 -8.46 -13.98 1.52
C HIS C 266 -9.85 -13.91 2.21
N PHE C 267 -10.10 -14.75 3.26
CA PHE C 267 -11.38 -14.80 3.99
C PHE C 267 -11.33 -14.16 5.37
N PRO C 268 -11.52 -12.83 5.50
CA PRO C 268 -11.49 -12.23 6.83
C PRO C 268 -12.75 -12.61 7.60
N LEU C 269 -12.62 -12.66 8.93
CA LEU C 269 -13.74 -12.99 9.79
C LEU C 269 -14.32 -11.71 10.40
N ALA C 270 -15.63 -11.50 10.23
CA ALA C 270 -16.24 -10.31 10.79
C ALA C 270 -16.79 -10.58 12.16
N THR C 271 -16.55 -9.66 13.08
CA THR C 271 -17.06 -9.80 14.44
C THR C 271 -17.76 -8.51 14.86
N TYR C 272 -18.95 -8.27 14.27
CA TYR C 272 -19.74 -7.07 14.57
C TYR C 272 -20.10 -6.94 16.09
N ALA C 273 -20.34 -5.69 16.58
CA ALA C 273 -20.67 -5.31 17.95
C ALA C 273 -20.98 -3.81 17.99
N PRO C 274 -22.04 -3.33 18.70
CA PRO C 274 -22.98 -4.05 19.56
C PRO C 274 -24.37 -4.21 18.93
N VAL C 275 -24.86 -5.46 18.97
CA VAL C 275 -26.19 -5.83 18.50
C VAL C 275 -27.06 -5.76 19.75
N ILE C 276 -27.92 -4.72 19.78
CA ILE C 276 -28.82 -4.40 20.89
C ILE C 276 -30.22 -4.11 20.34
N SER C 277 -31.24 -4.76 20.92
CA SER C 277 -32.63 -4.60 20.49
C SER C 277 -33.28 -3.34 21.04
N ALA C 278 -34.20 -2.75 20.28
CA ALA C 278 -34.95 -1.58 20.71
C ALA C 278 -35.97 -2.07 21.76
N GLU C 279 -35.51 -2.15 23.04
CA GLU C 279 -36.27 -2.62 24.21
C GLU C 279 -35.50 -2.34 25.50
N LYS C 280 -34.15 -2.33 25.42
CA LYS C 280 -33.20 -2.12 26.52
C LYS C 280 -33.53 -0.96 27.50
N ALA C 281 -33.91 0.22 26.94
CA ALA C 281 -34.26 1.50 27.60
C ALA C 281 -33.08 2.25 28.29
N TYR C 282 -32.88 2.07 29.62
CA TYR C 282 -31.84 2.73 30.43
C TYR C 282 -30.50 1.96 30.47
N HIS C 283 -30.15 1.30 29.35
CA HIS C 283 -28.90 0.54 29.20
C HIS C 283 -27.73 1.45 28.79
N GLU C 284 -28.07 2.62 28.18
CA GLU C 284 -27.17 3.67 27.65
C GLU C 284 -25.92 4.00 28.50
N GLN C 285 -24.69 3.62 28.04
CA GLN C 285 -24.37 2.89 26.80
C GLN C 285 -23.02 2.17 27.00
N LEU C 286 -22.48 1.58 25.93
CA LEU C 286 -21.21 0.89 26.02
C LEU C 286 -20.06 1.84 25.77
N SER C 287 -18.97 1.61 26.50
CA SER C 287 -17.73 2.35 26.33
C SER C 287 -16.98 1.68 25.17
N VAL C 288 -15.96 2.37 24.63
CA VAL C 288 -15.12 1.87 23.54
C VAL C 288 -14.49 0.54 23.97
N ALA C 289 -13.98 0.50 25.21
CA ALA C 289 -13.34 -0.66 25.82
C ALA C 289 -14.27 -1.87 25.96
N GLU C 290 -15.59 -1.63 26.04
CA GLU C 290 -16.57 -2.71 26.17
C GLU C 290 -16.74 -3.40 24.82
N ILE C 291 -17.11 -2.60 23.78
CA ILE C 291 -17.33 -3.02 22.38
C ILE C 291 -16.07 -3.61 21.74
N THR C 292 -14.90 -3.22 22.22
CA THR C 292 -13.63 -3.75 21.72
C THR C 292 -13.52 -5.24 22.10
N ASN C 293 -13.77 -5.56 23.39
CA ASN C 293 -13.72 -6.89 23.96
C ASN C 293 -14.87 -7.75 23.43
N ALA C 294 -15.95 -7.07 22.97
CA ALA C 294 -17.13 -7.69 22.40
C ALA C 294 -16.76 -8.51 21.18
N CYS C 295 -15.85 -7.95 20.33
CA CYS C 295 -15.27 -8.52 19.10
C CYS C 295 -14.48 -9.81 19.35
N PHE C 296 -14.11 -10.07 20.62
CA PHE C 296 -13.31 -11.24 21.00
C PHE C 296 -14.11 -12.42 21.48
N GLU C 297 -15.42 -12.20 21.80
CA GLU C 297 -16.36 -13.25 22.16
C GLU C 297 -16.85 -13.93 20.86
N PRO C 298 -16.67 -15.28 20.72
CA PRO C 298 -17.12 -15.96 19.49
C PRO C 298 -18.62 -15.88 19.20
N ALA C 299 -19.39 -15.36 20.17
CA ALA C 299 -20.81 -15.15 20.08
C ALA C 299 -21.19 -13.95 19.21
N ASN C 300 -20.23 -13.09 18.90
CA ASN C 300 -20.49 -11.91 18.09
C ASN C 300 -20.04 -12.07 16.62
N GLN C 301 -19.24 -13.14 16.33
CA GLN C 301 -18.69 -13.52 15.02
C GLN C 301 -19.69 -13.64 13.89
N MET C 302 -19.28 -13.36 12.64
CA MET C 302 -20.17 -13.53 11.51
C MET C 302 -20.22 -14.95 11.03
N VAL C 303 -19.12 -15.69 11.22
CA VAL C 303 -19.02 -17.10 10.87
C VAL C 303 -18.70 -17.79 12.16
N LYS C 304 -19.38 -18.91 12.45
CA LYS C 304 -19.14 -19.68 13.65
C LYS C 304 -17.82 -20.45 13.54
N CYS C 305 -16.81 -20.01 14.31
CA CYS C 305 -15.49 -20.66 14.40
C CYS C 305 -14.76 -20.34 15.73
N ASP C 306 -13.62 -21.00 16.03
CA ASP C 306 -12.91 -20.74 17.29
C ASP C 306 -11.44 -20.31 17.20
N PRO C 307 -11.25 -18.97 17.14
CA PRO C 307 -9.91 -18.41 17.06
C PRO C 307 -9.20 -18.29 18.42
N ARG C 308 -9.76 -18.91 19.49
CA ARG C 308 -9.12 -18.96 20.80
C ARG C 308 -8.09 -20.08 20.64
N HIS C 309 -8.45 -21.09 19.83
CA HIS C 309 -7.59 -22.21 19.43
C HIS C 309 -6.75 -21.72 18.24
N GLY C 310 -7.39 -21.00 17.32
CA GLY C 310 -6.79 -20.48 16.10
C GLY C 310 -5.73 -19.40 16.19
N LYS C 311 -4.74 -19.48 15.28
CA LYS C 311 -3.67 -18.51 15.12
C LYS C 311 -4.15 -17.26 14.32
N TYR C 312 -3.36 -16.17 14.33
CA TYR C 312 -3.72 -14.89 13.70
C TYR C 312 -2.70 -14.34 12.69
N MET C 313 -3.20 -13.73 11.60
CA MET C 313 -2.35 -13.15 10.56
C MET C 313 -2.86 -11.78 10.15
N ALA C 314 -3.68 -11.17 11.04
CA ALA C 314 -4.29 -9.85 10.88
C ALA C 314 -5.40 -9.61 11.85
N CYS C 315 -5.52 -8.33 12.26
CA CYS C 315 -6.56 -7.83 13.15
C CYS C 315 -6.85 -6.38 12.82
N CYS C 316 -8.07 -6.12 12.39
CA CYS C 316 -8.43 -4.79 11.96
C CYS C 316 -9.75 -4.34 12.55
N LEU C 317 -9.67 -3.22 13.26
CA LEU C 317 -10.74 -2.59 14.02
C LEU C 317 -11.35 -1.41 13.27
N LEU C 318 -12.61 -1.52 12.92
CA LEU C 318 -13.30 -0.50 12.16
C LEU C 318 -14.34 0.15 13.05
N TYR C 319 -13.95 1.25 13.73
CA TYR C 319 -14.86 1.97 14.62
C TYR C 319 -15.76 2.97 13.90
N ARG C 320 -16.95 3.31 14.48
CA ARG C 320 -17.87 4.28 13.88
C ARG C 320 -18.87 4.98 14.81
N GLY C 321 -18.66 6.28 15.01
CA GLY C 321 -19.50 7.12 15.85
C GLY C 321 -18.73 8.04 16.78
N ASP C 322 -18.76 7.74 18.09
CA ASP C 322 -18.10 8.53 19.12
C ASP C 322 -16.81 7.83 19.55
N VAL C 323 -15.75 7.98 18.73
CA VAL C 323 -14.48 7.30 19.02
C VAL C 323 -13.29 8.27 19.12
N VAL C 324 -12.46 8.08 20.14
CA VAL C 324 -11.29 8.91 20.40
C VAL C 324 -10.06 8.00 20.62
N PRO C 325 -8.95 8.20 19.85
CA PRO C 325 -7.77 7.33 19.98
C PRO C 325 -7.42 6.92 21.40
N LYS C 326 -7.36 7.88 22.36
CA LYS C 326 -7.04 7.72 23.79
C LYS C 326 -7.48 6.37 24.41
N ASP C 327 -8.77 6.07 24.27
CA ASP C 327 -9.44 4.90 24.81
C ASP C 327 -9.36 3.69 23.89
N VAL C 328 -9.19 3.92 22.56
CA VAL C 328 -9.04 2.83 21.59
C VAL C 328 -7.68 2.16 21.85
N ASN C 329 -6.68 3.00 22.14
CA ASN C 329 -5.31 2.62 22.47
C ASN C 329 -5.31 1.96 23.82
N ALA C 330 -6.15 2.48 24.75
CA ALA C 330 -6.31 1.96 26.11
C ALA C 330 -6.99 0.59 26.07
N ALA C 331 -7.91 0.43 25.10
CA ALA C 331 -8.68 -0.77 24.79
C ALA C 331 -7.70 -1.80 24.25
N ILE C 332 -7.06 -1.47 23.10
CA ILE C 332 -6.03 -2.32 22.46
C ILE C 332 -4.94 -2.75 23.47
N ALA C 333 -4.67 -1.89 24.49
CA ALA C 333 -3.72 -2.10 25.57
C ALA C 333 -4.06 -3.35 26.39
N THR C 334 -5.29 -3.37 26.97
CA THR C 334 -5.79 -4.47 27.77
C THR C 334 -5.81 -5.78 27.00
N ILE C 335 -6.50 -5.80 25.83
CA ILE C 335 -6.61 -6.95 24.92
C ILE C 335 -5.23 -7.58 24.65
N LYS C 336 -4.19 -6.73 24.42
CA LYS C 336 -2.84 -7.18 24.13
C LYS C 336 -2.16 -8.00 25.26
N THR C 337 -2.81 -8.05 26.45
CA THR C 337 -2.38 -8.89 27.58
C THR C 337 -3.16 -10.23 27.61
N LYS C 338 -4.45 -10.24 27.15
CA LYS C 338 -5.34 -11.41 27.02
C LYS C 338 -4.67 -12.43 26.09
N ARG C 339 -3.96 -13.39 26.71
CA ARG C 339 -3.16 -14.43 26.06
C ARG C 339 -3.92 -15.49 25.23
N THR C 340 -4.89 -15.03 24.44
CA THR C 340 -5.68 -15.84 23.53
C THR C 340 -5.45 -15.29 22.09
N ILE C 341 -4.97 -14.02 22.00
CA ILE C 341 -4.69 -13.34 20.73
C ILE C 341 -3.27 -13.63 20.29
N GLN C 342 -3.05 -14.88 19.91
CA GLN C 342 -1.74 -15.39 19.49
C GLN C 342 -1.58 -15.34 17.96
N PHE C 343 -0.61 -14.52 17.49
CA PHE C 343 -0.29 -14.32 16.08
C PHE C 343 0.81 -15.27 15.65
N VAL C 344 1.03 -15.40 14.34
CA VAL C 344 2.13 -16.22 13.78
C VAL C 344 3.51 -15.49 13.96
N ASP C 345 4.65 -16.22 13.81
CA ASP C 345 5.96 -15.58 13.96
C ASP C 345 6.21 -14.54 12.87
N TRP C 346 5.96 -14.90 11.60
CA TRP C 346 6.15 -14.02 10.43
C TRP C 346 5.24 -12.78 10.40
N CYS C 347 4.22 -12.78 11.29
CA CYS C 347 3.26 -11.71 11.42
C CYS C 347 3.41 -10.80 12.62
N PRO C 348 3.40 -9.45 12.38
CA PRO C 348 3.40 -8.51 13.51
C PRO C 348 2.08 -8.56 14.30
N THR C 349 2.19 -8.19 15.59
CA THR C 349 1.14 -8.17 16.61
C THR C 349 0.40 -6.79 16.72
N GLY C 350 0.21 -6.15 15.58
CA GLY C 350 -0.46 -4.86 15.50
C GLY C 350 -1.91 -4.93 15.09
N PHE C 351 -2.66 -3.84 15.37
CA PHE C 351 -4.08 -3.76 15.02
C PHE C 351 -4.35 -2.50 14.15
N LYS C 352 -4.69 -2.67 12.84
CA LYS C 352 -5.01 -1.55 11.94
C LYS C 352 -6.36 -0.93 12.34
N VAL C 353 -6.36 0.28 12.88
CA VAL C 353 -7.62 0.85 13.36
C VAL C 353 -8.06 2.01 12.50
N GLY C 354 -9.30 1.95 12.06
CA GLY C 354 -9.95 3.01 11.27
C GLY C 354 -11.18 3.52 11.99
N ILE C 355 -11.40 4.83 12.02
CA ILE C 355 -12.57 5.42 12.70
C ILE C 355 -13.41 6.29 11.73
N ASN C 356 -14.77 6.18 11.83
CA ASN C 356 -15.69 6.96 11.03
C ASN C 356 -16.41 8.05 11.82
N TYR C 357 -16.93 9.07 11.10
CA TYR C 357 -17.67 10.16 11.72
C TYR C 357 -19.13 9.77 11.90
N GLN C 358 -19.80 9.45 10.77
CA GLN C 358 -21.19 9.05 10.73
C GLN C 358 -21.48 7.78 11.53
N PRO C 359 -22.16 7.89 12.69
CA PRO C 359 -22.48 6.69 13.48
C PRO C 359 -23.52 5.81 12.78
N PRO C 360 -23.68 4.53 13.21
CA PRO C 360 -24.63 3.64 12.51
C PRO C 360 -26.05 4.17 12.48
N THR C 361 -26.58 4.38 11.26
CA THR C 361 -27.97 4.82 11.10
C THR C 361 -28.87 3.60 11.17
N VAL C 362 -29.96 3.68 11.92
CA VAL C 362 -30.88 2.54 12.09
C VAL C 362 -32.20 2.66 11.28
N VAL C 363 -32.60 1.51 10.69
CA VAL C 363 -33.76 1.34 9.80
C VAL C 363 -35.11 1.72 10.46
N PRO C 364 -36.00 2.51 9.79
CA PRO C 364 -37.29 2.87 10.40
C PRO C 364 -38.19 1.66 10.61
N GLY C 365 -38.53 1.42 11.87
CA GLY C 365 -39.35 0.29 12.28
C GLY C 365 -38.52 -0.98 12.30
N GLY C 366 -37.33 -0.86 12.86
CA GLY C 366 -36.37 -1.95 12.93
C GLY C 366 -36.41 -2.71 14.22
N ASP C 367 -35.47 -3.63 14.33
CA ASP C 367 -35.29 -4.54 15.46
C ASP C 367 -34.20 -3.98 16.38
N LEU C 368 -33.11 -3.45 15.79
CA LEU C 368 -31.98 -2.84 16.48
C LEU C 368 -32.27 -1.39 16.87
N ALA C 369 -31.63 -0.92 17.96
CA ALA C 369 -31.77 0.45 18.46
C ALA C 369 -30.55 1.26 18.15
N LYS C 370 -30.72 2.59 17.89
CA LYS C 370 -29.65 3.55 17.55
C LYS C 370 -28.49 3.52 18.55
N VAL C 371 -27.36 2.92 18.11
CA VAL C 371 -26.14 2.83 18.92
C VAL C 371 -25.37 4.12 18.69
N GLN C 372 -24.70 4.62 19.75
CA GLN C 372 -23.88 5.83 19.65
C GLN C 372 -22.55 5.43 18.96
N ARG C 373 -21.89 4.36 19.47
CA ARG C 373 -20.60 3.85 18.98
C ARG C 373 -20.50 2.33 18.64
N ALA C 374 -20.54 2.04 17.32
CA ALA C 374 -20.43 0.70 16.74
C ALA C 374 -19.01 0.35 16.24
N VAL C 375 -18.72 -0.95 16.14
CA VAL C 375 -17.45 -1.48 15.62
C VAL C 375 -17.74 -2.74 14.75
N CYS C 376 -16.71 -3.25 14.04
CA CYS C 376 -16.66 -4.49 13.26
C CYS C 376 -15.21 -4.87 13.16
N MET C 377 -14.85 -6.02 13.70
CA MET C 377 -13.47 -6.42 13.63
C MET C 377 -13.23 -7.55 12.62
N LEU C 378 -12.48 -7.19 11.56
CA LEU C 378 -12.04 -8.07 10.48
C LEU C 378 -10.75 -8.67 10.90
N SER C 379 -10.58 -9.95 10.67
CA SER C 379 -9.37 -10.62 11.13
C SER C 379 -9.00 -11.82 10.27
N ASN C 380 -7.68 -12.03 10.09
CA ASN C 380 -7.22 -13.20 9.37
C ASN C 380 -6.66 -14.28 10.28
N THR C 381 -7.60 -15.13 10.79
CA THR C 381 -7.40 -16.30 11.65
C THR C 381 -7.54 -17.60 10.84
N THR C 382 -6.73 -18.61 11.21
CA THR C 382 -6.76 -19.95 10.60
C THR C 382 -8.03 -20.73 11.01
N ALA C 383 -8.73 -20.25 12.08
CA ALA C 383 -9.98 -20.77 12.64
C ALA C 383 -11.13 -20.73 11.62
N ILE C 384 -10.97 -19.95 10.55
CA ILE C 384 -11.98 -19.89 9.51
C ILE C 384 -12.10 -21.22 8.76
N ALA C 385 -10.98 -21.94 8.55
CA ALA C 385 -10.95 -23.23 7.88
C ALA C 385 -11.91 -24.29 8.53
N GLU C 386 -12.56 -23.91 9.65
CA GLU C 386 -13.55 -24.74 10.34
C GLU C 386 -14.83 -24.73 9.51
N ALA C 387 -15.17 -23.56 8.91
CA ALA C 387 -16.32 -23.37 8.04
C ALA C 387 -16.18 -24.29 6.85
N TRP C 388 -14.95 -24.38 6.29
CA TRP C 388 -14.61 -25.26 5.16
C TRP C 388 -14.74 -26.68 5.58
N ALA C 389 -14.18 -27.01 6.75
CA ALA C 389 -14.24 -28.33 7.33
C ALA C 389 -15.71 -28.75 7.50
N ARG C 390 -16.54 -27.88 8.07
CA ARG C 390 -17.96 -28.13 8.28
C ARG C 390 -18.71 -28.53 6.98
N LEU C 391 -18.44 -27.77 5.93
CA LEU C 391 -19.00 -27.86 4.61
C LEU C 391 -18.45 -29.07 3.84
N ASP C 392 -17.13 -29.32 3.94
CA ASP C 392 -16.42 -30.41 3.25
C ASP C 392 -16.90 -31.79 3.66
N HIS C 393 -17.26 -31.92 4.93
CA HIS C 393 -17.71 -33.15 5.57
C HIS C 393 -19.04 -33.60 5.03
N LYS C 394 -20.02 -32.66 4.99
CA LYS C 394 -21.38 -32.85 4.52
C LYS C 394 -21.31 -33.21 3.05
N PHE C 395 -20.38 -32.57 2.32
CA PHE C 395 -20.08 -32.82 0.91
C PHE C 395 -19.66 -34.27 0.72
N ASP C 396 -18.60 -34.68 1.46
CA ASP C 396 -17.99 -36.00 1.47
C ASP C 396 -19.00 -37.09 1.64
N LEU C 397 -19.89 -36.92 2.66
CA LEU C 397 -20.97 -37.83 3.06
C LEU C 397 -21.91 -38.20 1.90
N MET C 398 -22.39 -37.16 1.16
CA MET C 398 -23.30 -37.35 0.03
C MET C 398 -22.49 -37.80 -1.15
N TYR C 399 -21.28 -37.20 -1.36
CA TYR C 399 -20.43 -37.57 -2.50
C TYR C 399 -20.00 -39.00 -2.44
N ALA C 400 -19.71 -39.49 -1.23
CA ALA C 400 -19.33 -40.86 -0.95
C ALA C 400 -20.27 -41.75 -1.76
N LYS C 401 -21.58 -41.54 -1.59
CA LYS C 401 -22.59 -42.35 -2.26
C LYS C 401 -22.94 -41.81 -3.65
N ARG C 402 -22.37 -40.64 -4.04
CA ARG C 402 -22.69 -39.90 -5.28
C ARG C 402 -24.19 -39.50 -5.30
N ALA C 403 -24.70 -39.13 -4.10
CA ALA C 403 -26.07 -38.74 -3.85
C ALA C 403 -26.36 -37.40 -4.53
N PHE C 404 -27.51 -37.30 -5.23
CA PHE C 404 -28.01 -36.13 -5.98
C PHE C 404 -27.12 -35.73 -7.16
N VAL C 405 -25.86 -36.23 -7.21
CA VAL C 405 -24.84 -35.90 -8.20
C VAL C 405 -25.36 -35.89 -9.66
N HIS C 406 -26.19 -36.89 -10.01
CA HIS C 406 -26.84 -37.06 -11.31
C HIS C 406 -27.56 -35.82 -11.86
N TRP C 407 -28.06 -34.95 -10.97
CA TRP C 407 -28.74 -33.71 -11.38
C TRP C 407 -27.73 -32.74 -11.99
N TYR C 408 -26.50 -32.68 -11.41
CA TYR C 408 -25.37 -31.84 -11.87
C TYR C 408 -24.89 -32.38 -13.21
N VAL C 409 -24.49 -33.68 -13.20
CA VAL C 409 -24.05 -34.49 -14.32
C VAL C 409 -25.05 -34.39 -15.46
N GLY C 410 -26.34 -34.47 -15.13
CA GLY C 410 -27.41 -34.36 -16.10
C GLY C 410 -27.44 -33.02 -16.81
N GLU C 411 -26.88 -31.96 -16.16
CA GLU C 411 -26.86 -30.65 -16.80
C GLU C 411 -25.54 -30.36 -17.55
N GLY C 412 -24.74 -31.41 -17.78
CA GLY C 412 -23.48 -31.34 -18.52
C GLY C 412 -22.32 -31.85 -17.70
N MET C 413 -22.02 -31.15 -16.59
CA MET C 413 -20.96 -31.41 -15.60
C MET C 413 -20.37 -32.81 -15.54
N GLU C 414 -19.06 -32.86 -15.64
CA GLU C 414 -18.25 -34.07 -15.56
C GLU C 414 -18.17 -34.49 -14.09
N GLU C 415 -18.12 -35.79 -13.84
CA GLU C 415 -18.04 -36.38 -12.49
C GLU C 415 -16.75 -35.93 -11.74
N GLY C 416 -15.74 -35.52 -12.53
CA GLY C 416 -14.44 -35.07 -12.06
C GLY C 416 -14.39 -33.66 -11.47
N GLU C 417 -15.28 -32.76 -11.97
CA GLU C 417 -15.42 -31.37 -11.53
C GLU C 417 -15.64 -31.31 -10.01
N PHE C 418 -16.46 -32.24 -9.49
CA PHE C 418 -16.78 -32.38 -8.07
C PHE C 418 -15.55 -32.70 -7.23
N SER C 419 -14.70 -33.63 -7.74
CA SER C 419 -13.47 -34.08 -7.09
C SER C 419 -12.41 -32.98 -7.15
N GLU C 420 -12.23 -32.37 -8.35
CA GLU C 420 -11.33 -31.24 -8.60
C GLU C 420 -11.63 -30.17 -7.53
N ALA C 421 -12.92 -29.71 -7.49
CA ALA C 421 -13.47 -28.73 -6.55
C ALA C 421 -13.31 -29.10 -5.08
N ARG C 422 -13.19 -30.41 -4.78
CA ARG C 422 -12.98 -30.89 -3.41
C ARG C 422 -11.52 -30.86 -3.03
N GLU C 423 -10.60 -31.32 -3.94
CA GLU C 423 -9.14 -31.33 -3.70
C GLU C 423 -8.68 -29.89 -3.51
N ASP C 424 -9.25 -28.94 -4.31
CA ASP C 424 -8.92 -27.53 -4.20
C ASP C 424 -9.23 -27.03 -2.79
N MET C 425 -10.37 -27.47 -2.23
CA MET C 425 -10.76 -27.14 -0.87
C MET C 425 -9.76 -27.72 0.10
N ALA C 426 -9.46 -29.02 -0.09
CA ALA C 426 -8.53 -29.81 0.72
C ALA C 426 -7.19 -29.13 0.73
N ALA C 427 -6.84 -28.46 -0.39
CA ALA C 427 -5.59 -27.74 -0.50
C ALA C 427 -5.69 -26.52 0.37
N LEU C 428 -6.75 -25.69 0.21
CA LEU C 428 -7.00 -24.48 1.00
C LEU C 428 -7.07 -24.81 2.50
N GLU C 429 -7.68 -25.94 2.83
CA GLU C 429 -7.80 -26.47 4.19
C GLU C 429 -6.36 -26.65 4.74
N LYS C 430 -5.47 -27.30 3.94
CA LYS C 430 -4.07 -27.57 4.24
C LYS C 430 -3.22 -26.32 4.18
N ASP C 431 -3.63 -25.34 3.39
CA ASP C 431 -2.96 -24.04 3.27
C ASP C 431 -3.08 -23.26 4.56
N TYR C 432 -4.25 -23.35 5.25
CA TYR C 432 -4.48 -22.70 6.54
C TYR C 432 -3.73 -23.44 7.65
N GLU C 433 -3.41 -24.73 7.41
CA GLU C 433 -2.62 -25.59 8.30
C GLU C 433 -1.16 -25.07 8.28
N GLU C 434 -0.57 -25.07 7.06
CA GLU C 434 0.78 -24.62 6.70
C GLU C 434 1.13 -23.23 7.20
N VAL C 435 0.24 -22.26 6.96
CA VAL C 435 0.34 -20.86 7.35
C VAL C 435 0.38 -20.68 8.89
N GLY C 436 -0.36 -21.54 9.62
CA GLY C 436 -0.44 -21.56 11.07
C GLY C 436 0.76 -22.19 11.74
N VAL C 437 1.73 -22.68 10.93
CA VAL C 437 2.94 -23.30 11.45
C VAL C 437 3.87 -22.16 11.84
N ASP C 438 4.42 -22.27 13.06
CA ASP C 438 5.35 -21.28 13.60
C ASP C 438 6.80 -21.76 13.57
N ARG D 2 -43.40 -22.81 -13.70
CA ARG D 2 -44.54 -21.94 -13.39
C ARG D 2 -45.89 -22.42 -14.00
N GLU D 3 -45.92 -23.53 -14.78
CA GLU D 3 -47.16 -24.03 -15.41
C GLU D 3 -47.18 -25.53 -15.56
N ILE D 4 -48.13 -26.20 -14.88
CA ILE D 4 -48.24 -27.66 -14.94
C ILE D 4 -49.41 -28.12 -15.80
N VAL D 5 -49.09 -28.96 -16.81
CA VAL D 5 -50.06 -29.60 -17.69
C VAL D 5 -50.47 -30.91 -17.00
N HIS D 6 -51.78 -31.18 -16.89
CA HIS D 6 -52.33 -32.37 -16.25
C HIS D 6 -52.90 -33.34 -17.29
N ILE D 7 -52.81 -34.65 -17.00
CA ILE D 7 -53.34 -35.72 -17.86
C ILE D 7 -53.93 -36.82 -16.97
N GLN D 8 -55.19 -37.17 -17.17
CA GLN D 8 -55.76 -38.29 -16.41
C GLN D 8 -56.03 -39.50 -17.32
N ALA D 9 -55.62 -40.71 -16.89
CA ALA D 9 -55.75 -41.91 -17.72
C ALA D 9 -56.52 -43.15 -17.19
N GLY D 10 -57.48 -43.55 -18.01
CA GLY D 10 -58.31 -44.71 -17.70
C GLY D 10 -59.45 -44.37 -16.78
N GLN D 11 -59.88 -45.36 -15.98
CA GLN D 11 -60.99 -45.18 -15.05
C GLN D 11 -60.50 -44.42 -13.84
N CYS D 12 -59.57 -45.05 -13.09
CA CYS D 12 -59.00 -44.51 -11.88
C CYS D 12 -58.43 -43.14 -12.17
N GLY D 13 -57.66 -43.05 -13.24
CA GLY D 13 -57.04 -41.81 -13.69
C GLY D 13 -58.02 -40.68 -13.69
N ASN D 14 -59.13 -40.87 -14.38
CA ASN D 14 -60.16 -39.85 -14.46
C ASN D 14 -60.91 -39.70 -13.17
N GLN D 15 -61.10 -40.82 -12.45
CA GLN D 15 -61.82 -40.76 -11.18
C GLN D 15 -61.06 -39.91 -10.17
N ILE D 16 -59.75 -40.17 -10.00
CA ILE D 16 -58.91 -39.43 -9.08
C ILE D 16 -58.66 -38.00 -9.55
N GLY D 17 -58.56 -37.83 -10.86
CA GLY D 17 -58.32 -36.53 -11.47
C GLY D 17 -59.46 -35.57 -11.22
N ALA D 18 -60.68 -36.06 -11.47
CA ALA D 18 -61.89 -35.29 -11.29
C ALA D 18 -61.94 -34.79 -9.84
N LYS D 19 -61.79 -35.71 -8.84
CA LYS D 19 -61.81 -35.30 -7.44
C LYS D 19 -60.75 -34.27 -7.12
N PHE D 20 -59.48 -34.49 -7.60
CA PHE D 20 -58.40 -33.52 -7.42
C PHE D 20 -58.93 -32.17 -7.91
N TRP D 21 -59.43 -32.13 -9.16
CA TRP D 21 -59.97 -30.90 -9.72
C TRP D 21 -61.10 -30.31 -8.89
N GLU D 22 -61.99 -31.15 -8.29
CA GLU D 22 -63.08 -30.67 -7.42
C GLU D 22 -62.50 -30.02 -6.16
N VAL D 23 -61.50 -30.70 -5.55
CA VAL D 23 -60.81 -30.29 -4.33
C VAL D 23 -60.12 -28.96 -4.50
N ILE D 24 -59.25 -28.86 -5.52
CA ILE D 24 -58.43 -27.69 -5.81
C ILE D 24 -59.16 -26.50 -6.41
N SER D 25 -60.37 -26.73 -6.94
CA SER D 25 -61.14 -25.61 -7.45
C SER D 25 -61.79 -24.96 -6.24
N ASP D 26 -62.38 -25.78 -5.36
CA ASP D 26 -62.94 -25.30 -4.10
C ASP D 26 -61.85 -24.59 -3.29
N GLU D 27 -60.67 -25.25 -3.14
CA GLU D 27 -59.49 -24.72 -2.45
C GLU D 27 -59.12 -23.35 -2.98
N HIS D 28 -59.38 -23.11 -4.30
CA HIS D 28 -59.08 -21.87 -4.99
C HIS D 28 -60.29 -20.98 -5.18
N GLY D 29 -61.42 -21.42 -4.67
CA GLY D 29 -62.67 -20.68 -4.79
C GLY D 29 -63.07 -20.49 -6.23
N ILE D 30 -63.56 -21.60 -6.85
CA ILE D 30 -64.05 -21.69 -8.24
C ILE D 30 -65.30 -22.57 -8.18
N ASP D 31 -66.36 -22.15 -8.92
CA ASP D 31 -67.66 -22.84 -9.00
C ASP D 31 -67.67 -23.83 -10.18
N PRO D 32 -68.59 -24.82 -10.23
CA PRO D 32 -68.61 -25.78 -11.35
C PRO D 32 -68.57 -25.19 -12.75
N THR D 33 -69.07 -23.95 -12.90
CA THR D 33 -69.13 -23.21 -14.15
C THR D 33 -67.73 -22.79 -14.56
N GLY D 34 -66.97 -22.26 -13.60
CA GLY D 34 -65.59 -21.82 -13.80
C GLY D 34 -65.30 -20.36 -13.51
N SER D 35 -66.15 -19.72 -12.69
CA SER D 35 -66.00 -18.31 -12.31
C SER D 35 -65.55 -18.19 -10.85
N TYR D 36 -64.51 -17.38 -10.60
CA TYR D 36 -63.97 -17.15 -9.26
C TYR D 36 -65.00 -16.51 -8.31
N HIS D 37 -64.85 -16.74 -6.99
CA HIS D 37 -65.72 -16.15 -5.95
C HIS D 37 -65.05 -15.98 -4.58
N GLY D 38 -63.85 -16.56 -4.40
CA GLY D 38 -63.09 -16.53 -3.16
C GLY D 38 -62.78 -15.16 -2.59
N ASP D 39 -62.63 -15.06 -1.27
CA ASP D 39 -62.34 -13.78 -0.62
C ASP D 39 -60.87 -13.37 -0.66
N SER D 40 -59.95 -14.29 -0.27
CA SER D 40 -58.49 -14.06 -0.26
C SER D 40 -57.92 -14.04 -1.67
N ASP D 41 -57.08 -13.05 -1.97
CA ASP D 41 -56.51 -12.96 -3.31
C ASP D 41 -55.19 -13.73 -3.48
N LEU D 42 -54.94 -14.66 -2.55
CA LEU D 42 -53.80 -15.57 -2.54
C LEU D 42 -54.19 -16.81 -3.33
N GLN D 43 -55.53 -17.03 -3.47
CA GLN D 43 -56.16 -18.10 -4.24
C GLN D 43 -55.80 -17.85 -5.72
N LEU D 44 -55.84 -16.58 -6.16
CA LEU D 44 -55.51 -16.18 -7.52
C LEU D 44 -54.00 -16.03 -7.74
N GLU D 45 -53.21 -16.05 -6.65
CA GLU D 45 -51.76 -15.87 -6.70
C GLU D 45 -51.06 -16.79 -7.72
N ARG D 46 -50.86 -18.07 -7.38
CA ARG D 46 -50.22 -19.01 -8.31
C ARG D 46 -51.28 -19.85 -9.09
N ILE D 47 -52.42 -19.24 -9.48
CA ILE D 47 -53.49 -19.95 -10.21
C ILE D 47 -53.08 -20.37 -11.61
N ASN D 48 -52.15 -19.60 -12.20
CA ASN D 48 -51.55 -19.77 -13.53
C ASN D 48 -50.97 -21.21 -13.73
N VAL D 49 -50.62 -21.89 -12.62
CA VAL D 49 -50.01 -23.23 -12.60
C VAL D 49 -50.92 -24.28 -13.24
N TYR D 50 -52.02 -24.62 -12.59
CA TYR D 50 -52.99 -25.63 -13.04
C TYR D 50 -54.16 -25.07 -13.84
N TYR D 51 -54.28 -23.72 -13.92
CA TYR D 51 -55.41 -23.09 -14.59
C TYR D 51 -55.12 -22.16 -15.75
N ASN D 52 -56.16 -21.99 -16.59
CA ASN D 52 -56.14 -21.12 -17.76
C ASN D 52 -57.12 -19.97 -17.59
N GLU D 53 -56.62 -18.76 -17.90
CA GLU D 53 -57.34 -17.47 -17.86
C GLU D 53 -58.21 -17.40 -19.10
N ALA D 54 -59.51 -17.14 -18.94
CA ALA D 54 -60.36 -17.06 -20.11
C ALA D 54 -61.23 -15.79 -20.17
N THR D 55 -62.15 -15.77 -21.16
CA THR D 55 -63.13 -14.72 -21.44
C THR D 55 -64.16 -14.71 -20.28
N GLY D 56 -64.54 -13.52 -19.86
CA GLY D 56 -65.44 -13.31 -18.74
C GLY D 56 -64.66 -13.51 -17.44
N ASN D 57 -63.31 -13.37 -17.55
CA ASN D 57 -62.29 -13.53 -16.51
C ASN D 57 -62.34 -14.93 -15.86
N LYS D 58 -63.08 -15.87 -16.51
CA LYS D 58 -63.31 -17.26 -16.13
C LYS D 58 -62.05 -18.12 -16.21
N TYR D 59 -62.01 -19.20 -15.42
CA TYR D 59 -60.88 -20.12 -15.34
C TYR D 59 -61.19 -21.53 -15.78
N VAL D 60 -60.23 -22.13 -16.47
CA VAL D 60 -60.40 -23.48 -16.94
C VAL D 60 -59.17 -24.33 -16.59
N PRO D 61 -59.37 -25.43 -15.83
CA PRO D 61 -58.27 -26.33 -15.53
C PRO D 61 -57.48 -26.77 -16.77
N ARG D 62 -56.16 -26.74 -16.66
CA ARG D 62 -55.26 -27.16 -17.70
C ARG D 62 -55.11 -28.68 -17.50
N ALA D 63 -55.97 -29.47 -18.18
CA ALA D 63 -55.97 -30.92 -18.09
C ALA D 63 -56.52 -31.57 -19.34
N ILE D 64 -55.87 -32.68 -19.76
CA ILE D 64 -56.24 -33.51 -20.91
C ILE D 64 -56.93 -34.79 -20.41
N LEU D 65 -58.21 -34.94 -20.73
CA LEU D 65 -58.95 -36.10 -20.25
C LEU D 65 -58.83 -37.27 -21.25
N VAL D 66 -58.08 -38.34 -20.88
CA VAL D 66 -57.82 -39.49 -21.78
C VAL D 66 -58.20 -40.88 -21.28
N ASP D 67 -58.97 -41.63 -22.12
CA ASP D 67 -59.42 -43.01 -21.89
C ASP D 67 -59.91 -43.62 -23.21
N LEU D 68 -59.89 -44.95 -23.28
CA LEU D 68 -60.28 -45.72 -24.46
C LEU D 68 -61.71 -46.32 -24.27
N GLU D 69 -62.61 -45.55 -23.64
CA GLU D 69 -63.99 -45.92 -23.33
C GLU D 69 -64.77 -44.69 -22.86
N PRO D 70 -65.95 -44.39 -23.43
CA PRO D 70 -66.71 -43.23 -22.96
C PRO D 70 -67.18 -43.31 -21.52
N GLY D 71 -67.27 -44.53 -20.97
CA GLY D 71 -67.71 -44.84 -19.61
C GLY D 71 -67.51 -43.76 -18.54
N THR D 72 -66.30 -43.72 -17.93
CA THR D 72 -65.93 -42.75 -16.89
C THR D 72 -65.96 -41.33 -17.46
N MET D 73 -65.52 -41.19 -18.73
CA MET D 73 -65.49 -39.94 -19.49
C MET D 73 -66.82 -39.21 -19.42
N ASP D 74 -67.90 -39.98 -19.53
CA ASP D 74 -69.24 -39.44 -19.51
C ASP D 74 -69.69 -39.21 -18.08
N SER D 75 -69.32 -40.10 -17.16
CA SER D 75 -69.63 -39.96 -15.73
C SER D 75 -69.06 -38.63 -15.19
N VAL D 76 -67.91 -38.22 -15.73
CA VAL D 76 -67.22 -36.99 -15.36
C VAL D 76 -68.01 -35.76 -15.81
N ARG D 77 -68.42 -35.74 -17.11
CA ARG D 77 -69.19 -34.67 -17.75
C ARG D 77 -70.49 -34.40 -16.99
N SER D 78 -71.22 -35.49 -16.68
CA SER D 78 -72.48 -35.49 -15.94
C SER D 78 -72.18 -35.60 -14.42
N GLY D 79 -71.07 -35.01 -14.04
CA GLY D 79 -70.59 -34.97 -12.67
C GLY D 79 -70.66 -33.56 -12.11
N PRO D 80 -70.06 -33.35 -10.90
CA PRO D 80 -70.12 -32.02 -10.26
C PRO D 80 -69.52 -30.86 -11.07
N PHE D 81 -68.22 -30.93 -11.37
CA PHE D 81 -67.53 -29.86 -12.07
C PHE D 81 -67.56 -29.95 -13.59
N GLY D 82 -67.70 -31.18 -14.09
CA GLY D 82 -67.81 -31.56 -15.51
C GLY D 82 -67.73 -30.50 -16.58
N GLN D 83 -68.57 -29.44 -16.49
CA GLN D 83 -68.62 -28.36 -17.49
C GLN D 83 -67.38 -27.44 -17.47
N ILE D 84 -66.68 -27.38 -16.30
CA ILE D 84 -65.47 -26.59 -16.04
C ILE D 84 -64.28 -26.92 -16.95
N PHE D 85 -64.21 -28.20 -17.41
CA PHE D 85 -63.18 -28.73 -18.30
C PHE D 85 -63.50 -28.34 -19.73
N ARG D 86 -62.44 -28.09 -20.54
CA ARG D 86 -62.54 -27.77 -21.95
C ARG D 86 -62.87 -29.08 -22.69
N PRO D 87 -64.10 -29.22 -23.27
CA PRO D 87 -64.50 -30.49 -23.90
C PRO D 87 -63.68 -30.94 -25.10
N ASP D 88 -62.88 -30.03 -25.67
CA ASP D 88 -61.97 -30.25 -26.79
C ASP D 88 -60.78 -31.12 -26.33
N ASN D 89 -60.48 -31.10 -25.01
CA ASN D 89 -59.40 -31.84 -24.36
C ASN D 89 -59.74 -33.31 -24.15
N PHE D 90 -61.02 -33.66 -24.07
CA PHE D 90 -61.50 -35.02 -23.87
C PHE D 90 -61.12 -35.87 -25.10
N VAL D 91 -60.16 -36.79 -24.95
CA VAL D 91 -59.66 -37.64 -26.04
C VAL D 91 -60.09 -39.05 -25.67
N PHE D 92 -61.31 -39.39 -26.09
CA PHE D 92 -61.94 -40.65 -25.69
C PHE D 92 -62.37 -41.60 -26.80
N GLY D 93 -61.61 -42.69 -26.96
CA GLY D 93 -61.92 -43.75 -27.91
C GLY D 93 -63.03 -44.64 -27.38
N GLN D 94 -63.45 -45.64 -28.16
CA GLN D 94 -64.52 -46.56 -27.75
C GLN D 94 -64.03 -48.01 -27.71
N SER D 95 -62.73 -48.19 -27.96
CA SER D 95 -62.03 -49.47 -27.98
C SER D 95 -62.22 -50.27 -26.70
N GLY D 96 -61.64 -49.76 -25.61
CA GLY D 96 -61.65 -50.41 -24.31
C GLY D 96 -60.43 -51.31 -24.23
N ALA D 97 -59.38 -50.85 -23.50
CA ALA D 97 -58.11 -51.56 -23.27
C ALA D 97 -58.31 -52.82 -22.47
N GLY D 98 -59.44 -52.88 -21.78
CA GLY D 98 -59.89 -54.03 -21.00
C GLY D 98 -58.88 -54.60 -20.05
N ASN D 99 -58.34 -53.72 -19.16
CA ASN D 99 -57.37 -54.08 -18.11
C ASN D 99 -56.21 -54.91 -18.71
N ASN D 100 -55.75 -54.48 -19.89
CA ASN D 100 -54.68 -55.10 -20.66
C ASN D 100 -53.68 -54.04 -21.10
N TRP D 101 -52.44 -54.13 -20.55
CA TRP D 101 -51.31 -53.22 -20.79
C TRP D 101 -50.94 -53.10 -22.27
N ALA D 102 -50.87 -54.26 -22.98
CA ALA D 102 -50.57 -54.37 -24.43
C ALA D 102 -51.62 -53.63 -25.29
N LYS D 103 -52.90 -53.69 -24.90
CA LYS D 103 -53.98 -52.98 -25.60
C LYS D 103 -53.81 -51.45 -25.47
N GLY D 104 -53.28 -51.01 -24.32
CA GLY D 104 -53.04 -49.59 -24.02
C GLY D 104 -51.75 -49.03 -24.56
N HIS D 105 -50.63 -49.65 -24.17
CA HIS D 105 -49.27 -49.25 -24.57
C HIS D 105 -49.03 -49.47 -26.06
N TYR D 106 -49.33 -50.68 -26.57
CA TYR D 106 -49.08 -50.95 -27.97
C TYR D 106 -50.20 -50.66 -28.94
N THR D 107 -51.19 -51.54 -29.01
CA THR D 107 -52.25 -51.56 -30.00
C THR D 107 -53.31 -50.51 -29.99
N GLU D 108 -54.40 -50.76 -29.27
CA GLU D 108 -55.59 -49.91 -29.21
C GLU D 108 -55.33 -48.50 -28.67
N GLY D 109 -54.31 -48.37 -27.83
CA GLY D 109 -53.91 -47.09 -27.23
C GLY D 109 -53.22 -46.20 -28.23
N ALA D 110 -52.11 -46.69 -28.83
CA ALA D 110 -51.31 -45.97 -29.82
C ALA D 110 -52.13 -45.20 -30.85
N GLU D 111 -53.18 -45.82 -31.41
CA GLU D 111 -54.04 -45.17 -32.42
C GLU D 111 -54.55 -43.79 -31.92
N LEU D 112 -54.99 -43.76 -30.63
CA LEU D 112 -55.45 -42.55 -29.97
C LEU D 112 -54.28 -41.67 -29.47
N VAL D 113 -53.12 -42.26 -29.07
CA VAL D 113 -51.98 -41.48 -28.58
C VAL D 113 -51.67 -40.23 -29.35
N ASP D 114 -51.68 -40.28 -30.69
CA ASP D 114 -51.34 -39.10 -31.47
C ASP D 114 -52.35 -38.00 -31.42
N SER D 115 -53.60 -38.37 -31.18
CA SER D 115 -54.69 -37.40 -31.03
C SER D 115 -54.52 -36.67 -29.69
N VAL D 116 -54.10 -37.43 -28.67
CA VAL D 116 -53.86 -36.97 -27.29
C VAL D 116 -52.79 -35.90 -27.32
N LEU D 117 -51.66 -36.23 -27.95
CA LEU D 117 -50.49 -35.37 -28.08
C LEU D 117 -50.87 -34.07 -28.73
N ASP D 118 -51.70 -34.11 -29.79
CA ASP D 118 -52.16 -32.91 -30.46
C ASP D 118 -52.66 -31.86 -29.46
N VAL D 119 -53.40 -32.31 -28.41
CA VAL D 119 -53.96 -31.50 -27.31
C VAL D 119 -52.89 -31.04 -26.31
N VAL D 120 -51.91 -31.93 -26.02
CA VAL D 120 -50.82 -31.63 -25.09
C VAL D 120 -49.96 -30.53 -25.72
N ARG D 121 -49.67 -30.68 -27.03
CA ARG D 121 -48.89 -29.73 -27.82
C ARG D 121 -49.61 -28.40 -27.88
N LYS D 122 -50.94 -28.40 -27.68
CA LYS D 122 -51.70 -27.16 -27.68
C LYS D 122 -51.54 -26.48 -26.30
N GLU D 123 -51.82 -27.23 -25.21
CA GLU D 123 -51.74 -26.74 -23.82
C GLU D 123 -50.33 -26.31 -23.38
N SER D 124 -49.30 -26.95 -23.96
CA SER D 124 -47.90 -26.63 -23.76
C SER D 124 -47.60 -25.33 -24.46
N GLU D 125 -48.21 -25.10 -25.64
CA GLU D 125 -47.95 -23.89 -26.41
C GLU D 125 -48.36 -22.62 -25.70
N SER D 126 -49.64 -22.53 -25.31
CA SER D 126 -50.17 -21.41 -24.52
C SER D 126 -49.65 -21.55 -23.05
N CYS D 127 -48.34 -21.20 -22.83
CA CYS D 127 -47.63 -21.30 -21.53
C CYS D 127 -46.48 -20.28 -21.42
N ASP D 128 -46.52 -19.35 -20.42
CA ASP D 128 -45.45 -18.38 -20.13
C ASP D 128 -44.16 -19.21 -19.84
N CYS D 129 -44.27 -20.20 -18.93
CA CYS D 129 -43.25 -21.18 -18.63
C CYS D 129 -43.83 -22.47 -18.11
N LEU D 130 -43.93 -23.47 -19.02
CA LEU D 130 -44.36 -24.85 -18.72
C LEU D 130 -43.28 -25.48 -17.83
N GLN D 131 -43.69 -25.88 -16.62
CA GLN D 131 -42.87 -26.47 -15.58
C GLN D 131 -42.60 -27.94 -15.88
N GLY D 132 -43.68 -28.70 -16.06
CA GLY D 132 -43.71 -30.13 -16.34
C GLY D 132 -45.13 -30.71 -16.39
N PHE D 133 -45.22 -32.03 -16.63
CA PHE D 133 -46.50 -32.73 -16.75
C PHE D 133 -46.88 -33.54 -15.50
N GLN D 134 -48.19 -33.71 -15.31
CA GLN D 134 -48.74 -34.42 -14.17
C GLN D 134 -49.75 -35.47 -14.62
N LEU D 135 -49.45 -36.75 -14.35
CA LEU D 135 -50.30 -37.90 -14.69
C LEU D 135 -50.95 -38.58 -13.47
N THR D 136 -52.27 -38.83 -13.59
CA THR D 136 -53.03 -39.54 -12.57
C THR D 136 -53.50 -40.83 -13.24
N HIS D 137 -53.01 -42.00 -12.80
CA HIS D 137 -53.36 -43.26 -13.46
C HIS D 137 -53.32 -44.55 -12.60
N SER D 138 -54.20 -45.51 -12.97
CA SER D 138 -54.34 -46.84 -12.37
C SER D 138 -53.19 -47.72 -12.85
N LEU D 139 -52.38 -48.26 -11.95
CA LEU D 139 -51.29 -49.13 -12.38
C LEU D 139 -51.73 -50.56 -12.79
N GLY D 140 -52.97 -50.96 -12.45
CA GLY D 140 -53.51 -52.28 -12.78
C GLY D 140 -54.40 -52.40 -14.01
N GLY D 141 -54.91 -51.28 -14.53
CA GLY D 141 -55.79 -51.24 -15.69
C GLY D 141 -55.06 -51.21 -16.99
N GLY D 142 -55.79 -51.14 -18.07
CA GLY D 142 -55.20 -51.14 -19.41
C GLY D 142 -54.73 -49.79 -19.92
N THR D 143 -55.66 -48.81 -19.97
CA THR D 143 -55.53 -47.43 -20.41
C THR D 143 -54.65 -46.56 -19.50
N GLY D 144 -54.86 -46.68 -18.18
CA GLY D 144 -54.10 -45.97 -17.16
C GLY D 144 -52.64 -46.37 -17.13
N SER D 145 -52.38 -47.64 -16.92
CA SER D 145 -51.04 -48.18 -16.86
C SER D 145 -50.37 -48.35 -18.23
N GLY D 146 -51.14 -48.73 -19.24
CA GLY D 146 -50.62 -48.95 -20.59
C GLY D 146 -50.44 -47.66 -21.36
N MET D 147 -51.56 -47.15 -21.87
CA MET D 147 -51.58 -45.91 -22.64
C MET D 147 -51.02 -44.72 -21.85
N GLY D 148 -51.18 -44.75 -20.53
CA GLY D 148 -50.65 -43.73 -19.63
C GLY D 148 -49.15 -43.59 -19.72
N THR D 149 -48.45 -44.74 -19.66
CA THR D 149 -46.98 -44.86 -19.77
C THR D 149 -46.53 -44.74 -21.22
N LEU D 150 -47.45 -45.04 -22.16
CA LEU D 150 -47.19 -44.86 -23.57
C LEU D 150 -47.10 -43.34 -23.80
N LEU D 151 -48.07 -42.60 -23.24
CA LEU D 151 -48.16 -41.13 -23.27
C LEU D 151 -46.93 -40.45 -22.65
N ILE D 152 -46.45 -41.00 -21.52
CA ILE D 152 -45.28 -40.49 -20.81
C ILE D 152 -44.18 -40.53 -21.81
N SER D 153 -43.75 -41.75 -22.24
CA SER D 153 -42.68 -41.93 -23.21
CA SER D 153 -42.69 -41.97 -23.23
C SER D 153 -42.78 -41.01 -24.44
N LYS D 154 -43.97 -40.84 -25.01
CA LYS D 154 -44.12 -39.96 -26.16
C LYS D 154 -43.95 -38.49 -25.77
N ILE D 155 -44.48 -38.07 -24.58
CA ILE D 155 -44.32 -36.70 -24.04
C ILE D 155 -42.85 -36.44 -23.70
N ARG D 156 -42.19 -37.47 -23.12
CA ARG D 156 -40.79 -37.50 -22.74
C ARG D 156 -39.87 -37.30 -23.97
N GLU D 157 -40.34 -37.68 -25.17
CA GLU D 157 -39.55 -37.50 -26.39
C GLU D 157 -39.58 -36.04 -26.69
N GLU D 158 -40.79 -35.49 -26.88
CA GLU D 158 -41.08 -34.10 -27.22
C GLU D 158 -40.51 -33.05 -26.24
N TYR D 159 -40.53 -33.35 -24.94
CA TYR D 159 -40.13 -32.36 -23.94
C TYR D 159 -39.26 -33.04 -22.93
N PRO D 160 -37.99 -33.35 -23.25
CA PRO D 160 -37.14 -34.02 -22.24
C PRO D 160 -36.75 -33.09 -21.09
N ASP D 161 -36.71 -31.78 -21.37
CA ASP D 161 -36.43 -30.65 -20.47
C ASP D 161 -37.53 -30.36 -19.39
N ARG D 162 -38.67 -31.04 -19.44
CA ARG D 162 -39.78 -30.80 -18.50
C ARG D 162 -39.95 -31.93 -17.49
N ILE D 163 -40.31 -31.56 -16.24
CA ILE D 163 -40.50 -32.49 -15.12
C ILE D 163 -41.67 -33.45 -15.38
N MET D 164 -41.42 -34.75 -15.21
CA MET D 164 -42.47 -35.74 -15.39
C MET D 164 -42.86 -36.25 -14.03
N ASN D 165 -44.06 -35.91 -13.63
CA ASN D 165 -44.58 -36.26 -12.33
C ASN D 165 -45.78 -37.18 -12.52
N THR D 166 -45.88 -38.31 -11.74
CA THR D 166 -47.06 -39.22 -11.76
C THR D 166 -47.69 -39.52 -10.40
N PHE D 167 -49.01 -39.80 -10.42
CA PHE D 167 -49.79 -40.22 -9.25
C PHE D 167 -50.20 -41.64 -9.57
N SER D 168 -49.32 -42.60 -9.26
CA SER D 168 -49.52 -43.99 -9.65
C SER D 168 -50.13 -44.84 -8.59
N VAL D 169 -51.40 -45.21 -8.78
CA VAL D 169 -52.14 -46.01 -7.84
C VAL D 169 -51.95 -47.52 -8.00
N MET D 170 -51.06 -48.07 -7.15
CA MET D 170 -50.62 -49.47 -7.07
C MET D 170 -51.77 -50.37 -6.67
N PRO D 171 -52.02 -51.47 -7.43
CA PRO D 171 -53.17 -52.34 -7.14
C PRO D 171 -53.06 -53.16 -5.84
N SER D 172 -54.20 -53.69 -5.42
CA SER D 172 -54.25 -54.54 -4.26
C SER D 172 -55.19 -55.73 -4.52
N PRO D 173 -54.78 -56.96 -4.14
CA PRO D 173 -55.69 -58.12 -4.31
C PRO D 173 -56.96 -57.96 -3.47
N LYS D 174 -56.84 -57.09 -2.43
CA LYS D 174 -57.83 -56.69 -1.43
C LYS D 174 -58.82 -55.75 -2.03
N VAL D 175 -58.54 -55.18 -3.21
CA VAL D 175 -59.49 -54.27 -3.85
C VAL D 175 -59.94 -54.69 -5.27
N SER D 176 -59.32 -55.74 -5.84
CA SER D 176 -59.62 -56.21 -7.20
C SER D 176 -59.32 -57.68 -7.47
N ASP D 177 -60.18 -58.29 -8.31
CA ASP D 177 -60.13 -59.69 -8.78
C ASP D 177 -59.66 -59.82 -10.22
N THR D 178 -59.18 -58.69 -10.86
CA THR D 178 -58.62 -58.76 -12.21
C THR D 178 -57.30 -59.40 -11.93
N VAL D 179 -57.22 -60.68 -12.26
CA VAL D 179 -56.11 -61.58 -12.00
C VAL D 179 -54.80 -61.13 -12.61
N VAL D 180 -54.85 -60.46 -13.78
CA VAL D 180 -53.71 -59.97 -14.54
C VAL D 180 -53.09 -58.71 -13.94
N GLU D 181 -53.78 -58.01 -13.04
CA GLU D 181 -53.25 -56.80 -12.43
C GLU D 181 -51.77 -56.77 -12.13
N PRO D 182 -51.11 -57.80 -11.50
CA PRO D 182 -49.64 -57.71 -11.30
C PRO D 182 -48.80 -57.68 -12.58
N TYR D 183 -49.38 -58.11 -13.72
CA TYR D 183 -48.74 -58.08 -15.03
C TYR D 183 -48.64 -56.62 -15.47
N ASN D 184 -49.81 -55.91 -15.49
CA ASN D 184 -49.96 -54.49 -15.86
C ASN D 184 -49.23 -53.58 -14.87
N ALA D 185 -49.19 -53.97 -13.59
CA ALA D 185 -48.49 -53.28 -12.54
C ALA D 185 -47.00 -53.27 -12.86
N THR D 186 -46.33 -54.46 -12.89
CA THR D 186 -44.89 -54.65 -13.16
C THR D 186 -44.41 -53.98 -14.46
N LEU D 187 -45.20 -54.10 -15.54
CA LEU D 187 -44.84 -53.50 -16.82
C LEU D 187 -44.83 -51.98 -16.72
N SER D 188 -45.78 -51.39 -15.98
CA SER D 188 -45.88 -49.95 -15.80
C SER D 188 -44.78 -49.39 -14.93
N VAL D 189 -44.34 -50.16 -13.92
CA VAL D 189 -43.28 -49.77 -12.99
C VAL D 189 -41.96 -49.61 -13.80
N HIS D 190 -41.73 -50.52 -14.78
CA HIS D 190 -40.60 -50.58 -15.71
C HIS D 190 -40.42 -49.26 -16.44
N GLN D 191 -41.53 -48.69 -16.89
CA GLN D 191 -41.62 -47.42 -17.58
C GLN D 191 -41.36 -46.24 -16.63
N LEU D 192 -41.95 -46.32 -15.42
CA LEU D 192 -41.88 -45.31 -14.37
C LEU D 192 -40.47 -45.13 -13.83
N VAL D 193 -39.79 -46.24 -13.56
CA VAL D 193 -38.41 -46.24 -13.10
C VAL D 193 -37.49 -45.60 -14.17
N GLU D 194 -37.98 -45.50 -15.44
CA GLU D 194 -37.25 -44.99 -16.60
C GLU D 194 -37.63 -43.62 -17.12
N ASN D 195 -38.89 -43.19 -17.00
CA ASN D 195 -39.24 -41.89 -17.61
C ASN D 195 -40.08 -40.87 -16.80
N THR D 196 -39.99 -40.90 -15.49
CA THR D 196 -40.72 -39.93 -14.68
C THR D 196 -39.76 -39.42 -13.64
N ASP D 197 -39.75 -38.09 -13.41
CA ASP D 197 -38.88 -37.42 -12.43
C ASP D 197 -39.21 -37.82 -11.00
N GLU D 198 -40.52 -37.78 -10.65
CA GLU D 198 -41.04 -38.24 -9.36
C GLU D 198 -42.41 -38.87 -9.50
N THR D 199 -42.69 -39.85 -8.65
CA THR D 199 -43.93 -40.63 -8.65
C THR D 199 -44.41 -40.76 -7.19
N TYR D 200 -45.69 -40.42 -6.94
CA TYR D 200 -46.30 -40.56 -5.60
C TYR D 200 -47.08 -41.84 -5.63
N SER D 201 -46.64 -42.83 -4.83
CA SER D 201 -47.18 -44.17 -4.79
C SER D 201 -48.46 -44.34 -3.93
N ILE D 202 -49.62 -44.13 -4.55
CA ILE D 202 -50.95 -44.24 -3.95
C ILE D 202 -51.29 -45.72 -4.00
N ASP D 203 -51.07 -46.42 -2.92
CA ASP D 203 -51.35 -47.84 -3.01
C ASP D 203 -52.73 -48.27 -2.51
N ASN D 204 -53.53 -48.83 -3.42
CA ASN D 204 -54.85 -49.34 -3.11
C ASN D 204 -54.92 -50.26 -1.88
N GLU D 205 -53.80 -50.85 -1.42
CA GLU D 205 -53.86 -51.69 -0.21
C GLU D 205 -54.05 -50.82 1.02
N ALA D 206 -53.21 -49.79 1.16
CA ALA D 206 -53.25 -48.84 2.26
C ALA D 206 -54.58 -48.08 2.27
N LEU D 207 -54.97 -47.55 1.10
CA LEU D 207 -56.23 -46.84 0.88
C LEU D 207 -57.39 -47.63 1.48
N TYR D 208 -57.42 -48.97 1.30
CA TYR D 208 -58.48 -49.83 1.82
C TYR D 208 -58.36 -50.00 3.31
N ASP D 209 -57.24 -50.53 3.76
CA ASP D 209 -57.00 -50.75 5.18
C ASP D 209 -57.26 -49.49 6.03
N ILE D 210 -56.96 -48.29 5.47
CA ILE D 210 -57.23 -47.01 6.13
C ILE D 210 -58.77 -46.93 6.28
N CYS D 211 -59.48 -46.91 5.13
CA CYS D 211 -60.94 -46.87 5.02
C CYS D 211 -61.63 -47.97 5.78
N PHE D 212 -60.89 -49.01 6.15
CA PHE D 212 -61.49 -50.14 6.81
C PHE D 212 -61.19 -50.22 8.30
N ARG D 213 -59.93 -50.43 8.63
CA ARG D 213 -59.46 -50.54 10.02
C ARG D 213 -59.58 -49.19 10.80
N THR D 214 -59.21 -48.05 10.16
CA THR D 214 -59.27 -46.72 10.78
C THR D 214 -60.64 -46.11 10.60
N LEU D 215 -61.01 -45.73 9.35
CA LEU D 215 -62.29 -45.09 9.03
C LEU D 215 -63.52 -45.97 9.35
N LYS D 216 -63.26 -47.25 9.63
CA LYS D 216 -64.21 -48.27 10.04
C LYS D 216 -65.38 -48.55 9.07
N LEU D 217 -65.31 -48.02 7.84
CA LEU D 217 -66.35 -48.27 6.82
C LEU D 217 -66.15 -49.71 6.35
N THR D 218 -67.11 -50.59 6.71
CA THR D 218 -67.10 -52.04 6.46
C THR D 218 -66.83 -52.41 5.00
N THR D 219 -67.62 -51.82 4.10
CA THR D 219 -67.51 -52.11 2.70
C THR D 219 -67.14 -50.81 2.01
N PRO D 220 -65.81 -50.51 1.98
CA PRO D 220 -65.40 -49.22 1.42
C PRO D 220 -65.67 -49.12 -0.07
N THR D 221 -66.30 -48.02 -0.46
CA THR D 221 -66.59 -47.67 -1.85
C THR D 221 -65.35 -46.97 -2.47
N TYR D 222 -65.37 -46.71 -3.78
CA TYR D 222 -64.24 -46.02 -4.40
C TYR D 222 -64.19 -44.62 -3.93
N GLY D 223 -65.37 -44.02 -3.79
CA GLY D 223 -65.54 -42.68 -3.25
C GLY D 223 -64.83 -42.52 -1.92
N ASP D 224 -64.94 -43.56 -1.09
CA ASP D 224 -64.28 -43.64 0.21
C ASP D 224 -62.75 -43.61 0.09
N LEU D 225 -62.19 -44.28 -0.95
CA LEU D 225 -60.74 -44.33 -1.23
C LEU D 225 -60.29 -43.05 -1.92
N ASN D 226 -60.85 -42.76 -3.10
CA ASN D 226 -60.59 -41.57 -3.92
C ASN D 226 -60.49 -40.30 -3.12
N HIS D 227 -61.30 -40.17 -2.06
CA HIS D 227 -61.26 -39.05 -1.13
C HIS D 227 -59.85 -38.93 -0.45
N LEU D 228 -59.33 -40.04 0.10
CA LEU D 228 -58.00 -40.03 0.69
C LEU D 228 -56.95 -39.67 -0.35
N VAL D 229 -57.10 -40.16 -1.59
CA VAL D 229 -56.16 -39.89 -2.69
C VAL D 229 -56.05 -38.38 -2.85
N SER D 230 -57.20 -37.71 -2.99
CA SER D 230 -57.26 -36.27 -3.18
C SER D 230 -56.77 -35.47 -1.96
N ALA D 231 -56.96 -36.01 -0.74
CA ALA D 231 -56.50 -35.36 0.49
C ALA D 231 -54.99 -35.18 0.44
N THR D 232 -54.28 -36.24 -0.02
CA THR D 232 -52.83 -36.24 -0.18
C THR D 232 -52.42 -35.46 -1.43
N MET D 233 -53.29 -35.44 -2.47
CA MET D 233 -52.99 -34.72 -3.71
C MET D 233 -53.06 -33.25 -3.55
N SER D 234 -53.95 -32.73 -2.69
CA SER D 234 -54.00 -31.29 -2.41
C SER D 234 -52.72 -31.00 -1.61
N GLY D 235 -52.48 -31.83 -0.59
CA GLY D 235 -51.32 -31.79 0.27
C GLY D 235 -49.99 -31.70 -0.47
N VAL D 236 -49.71 -32.67 -1.39
CA VAL D 236 -48.45 -32.70 -2.16
C VAL D 236 -48.29 -31.43 -3.01
N THR D 237 -49.37 -31.02 -3.68
CA THR D 237 -49.39 -29.85 -4.55
C THR D 237 -49.58 -28.51 -3.82
N THR D 238 -49.61 -28.54 -2.45
CA THR D 238 -49.85 -27.32 -1.67
C THR D 238 -48.95 -26.20 -2.00
N CYS D 239 -47.64 -26.33 -1.76
CA CYS D 239 -46.79 -25.20 -2.08
C CYS D 239 -46.59 -24.91 -3.56
N LEU D 240 -46.95 -25.88 -4.43
CA LEU D 240 -46.89 -25.68 -5.87
C LEU D 240 -47.96 -24.70 -6.26
N ARG D 241 -49.13 -24.74 -5.59
CA ARG D 241 -50.27 -23.87 -5.84
C ARG D 241 -50.26 -22.65 -4.94
N PHE D 242 -50.41 -22.87 -3.63
CA PHE D 242 -50.45 -21.79 -2.65
C PHE D 242 -49.12 -21.09 -2.38
N PRO D 243 -49.17 -19.75 -2.12
CA PRO D 243 -47.92 -19.03 -1.79
C PRO D 243 -47.33 -19.35 -0.42
N GLY D 244 -46.09 -18.90 -0.20
CA GLY D 244 -45.36 -19.11 1.05
C GLY D 244 -43.97 -18.54 0.99
N GLN D 245 -43.05 -19.10 1.78
CA GLN D 245 -41.64 -18.68 1.81
C GLN D 245 -40.93 -19.13 0.50
N LEU D 246 -41.11 -20.43 0.14
CA LEU D 246 -40.66 -21.01 -1.11
C LEU D 246 -41.91 -21.02 -2.06
N ASN D 247 -41.79 -20.96 -3.41
CA ASN D 247 -40.68 -21.13 -4.38
C ASN D 247 -40.27 -22.63 -4.48
N ALA D 248 -41.17 -23.61 -4.88
CA ALA D 248 -42.52 -23.69 -5.48
C ALA D 248 -42.34 -24.25 -6.87
N ASP D 249 -41.25 -25.01 -7.05
CA ASP D 249 -40.83 -25.61 -8.29
C ASP D 249 -40.84 -27.13 -8.20
N LEU D 250 -41.32 -27.80 -9.25
CA LEU D 250 -41.33 -29.25 -9.36
C LEU D 250 -39.88 -29.70 -9.37
N ARG D 251 -39.02 -28.99 -10.16
CA ARG D 251 -37.60 -29.24 -10.33
C ARG D 251 -36.82 -29.10 -9.04
N LYS D 252 -37.03 -28.00 -8.26
CA LYS D 252 -36.34 -27.79 -6.97
C LYS D 252 -36.65 -28.96 -6.03
N LEU D 253 -37.95 -29.36 -5.95
CA LEU D 253 -38.39 -30.52 -5.15
C LEU D 253 -37.65 -31.77 -5.60
N ALA D 254 -37.70 -32.08 -6.94
CA ALA D 254 -37.05 -33.23 -7.57
C ALA D 254 -35.57 -33.31 -7.18
N VAL D 255 -34.82 -32.21 -7.40
CA VAL D 255 -33.39 -32.11 -7.10
C VAL D 255 -33.12 -32.36 -5.60
N ASN D 256 -34.02 -31.88 -4.73
CA ASN D 256 -33.83 -32.11 -3.30
C ASN D 256 -34.29 -33.49 -2.82
N MET D 257 -35.40 -33.97 -3.35
CA MET D 257 -35.99 -35.24 -2.97
C MET D 257 -35.34 -36.47 -3.62
N VAL D 258 -34.75 -36.32 -4.82
CA VAL D 258 -34.18 -37.49 -5.51
C VAL D 258 -32.66 -37.60 -5.42
N PRO D 259 -32.10 -38.49 -4.56
CA PRO D 259 -30.64 -38.66 -4.54
C PRO D 259 -30.11 -39.53 -5.70
N PHE D 260 -30.86 -40.59 -6.07
CA PHE D 260 -30.52 -41.53 -7.15
C PHE D 260 -31.65 -41.58 -8.15
N PRO D 261 -31.35 -41.51 -9.46
CA PRO D 261 -32.42 -41.37 -10.46
C PRO D 261 -33.49 -42.44 -10.56
N ARG D 262 -33.18 -43.72 -10.38
CA ARG D 262 -34.21 -44.75 -10.48
C ARG D 262 -35.21 -44.60 -9.34
N LEU D 263 -34.69 -44.49 -8.09
CA LEU D 263 -35.41 -44.28 -6.81
C LEU D 263 -36.09 -42.88 -6.69
N HIS D 264 -37.35 -42.81 -7.10
CA HIS D 264 -38.13 -41.57 -7.09
C HIS D 264 -39.63 -41.84 -6.76
N PHE D 265 -39.87 -42.98 -6.10
CA PHE D 265 -41.21 -43.38 -5.70
C PHE D 265 -41.36 -42.89 -4.28
N PHE D 266 -42.37 -42.07 -4.06
CA PHE D 266 -42.60 -41.50 -2.75
C PHE D 266 -43.67 -42.24 -1.95
N MET D 267 -43.54 -42.19 -0.61
CA MET D 267 -44.51 -42.80 0.29
C MET D 267 -45.36 -41.65 0.78
N PRO D 268 -46.50 -41.40 0.12
CA PRO D 268 -47.36 -40.31 0.56
C PRO D 268 -48.07 -40.66 1.88
N GLY D 269 -48.17 -39.68 2.76
CA GLY D 269 -48.86 -39.85 4.05
C GLY D 269 -49.63 -38.59 4.35
N PHE D 270 -50.78 -38.69 5.05
CA PHE D 270 -51.54 -37.52 5.44
C PHE D 270 -52.13 -37.72 6.79
N ALA D 271 -52.28 -36.62 7.54
CA ALA D 271 -52.97 -36.61 8.84
C ALA D 271 -53.65 -35.25 8.96
N PRO D 272 -54.91 -35.19 9.45
CA PRO D 272 -55.76 -36.27 9.99
C PRO D 272 -56.52 -37.08 8.94
N LEU D 273 -56.65 -38.40 9.15
CA LEU D 273 -57.40 -39.22 8.21
C LEU D 273 -58.89 -38.98 8.43
N THR D 274 -59.64 -38.87 7.34
CA THR D 274 -61.07 -38.57 7.43
C THR D 274 -61.97 -39.40 6.54
N SER D 275 -63.19 -39.64 7.04
CA SER D 275 -64.25 -40.32 6.31
C SER D 275 -64.85 -39.29 5.32
N ARG D 276 -64.99 -39.69 4.04
CA ARG D 276 -65.50 -38.83 2.96
C ARG D 276 -66.74 -38.09 3.43
N GLY D 277 -66.75 -36.76 3.26
CA GLY D 277 -67.87 -35.90 3.61
C GLY D 277 -68.45 -36.02 5.00
N SER D 278 -67.59 -36.06 6.01
CA SER D 278 -68.00 -36.14 7.40
C SER D 278 -67.51 -34.87 8.13
N GLN D 279 -68.43 -34.11 8.81
CA GLN D 279 -68.01 -32.90 9.53
C GLN D 279 -67.10 -33.28 10.67
N GLN D 280 -65.95 -32.59 10.75
CA GLN D 280 -64.91 -32.76 11.78
C GLN D 280 -65.31 -31.94 13.02
N TYR D 281 -64.83 -32.36 14.21
CA TYR D 281 -65.16 -31.64 15.44
C TYR D 281 -63.92 -31.40 16.30
N ARG D 282 -63.39 -32.46 16.96
CA ARG D 282 -62.18 -32.36 17.80
C ARG D 282 -60.84 -32.21 17.01
N ALA D 283 -60.35 -30.95 16.92
CA ALA D 283 -59.12 -30.55 16.22
C ALA D 283 -57.87 -31.25 16.80
N LEU D 284 -56.78 -31.25 16.01
CA LEU D 284 -55.52 -31.88 16.39
C LEU D 284 -54.49 -30.89 16.90
N THR D 285 -53.66 -31.34 17.85
CA THR D 285 -52.55 -30.56 18.41
C THR D 285 -51.39 -30.67 17.43
N VAL D 286 -50.30 -29.93 17.65
CA VAL D 286 -49.14 -30.03 16.78
C VAL D 286 -48.44 -31.40 16.89
N PRO D 287 -48.14 -31.95 18.10
CA PRO D 287 -47.47 -33.25 18.15
C PRO D 287 -48.31 -34.40 17.61
N GLU D 288 -49.64 -34.28 17.65
CA GLU D 288 -50.52 -35.30 17.05
C GLU D 288 -50.21 -35.38 15.56
N LEU D 289 -50.31 -34.24 14.84
CA LEU D 289 -49.98 -34.18 13.42
C LEU D 289 -48.56 -34.69 13.11
N THR D 290 -47.55 -34.31 13.92
CA THR D 290 -46.15 -34.74 13.75
C THR D 290 -45.94 -36.24 13.96
N GLN D 291 -46.62 -36.82 14.97
CA GLN D 291 -46.52 -38.23 15.33
C GLN D 291 -47.28 -39.07 14.35
N GLN D 292 -48.52 -38.65 14.07
CA GLN D 292 -49.50 -39.28 13.18
C GLN D 292 -49.15 -39.07 11.70
N MET D 293 -47.93 -38.67 11.41
CA MET D 293 -47.51 -38.43 10.05
C MET D 293 -46.34 -39.32 9.72
N PHE D 294 -45.61 -39.75 10.74
CA PHE D 294 -44.52 -40.69 10.63
C PHE D 294 -45.03 -42.04 11.18
N ASP D 295 -46.35 -42.27 11.00
CA ASP D 295 -47.02 -43.50 11.42
C ASP D 295 -47.32 -44.29 10.18
N SER D 296 -46.94 -45.59 10.18
CA SER D 296 -47.15 -46.54 9.08
C SER D 296 -48.63 -46.57 8.76
N LYS D 297 -49.46 -46.31 9.80
CA LYS D 297 -50.91 -46.25 9.83
C LYS D 297 -51.51 -45.18 8.90
N ASN D 298 -50.72 -44.12 8.63
CA ASN D 298 -51.10 -42.97 7.82
C ASN D 298 -50.47 -42.93 6.43
N MET D 299 -49.67 -43.96 6.04
CA MET D 299 -48.95 -44.03 4.75
C MET D 299 -49.83 -44.56 3.64
N MET D 300 -49.94 -43.83 2.51
CA MET D 300 -50.75 -44.20 1.33
C MET D 300 -50.26 -45.42 0.60
N ALA D 301 -49.06 -45.87 0.92
CA ALA D 301 -48.47 -47.06 0.35
C ALA D 301 -48.24 -48.04 1.49
N ALA D 302 -48.90 -49.23 1.42
CA ALA D 302 -48.77 -50.31 2.41
C ALA D 302 -47.30 -50.91 2.51
N CYS D 303 -46.41 -50.15 3.22
CA CYS D 303 -45.00 -50.39 3.58
C CYS D 303 -44.79 -49.75 4.95
N ASP D 304 -43.85 -50.31 5.78
CA ASP D 304 -43.53 -49.77 7.09
C ASP D 304 -42.28 -48.90 7.08
N PRO D 305 -42.46 -47.57 7.24
CA PRO D 305 -41.31 -46.66 7.24
C PRO D 305 -40.20 -47.04 8.19
N ARG D 306 -40.55 -47.81 9.23
CA ARG D 306 -39.62 -48.24 10.27
C ARG D 306 -38.90 -49.48 9.83
N HIS D 307 -39.38 -50.10 8.76
CA HIS D 307 -38.74 -51.28 8.22
C HIS D 307 -37.55 -50.96 7.38
N GLY D 308 -37.56 -49.76 6.81
CA GLY D 308 -36.49 -49.21 5.98
C GLY D 308 -35.84 -47.99 6.62
N ARG D 309 -35.32 -47.10 5.75
CA ARG D 309 -34.61 -45.87 6.11
C ARG D 309 -34.97 -44.77 5.13
N TYR D 310 -35.27 -43.57 5.67
CA TYR D 310 -35.62 -42.42 4.88
C TYR D 310 -34.38 -41.80 4.30
N LEU D 311 -34.41 -41.55 2.99
CA LEU D 311 -33.33 -40.87 2.27
C LEU D 311 -33.62 -39.37 2.32
N THR D 312 -34.84 -38.99 1.92
CA THR D 312 -35.35 -37.62 1.93
C THR D 312 -36.79 -37.63 2.42
N VAL D 313 -37.18 -36.57 3.15
CA VAL D 313 -38.55 -36.34 3.64
C VAL D 313 -38.87 -34.87 3.51
N ALA D 314 -40.11 -34.57 3.08
CA ALA D 314 -40.68 -33.24 2.97
C ALA D 314 -42.06 -33.31 3.62
N ALA D 315 -42.24 -32.54 4.70
CA ALA D 315 -43.48 -32.52 5.48
C ALA D 315 -44.15 -31.15 5.35
N VAL D 316 -45.35 -31.10 4.74
CA VAL D 316 -46.15 -29.88 4.55
C VAL D 316 -47.35 -29.82 5.52
N PHE D 317 -47.25 -28.92 6.50
CA PHE D 317 -48.27 -28.68 7.50
C PHE D 317 -49.12 -27.54 6.95
N ARG D 318 -50.45 -27.63 7.07
CA ARG D 318 -51.35 -26.58 6.59
C ARG D 318 -52.18 -25.98 7.71
N GLY D 319 -52.69 -24.76 7.48
CA GLY D 319 -53.49 -24.04 8.46
C GLY D 319 -52.68 -23.47 9.61
N ARG D 320 -52.92 -22.16 9.94
CA ARG D 320 -52.23 -21.38 11.00
C ARG D 320 -51.92 -22.11 12.34
N MET D 321 -50.62 -22.25 12.67
CA MET D 321 -50.14 -22.91 13.88
C MET D 321 -48.72 -22.47 14.24
N SER D 322 -48.29 -22.72 15.49
CA SER D 322 -46.95 -22.30 15.91
C SER D 322 -45.82 -23.06 15.23
N MET D 323 -44.97 -22.33 14.49
CA MET D 323 -43.83 -22.96 13.84
C MET D 323 -42.83 -23.44 14.88
N LYS D 324 -42.74 -22.77 16.06
CA LYS D 324 -41.81 -23.21 17.09
C LYS D 324 -42.25 -24.56 17.62
N GLU D 325 -43.57 -24.72 17.85
CA GLU D 325 -44.19 -25.97 18.27
C GLU D 325 -43.91 -27.02 17.21
N VAL D 326 -44.01 -26.63 15.90
CA VAL D 326 -43.70 -27.46 14.74
C VAL D 326 -42.20 -27.85 14.74
N ASP D 327 -41.30 -26.86 14.65
CA ASP D 327 -39.85 -27.07 14.66
C ASP D 327 -39.39 -27.89 15.85
N GLU D 328 -40.06 -27.68 17.03
CA GLU D 328 -39.78 -28.39 18.30
C GLU D 328 -40.05 -29.87 18.14
N GLN D 329 -41.24 -30.17 17.56
CA GLN D 329 -41.74 -31.51 17.33
C GLN D 329 -41.03 -32.18 16.17
N MET D 330 -40.93 -31.47 15.03
CA MET D 330 -40.22 -31.98 13.86
C MET D 330 -38.85 -32.51 14.25
N LEU D 331 -38.17 -31.78 15.13
CA LEU D 331 -36.88 -32.20 15.58
C LEU D 331 -36.88 -33.26 16.64
N ASN D 332 -38.00 -33.42 17.36
CA ASN D 332 -38.12 -34.48 18.37
C ASN D 332 -38.05 -35.80 17.58
N VAL D 333 -38.98 -35.94 16.59
CA VAL D 333 -39.16 -37.08 15.70
C VAL D 333 -37.86 -37.57 15.04
N GLN D 334 -37.12 -36.67 14.37
CA GLN D 334 -35.88 -37.07 13.73
C GLN D 334 -34.77 -37.37 14.72
N ASN D 335 -34.71 -36.65 15.85
CA ASN D 335 -33.65 -36.89 16.85
C ASN D 335 -33.89 -38.15 17.67
N LYS D 336 -35.17 -38.59 17.78
CA LYS D 336 -35.53 -39.82 18.48
C LYS D 336 -35.36 -41.02 17.53
N ASN D 337 -36.11 -41.04 16.39
CA ASN D 337 -36.07 -42.08 15.35
C ASN D 337 -34.89 -41.94 14.37
N SER D 338 -33.74 -41.45 14.86
CA SER D 338 -32.49 -41.23 14.10
C SER D 338 -31.99 -42.43 13.28
N SER D 339 -32.33 -43.67 13.72
CA SER D 339 -31.96 -44.93 13.05
C SER D 339 -32.55 -45.01 11.64
N TYR D 340 -33.75 -44.40 11.41
CA TYR D 340 -34.46 -44.45 10.13
C TYR D 340 -34.16 -43.32 9.18
N PHE D 341 -33.08 -42.60 9.41
CA PHE D 341 -32.65 -41.53 8.54
C PHE D 341 -31.17 -41.71 8.16
N VAL D 342 -30.91 -41.76 6.84
CA VAL D 342 -29.57 -41.93 6.27
C VAL D 342 -28.64 -40.80 6.68
N GLU D 343 -27.54 -41.18 7.37
CA GLU D 343 -26.57 -40.23 7.90
C GLU D 343 -25.78 -39.51 6.79
N TRP D 344 -25.71 -40.18 5.62
CA TRP D 344 -25.01 -39.71 4.43
C TRP D 344 -25.78 -38.74 3.57
N ILE D 345 -26.95 -38.30 4.03
CA ILE D 345 -27.74 -37.24 3.41
C ILE D 345 -28.02 -36.17 4.48
N PRO D 346 -26.97 -35.39 4.90
CA PRO D 346 -27.16 -34.38 5.95
C PRO D 346 -28.40 -33.50 5.77
N ASN D 347 -29.16 -33.34 6.84
CA ASN D 347 -30.39 -32.53 6.86
C ASN D 347 -31.50 -33.00 5.86
N ASN D 348 -31.80 -34.32 5.89
CA ASN D 348 -32.78 -35.00 5.05
C ASN D 348 -34.24 -34.68 5.28
N VAL D 349 -34.57 -34.01 6.38
CA VAL D 349 -35.98 -33.67 6.59
C VAL D 349 -36.19 -32.17 6.41
N LYS D 350 -37.19 -31.77 5.60
CA LYS D 350 -37.52 -30.36 5.34
C LYS D 350 -39.02 -30.07 5.49
N THR D 351 -39.36 -29.03 6.28
CA THR D 351 -40.76 -28.67 6.56
C THR D 351 -41.25 -27.34 6.01
N ALA D 352 -42.43 -27.37 5.35
CA ALA D 352 -43.17 -26.23 4.78
C ALA D 352 -44.54 -26.02 5.50
N VAL D 353 -44.90 -24.77 5.76
CA VAL D 353 -46.15 -24.44 6.43
C VAL D 353 -47.05 -23.51 5.62
N CYS D 354 -48.28 -23.96 5.32
CA CYS D 354 -49.25 -23.12 4.61
C CYS D 354 -50.27 -22.67 5.67
N ASP D 355 -50.63 -21.39 5.61
CA ASP D 355 -51.62 -20.79 6.49
C ASP D 355 -53.02 -21.18 6.02
N ILE D 356 -53.18 -21.39 4.68
CA ILE D 356 -54.44 -21.80 4.06
C ILE D 356 -54.62 -23.30 4.27
N PRO D 357 -55.70 -23.72 4.99
CA PRO D 357 -55.92 -25.15 5.22
C PRO D 357 -56.95 -25.76 4.25
N PRO D 358 -57.16 -27.11 4.24
CA PRO D 358 -58.19 -27.67 3.36
C PRO D 358 -59.58 -27.55 3.98
N ARG D 359 -60.63 -27.56 3.13
CA ARG D 359 -62.03 -27.41 3.54
C ARG D 359 -62.41 -28.46 4.58
N GLY D 360 -62.92 -27.98 5.71
CA GLY D 360 -63.32 -28.84 6.83
C GLY D 360 -62.20 -29.21 7.79
N LEU D 361 -61.01 -28.65 7.58
CA LEU D 361 -59.89 -28.94 8.45
C LEU D 361 -59.27 -27.62 8.93
N LYS D 362 -59.07 -27.52 10.25
CA LYS D 362 -58.43 -26.36 10.89
C LYS D 362 -56.92 -26.57 10.82
N MET D 363 -56.50 -27.86 10.80
CA MET D 363 -55.10 -28.29 10.71
C MET D 363 -54.92 -29.65 10.04
N SER D 364 -54.05 -29.66 9.02
CA SER D 364 -53.67 -30.82 8.22
C SER D 364 -52.14 -30.85 8.06
N ALA D 365 -51.61 -32.01 7.68
CA ALA D 365 -50.18 -32.20 7.51
C ALA D 365 -49.95 -33.30 6.52
N THR D 366 -49.12 -33.02 5.51
CA THR D 366 -48.80 -33.99 4.48
C THR D 366 -47.40 -34.51 4.59
N PHE D 367 -47.21 -35.72 4.10
CA PHE D 367 -45.91 -36.35 4.14
C PHE D 367 -45.58 -36.92 2.80
N ILE D 368 -44.36 -36.60 2.35
CA ILE D 368 -43.73 -37.09 1.14
C ILE D 368 -42.43 -37.66 1.67
N GLY D 369 -42.13 -38.90 1.32
CA GLY D 369 -40.93 -39.52 1.81
C GLY D 369 -40.26 -40.46 0.84
N ASN D 370 -38.94 -40.46 0.86
CA ASN D 370 -38.17 -41.39 0.08
C ASN D 370 -37.59 -42.30 1.11
N SER D 371 -38.40 -43.28 1.55
CA SER D 371 -37.96 -44.31 2.49
C SER D 371 -37.67 -45.50 1.59
N THR D 372 -36.56 -46.23 1.84
CA THR D 372 -36.23 -47.47 1.10
C THR D 372 -37.37 -48.52 1.27
N ALA D 373 -38.08 -48.44 2.43
CA ALA D 373 -39.24 -49.24 2.83
C ALA D 373 -40.20 -49.47 1.68
N ILE D 374 -40.21 -48.59 0.68
CA ILE D 374 -41.08 -48.70 -0.50
C ILE D 374 -40.82 -49.98 -1.31
N GLN D 375 -39.68 -50.69 -1.04
CA GLN D 375 -39.39 -51.97 -1.68
C GLN D 375 -40.52 -53.00 -1.38
N GLU D 376 -41.05 -52.97 -0.14
CA GLU D 376 -42.14 -53.82 0.36
C GLU D 376 -43.35 -53.81 -0.59
N LEU D 377 -43.45 -52.76 -1.40
CA LEU D 377 -44.52 -52.53 -2.35
C LEU D 377 -44.24 -53.32 -3.59
N PHE D 378 -43.05 -53.09 -4.18
CA PHE D 378 -42.46 -53.71 -5.37
C PHE D 378 -42.31 -55.23 -5.18
N LYS D 379 -41.79 -55.61 -4.01
CA LYS D 379 -41.63 -57.01 -3.62
C LYS D 379 -43.00 -57.71 -3.75
N ARG D 380 -44.02 -57.16 -3.07
CA ARG D 380 -45.40 -57.63 -3.03
C ARG D 380 -45.87 -57.93 -4.45
N ILE D 381 -45.66 -56.97 -5.38
CA ILE D 381 -46.03 -57.12 -6.79
C ILE D 381 -45.23 -58.20 -7.49
N SER D 382 -43.88 -58.22 -7.29
CA SER D 382 -43.05 -59.24 -7.94
C SER D 382 -43.58 -60.62 -7.62
N GLU D 383 -43.78 -60.92 -6.33
CA GLU D 383 -44.32 -62.22 -5.92
C GLU D 383 -45.65 -62.50 -6.59
N GLN D 384 -46.56 -61.51 -6.59
CA GLN D 384 -47.88 -61.60 -7.21
C GLN D 384 -47.73 -61.99 -8.69
N PHE D 385 -46.78 -61.33 -9.40
CA PHE D 385 -46.43 -61.53 -10.81
C PHE D 385 -45.74 -62.89 -11.02
N THR D 386 -44.64 -63.14 -10.29
CA THR D 386 -43.86 -64.37 -10.38
C THR D 386 -44.65 -65.60 -10.07
N ALA D 387 -45.76 -65.45 -9.31
CA ALA D 387 -46.69 -66.55 -8.99
C ALA D 387 -47.37 -67.00 -10.29
N MET D 388 -47.94 -66.05 -11.02
CA MET D 388 -48.63 -66.30 -12.27
C MET D 388 -47.66 -66.57 -13.42
N PHE D 389 -46.58 -65.78 -13.51
CA PHE D 389 -45.65 -65.93 -14.62
C PHE D 389 -45.01 -67.31 -14.62
N ARG D 390 -44.63 -67.81 -13.43
CA ARG D 390 -44.09 -69.14 -13.21
C ARG D 390 -44.89 -70.11 -14.11
N ARG D 391 -46.22 -70.02 -14.00
CA ARG D 391 -47.21 -70.85 -14.67
C ARG D 391 -47.77 -70.26 -15.99
N LYS D 392 -47.08 -69.25 -16.58
CA LYS D 392 -47.46 -68.57 -17.84
C LYS D 392 -48.96 -68.22 -17.93
N ALA D 393 -49.54 -67.96 -16.73
CA ALA D 393 -50.96 -67.67 -16.49
C ALA D 393 -51.43 -66.41 -17.17
N PHE D 394 -52.57 -66.50 -17.86
CA PHE D 394 -53.26 -65.39 -18.53
C PHE D 394 -52.47 -64.66 -19.61
N LEU D 395 -51.27 -65.18 -19.92
CA LEU D 395 -50.32 -64.61 -20.85
C LEU D 395 -50.73 -64.47 -22.30
N HIS D 396 -51.53 -65.40 -22.81
CA HIS D 396 -51.97 -65.38 -24.20
C HIS D 396 -52.78 -64.13 -24.59
N TRP D 397 -53.31 -63.39 -23.57
CA TRP D 397 -54.08 -62.14 -23.67
C TRP D 397 -53.17 -61.06 -24.17
N TYR D 398 -51.90 -61.19 -23.81
CA TYR D 398 -50.86 -60.26 -24.16
C TYR D 398 -50.17 -60.62 -25.47
N THR D 399 -49.68 -61.91 -25.62
CA THR D 399 -49.02 -62.43 -26.84
C THR D 399 -49.86 -62.17 -28.10
N GLY D 400 -51.15 -62.49 -28.04
CA GLY D 400 -52.10 -62.28 -29.12
C GLY D 400 -52.43 -60.83 -29.38
N GLU D 401 -51.87 -59.91 -28.53
CA GLU D 401 -52.00 -58.46 -28.69
C GLU D 401 -50.74 -57.83 -29.35
N GLY D 402 -49.84 -58.72 -29.74
CA GLY D 402 -48.57 -58.43 -30.38
C GLY D 402 -47.51 -58.98 -29.49
N MET D 403 -47.30 -58.29 -28.35
CA MET D 403 -46.37 -58.53 -27.24
C MET D 403 -45.53 -59.79 -27.20
N ASP D 404 -44.26 -59.62 -26.89
CA ASP D 404 -43.38 -60.77 -26.76
C ASP D 404 -43.30 -61.27 -25.30
N GLU D 405 -42.92 -62.52 -25.16
CA GLU D 405 -42.77 -63.26 -23.91
C GLU D 405 -41.61 -62.72 -23.06
N MET D 406 -40.46 -62.44 -23.71
CA MET D 406 -39.25 -61.96 -23.03
C MET D 406 -39.39 -60.58 -22.39
N GLU D 407 -40.29 -59.75 -22.97
CA GLU D 407 -40.67 -58.41 -22.51
C GLU D 407 -41.22 -58.45 -21.07
N PHE D 408 -41.82 -59.58 -20.69
CA PHE D 408 -42.36 -59.83 -19.36
C PHE D 408 -41.19 -60.09 -18.39
N THR D 409 -40.27 -61.00 -18.78
CA THR D 409 -39.07 -61.35 -18.02
C THR D 409 -38.12 -60.15 -17.94
N GLU D 410 -38.21 -59.25 -18.94
CA GLU D 410 -37.47 -58.00 -19.06
C GLU D 410 -37.91 -57.03 -17.95
N ALA D 411 -39.24 -56.89 -17.77
CA ALA D 411 -39.84 -56.01 -16.77
C ALA D 411 -39.74 -56.58 -15.35
N GLU D 412 -39.89 -57.92 -15.22
CA GLU D 412 -39.77 -58.64 -13.94
C GLU D 412 -38.40 -58.45 -13.32
N SER D 413 -37.33 -58.74 -14.10
CA SER D 413 -35.97 -58.58 -13.59
C SER D 413 -35.56 -57.14 -13.44
N ASN D 414 -36.14 -56.22 -14.23
CA ASN D 414 -35.87 -54.79 -14.02
C ASN D 414 -36.44 -54.35 -12.65
N MET D 415 -37.63 -54.89 -12.28
CA MET D 415 -38.28 -54.63 -11.00
C MET D 415 -37.44 -55.21 -9.87
N ASN D 416 -36.88 -56.42 -10.07
CA ASN D 416 -36.01 -57.09 -9.10
C ASN D 416 -34.70 -56.33 -8.83
N ASP D 417 -34.24 -55.56 -9.85
CA ASP D 417 -33.05 -54.72 -9.76
C ASP D 417 -33.36 -53.58 -8.81
N LEU D 418 -34.51 -52.87 -9.04
CA LEU D 418 -35.01 -51.76 -8.22
C LEU D 418 -35.09 -52.13 -6.72
N VAL D 419 -35.58 -53.34 -6.43
CA VAL D 419 -35.72 -53.83 -5.08
C VAL D 419 -34.34 -53.83 -4.43
N SER D 420 -33.40 -54.57 -5.03
CA SER D 420 -32.02 -54.71 -4.58
C SER D 420 -31.37 -53.37 -4.46
N GLU D 421 -31.65 -52.49 -5.41
CA GLU D 421 -31.14 -51.13 -5.47
C GLU D 421 -31.58 -50.36 -4.24
N TYR D 422 -32.86 -50.52 -3.83
CA TYR D 422 -33.44 -49.84 -2.66
C TYR D 422 -32.81 -50.34 -1.38
N GLN D 423 -32.51 -51.66 -1.29
CA GLN D 423 -31.90 -52.31 -0.13
C GLN D 423 -30.44 -51.93 0.02
N GLN D 424 -29.72 -51.82 -1.12
CA GLN D 424 -28.31 -51.46 -1.24
C GLN D 424 -28.06 -50.21 -0.42
N TYR D 425 -28.87 -49.14 -0.63
CA TYR D 425 -28.74 -47.88 0.09
C TYR D 425 -29.30 -47.93 1.49
N GLN D 426 -30.25 -48.85 1.75
CA GLN D 426 -30.84 -49.05 3.09
C GLN D 426 -29.73 -49.55 4.04
N ASP D 427 -28.99 -50.57 3.56
CA ASP D 427 -27.84 -51.16 4.23
C ASP D 427 -26.76 -50.08 4.38
N ALA D 428 -26.19 -49.59 3.24
CA ALA D 428 -25.17 -48.54 3.15
C ALA D 428 -25.12 -47.54 4.32
N THR D 429 -23.94 -47.44 4.96
CA THR D 429 -23.62 -46.57 6.10
C THR D 429 -22.39 -45.67 5.85
N ALA D 430 -22.16 -44.65 6.70
CA ALA D 430 -21.04 -43.72 6.59
C ALA D 430 -19.69 -44.24 7.14
N ASP D 431 -19.68 -44.67 8.44
CA ASP D 431 -18.54 -45.22 9.19
C ASP D 431 -17.29 -44.34 9.20
N ILE E 6 78.87 47.89 10.60
CA ILE E 6 78.90 47.44 9.21
C ILE E 6 77.80 48.18 8.42
N GLU E 7 77.88 48.22 7.06
CA GLU E 7 76.90 48.92 6.20
C GLU E 7 76.40 48.13 4.98
N LEU E 8 75.16 48.45 4.52
CA LEU E 8 74.47 47.81 3.37
C LEU E 8 73.98 48.86 2.33
N ASN E 9 73.11 49.82 2.75
CA ASN E 9 72.53 50.86 1.89
C ASN E 9 71.87 52.01 2.70
N LYS E 10 71.62 53.14 2.02
CA LYS E 10 70.94 54.34 2.55
C LYS E 10 69.99 54.85 1.44
N ALA E 11 68.79 55.34 1.79
CA ALA E 11 67.80 55.83 0.80
C ALA E 11 66.90 57.00 1.27
N THR E 12 66.03 57.49 0.37
CA THR E 12 65.08 58.60 0.55
C THR E 12 64.21 58.43 1.80
N SER E 13 63.44 57.32 1.83
CA SER E 13 62.58 56.88 2.94
C SER E 13 62.91 55.40 3.30
N GLY E 14 64.18 55.17 3.67
CA GLY E 14 64.73 53.87 4.03
C GLY E 14 66.22 53.89 4.30
N GLN E 15 66.72 52.85 5.01
CA GLN E 15 68.13 52.65 5.39
C GLN E 15 68.36 51.18 5.73
N SER E 16 69.57 50.65 5.44
CA SER E 16 69.90 49.25 5.71
C SER E 16 71.36 48.99 6.07
N TRP E 17 71.61 47.95 6.89
CA TRP E 17 72.96 47.56 7.31
C TRP E 17 73.00 46.16 7.88
N GLU E 18 74.05 45.42 7.54
CA GLU E 18 74.31 44.07 8.05
C GLU E 18 74.84 44.22 9.48
N VAL E 19 74.54 43.27 10.38
CA VAL E 19 75.07 43.28 11.75
C VAL E 19 75.57 41.90 12.24
N ILE E 20 76.84 41.57 11.89
CA ILE E 20 77.57 40.32 12.20
C ILE E 20 77.82 40.18 13.70
N LEU E 21 77.98 38.93 14.19
CA LEU E 21 78.29 38.60 15.59
C LEU E 21 79.31 37.46 15.67
N LYS E 22 79.17 36.43 14.81
CA LYS E 22 79.99 35.22 14.75
C LYS E 22 79.82 34.62 13.34
N PRO E 23 80.78 34.84 12.40
CA PRO E 23 80.60 34.35 11.01
C PRO E 23 80.55 32.82 10.82
N PRO E 24 80.34 32.26 9.59
CA PRO E 24 80.23 30.80 9.47
C PRO E 24 81.51 30.00 9.67
N SER E 25 81.38 28.93 10.51
CA SER E 25 82.44 27.96 10.87
C SER E 25 82.78 27.01 9.69
N PHE E 26 81.99 27.10 8.59
CA PHE E 26 82.14 26.31 7.37
C PHE E 26 82.18 27.26 6.15
N ASP E 27 83.34 27.30 5.46
CA ASP E 27 83.56 28.13 4.26
C ASP E 27 83.27 27.33 2.98
N GLY E 28 82.00 27.31 2.61
CA GLY E 28 81.50 26.60 1.44
C GLY E 28 80.01 26.81 1.22
N VAL E 29 79.16 26.09 2.03
CA VAL E 29 77.68 26.08 2.04
C VAL E 29 76.98 24.76 1.56
N PRO E 30 77.15 24.27 0.29
CA PRO E 30 76.39 23.07 -0.13
C PRO E 30 76.79 21.75 0.51
N GLU E 31 75.79 20.86 0.66
CA GLU E 31 75.90 19.49 1.22
C GLU E 31 74.75 18.62 0.71
N PRO E 42 58.90 22.72 -15.21
CA PRO E 42 57.72 23.47 -15.63
C PRO E 42 57.58 23.61 -17.16
N SER E 43 56.49 23.03 -17.71
CA SER E 43 56.17 23.00 -19.14
C SER E 43 54.66 23.09 -19.36
N LEU E 44 54.21 23.97 -20.30
CA LEU E 44 52.79 24.20 -20.63
C LEU E 44 52.11 22.96 -21.19
N GLU E 45 52.79 22.23 -22.09
CA GLU E 45 52.29 21.02 -22.75
C GLU E 45 51.97 19.93 -21.74
N GLU E 46 52.89 19.67 -20.78
CA GLU E 46 52.72 18.66 -19.73
C GLU E 46 51.82 19.08 -18.57
N ILE E 47 51.30 20.33 -18.61
CA ILE E 47 50.31 20.83 -17.66
C ILE E 47 48.97 20.39 -18.26
N GLN E 48 48.74 20.77 -19.54
CA GLN E 48 47.55 20.40 -20.31
C GLN E 48 47.43 18.89 -20.46
N LYS E 49 48.57 18.19 -20.63
CA LYS E 49 48.62 16.72 -20.77
C LYS E 49 48.08 16.05 -19.52
N LYS E 50 48.31 16.67 -18.34
CA LYS E 50 47.83 16.19 -17.05
C LYS E 50 46.36 16.53 -16.83
N LEU E 51 45.96 17.80 -17.19
CA LEU E 51 44.60 18.33 -17.08
C LEU E 51 43.58 17.61 -17.98
N GLU E 52 44.00 17.24 -19.22
CA GLU E 52 43.19 16.51 -20.21
C GLU E 52 42.98 15.04 -19.85
N ALA E 53 43.92 14.46 -19.08
CA ALA E 53 43.85 13.09 -18.56
C ALA E 53 42.91 13.09 -17.34
N ALA E 54 42.94 14.21 -16.55
CA ALA E 54 42.13 14.45 -15.35
C ALA E 54 40.69 14.62 -15.73
N GLU E 55 40.40 15.39 -16.81
CA GLU E 55 39.04 15.61 -17.31
C GLU E 55 38.49 14.30 -17.88
N GLU E 56 39.33 13.56 -18.64
CA GLU E 56 39.01 12.24 -19.21
C GLU E 56 38.38 11.40 -18.10
N ARG E 57 39.07 11.32 -16.91
CA ARG E 57 38.66 10.61 -15.69
C ARG E 57 37.30 11.12 -15.26
N ARG E 58 37.22 12.34 -14.69
CA ARG E 58 35.99 13.01 -14.25
C ARG E 58 34.79 12.79 -15.22
N LYS E 59 35.01 12.97 -16.54
CA LYS E 59 33.98 12.79 -17.56
C LYS E 59 33.54 11.34 -17.77
N TYR E 60 34.44 10.37 -17.62
CA TYR E 60 34.14 8.94 -17.80
C TYR E 60 33.38 8.29 -16.65
N GLN E 61 33.79 8.52 -15.39
CA GLN E 61 33.11 7.92 -14.25
C GLN E 61 31.70 8.49 -14.10
N GLU E 62 31.53 9.78 -14.49
CA GLU E 62 30.21 10.42 -14.52
C GLU E 62 29.42 9.86 -15.74
N ALA E 63 30.13 9.43 -16.81
CA ALA E 63 29.52 8.81 -18.00
C ALA E 63 29.19 7.37 -17.71
N GLU E 64 29.98 6.70 -16.86
CA GLU E 64 29.74 5.33 -16.45
C GLU E 64 28.53 5.27 -15.54
N LEU E 65 28.38 6.29 -14.66
CA LEU E 65 27.24 6.45 -13.75
C LEU E 65 25.93 6.44 -14.59
N LEU E 66 25.92 7.26 -15.66
CA LEU E 66 24.86 7.45 -16.65
C LEU E 66 24.47 6.12 -17.35
N LYS E 67 25.43 5.16 -17.41
CA LYS E 67 25.23 3.84 -17.98
C LYS E 67 24.45 3.01 -16.96
N HIS E 68 24.84 3.07 -15.66
CA HIS E 68 24.17 2.36 -14.57
C HIS E 68 22.79 2.89 -14.27
N LEU E 69 22.54 4.17 -14.61
CA LEU E 69 21.22 4.81 -14.49
C LEU E 69 20.36 4.38 -15.66
N ALA E 70 20.97 4.29 -16.87
CA ALA E 70 20.31 3.85 -18.10
C ALA E 70 19.99 2.35 -17.99
N GLU E 71 20.82 1.60 -17.24
CA GLU E 71 20.64 0.18 -16.95
C GLU E 71 19.34 0.01 -16.11
N LYS E 72 19.15 0.90 -15.09
CA LYS E 72 17.99 0.97 -14.19
C LYS E 72 16.73 1.30 -14.97
N ARG E 73 16.81 2.29 -15.89
CA ARG E 73 15.70 2.72 -16.74
C ARG E 73 15.15 1.59 -17.58
N GLU E 74 16.02 0.61 -17.90
CA GLU E 74 15.63 -0.58 -18.64
C GLU E 74 14.93 -1.59 -17.73
N HIS E 75 15.40 -1.75 -16.47
CA HIS E 75 14.74 -2.65 -15.53
C HIS E 75 13.30 -2.22 -15.33
N GLU E 76 13.08 -0.92 -15.09
CA GLU E 76 11.74 -0.36 -14.93
C GLU E 76 10.95 -0.61 -16.21
N ARG E 77 11.60 -0.45 -17.40
CA ARG E 77 11.00 -0.71 -18.71
C ARG E 77 10.57 -2.19 -18.87
N GLU E 78 11.24 -3.11 -18.15
CA GLU E 78 10.97 -4.55 -18.18
C GLU E 78 9.95 -4.95 -17.11
N VAL E 79 10.01 -4.29 -15.92
CA VAL E 79 9.14 -4.55 -14.77
C VAL E 79 7.71 -4.16 -15.03
N ILE E 80 7.46 -2.89 -15.42
CA ILE E 80 6.13 -2.40 -15.78
C ILE E 80 5.54 -3.29 -16.94
N GLN E 81 6.46 -3.95 -17.71
CA GLN E 81 6.15 -4.86 -18.81
C GLN E 81 5.75 -6.24 -18.33
N LYS E 82 6.47 -6.81 -17.33
CA LYS E 82 6.14 -8.11 -16.73
C LYS E 82 4.68 -8.06 -16.27
N ALA E 83 4.32 -7.03 -15.47
CA ALA E 83 2.99 -6.70 -14.92
C ALA E 83 1.92 -6.59 -16.00
N ILE E 84 2.29 -6.04 -17.18
CA ILE E 84 1.39 -5.86 -18.32
C ILE E 84 1.09 -7.21 -18.96
N GLU E 85 2.10 -8.09 -19.05
CA GLU E 85 1.96 -9.45 -19.59
C GLU E 85 1.26 -10.37 -18.56
N GLU E 86 1.71 -10.32 -17.29
CA GLU E 86 1.18 -11.10 -16.18
C GLU E 86 -0.37 -11.06 -16.08
N ASN E 87 -0.98 -9.91 -16.41
CA ASN E 87 -2.44 -9.79 -16.38
C ASN E 87 -3.04 -10.34 -17.66
N ASN E 88 -2.40 -10.06 -18.81
CA ASN E 88 -2.86 -10.50 -20.12
C ASN E 88 -2.75 -12.00 -20.35
N ASN E 89 -1.69 -12.63 -19.83
CA ASN E 89 -1.50 -14.07 -19.92
C ASN E 89 -2.57 -14.73 -19.05
N PHE E 90 -2.90 -14.09 -17.91
CA PHE E 90 -3.95 -14.52 -16.99
C PHE E 90 -5.34 -14.46 -17.65
N ILE E 91 -5.65 -13.36 -18.38
CA ILE E 91 -6.92 -13.20 -19.13
C ILE E 91 -7.03 -14.28 -20.21
N LYS E 92 -5.88 -14.73 -20.75
CA LYS E 92 -5.88 -15.81 -21.73
C LYS E 92 -6.35 -17.06 -21.07
N MET E 93 -5.69 -17.45 -19.95
CA MET E 93 -6.04 -18.62 -19.15
C MET E 93 -7.53 -18.61 -18.78
N ALA E 94 -8.03 -17.47 -18.23
CA ALA E 94 -9.42 -17.29 -17.83
C ALA E 94 -10.39 -17.38 -19.01
N LYS E 95 -10.14 -16.66 -20.10
CA LYS E 95 -10.97 -16.72 -21.31
C LYS E 95 -10.89 -18.11 -21.93
N GLU E 96 -9.68 -18.68 -22.03
CA GLU E 96 -9.52 -20.00 -22.63
C GLU E 96 -10.14 -21.11 -21.84
N LYS E 97 -10.05 -21.05 -20.50
CA LYS E 97 -10.69 -22.09 -19.67
C LYS E 97 -12.21 -22.04 -19.88
N LEU E 98 -12.83 -20.84 -19.71
CA LEU E 98 -14.28 -20.60 -19.86
C LEU E 98 -14.80 -21.17 -21.19
N ALA E 99 -14.01 -21.00 -22.28
CA ALA E 99 -14.27 -21.49 -23.63
C ALA E 99 -14.29 -22.99 -23.66
N GLN E 100 -13.34 -23.65 -22.98
CA GLN E 100 -13.28 -25.10 -22.90
C GLN E 100 -14.52 -25.61 -22.16
N LYS E 101 -14.75 -25.10 -20.91
CA LYS E 101 -15.87 -25.44 -20.01
C LYS E 101 -17.24 -25.35 -20.64
N MET E 102 -17.54 -24.24 -21.35
CA MET E 102 -18.85 -24.10 -22.02
C MET E 102 -18.99 -25.09 -23.15
N GLU E 103 -17.87 -25.45 -23.81
CA GLU E 103 -17.87 -26.41 -24.92
C GLU E 103 -18.01 -27.82 -24.41
N SER E 104 -17.13 -28.24 -23.49
CA SER E 104 -17.22 -29.59 -22.92
C SER E 104 -18.65 -29.85 -22.47
N ASN E 105 -19.24 -28.85 -21.76
CA ASN E 105 -20.62 -28.86 -21.25
C ASN E 105 -21.66 -28.92 -22.40
N LYS E 106 -21.56 -28.03 -23.43
CA LYS E 106 -22.45 -28.06 -24.60
C LYS E 106 -22.41 -29.46 -25.21
N GLU E 107 -21.18 -30.01 -25.44
CA GLU E 107 -20.92 -31.35 -25.96
C GLU E 107 -21.64 -32.37 -25.08
N ASN E 108 -21.23 -32.46 -23.77
CA ASN E 108 -21.75 -33.34 -22.73
C ASN E 108 -23.28 -33.37 -22.56
N ARG E 109 -23.90 -32.21 -22.21
CA ARG E 109 -25.35 -32.10 -22.01
C ARG E 109 -26.13 -32.59 -23.22
N GLU E 110 -25.56 -32.36 -24.41
CA GLU E 110 -26.14 -32.74 -25.69
C GLU E 110 -26.04 -34.22 -25.97
N ALA E 111 -24.99 -34.89 -25.46
CA ALA E 111 -24.81 -36.34 -25.64
C ALA E 111 -25.81 -37.09 -24.79
N HIS E 112 -26.08 -36.55 -23.58
CA HIS E 112 -27.05 -37.08 -22.63
C HIS E 112 -28.45 -36.99 -23.31
N LEU E 113 -28.86 -35.77 -23.70
CA LEU E 113 -30.14 -35.52 -24.36
C LEU E 113 -30.34 -36.37 -25.63
N ALA E 114 -29.28 -36.52 -26.45
CA ALA E 114 -29.31 -37.30 -27.69
C ALA E 114 -29.42 -38.80 -27.44
N ALA E 115 -28.66 -39.33 -26.46
CA ALA E 115 -28.69 -40.74 -26.10
C ALA E 115 -30.03 -41.14 -25.46
N MET E 116 -30.68 -40.20 -24.71
CA MET E 116 -31.97 -40.51 -24.09
C MET E 116 -33.11 -40.60 -25.10
N LEU E 117 -33.08 -39.76 -26.13
CA LEU E 117 -34.05 -39.83 -27.20
C LEU E 117 -33.76 -41.05 -28.11
N GLU E 118 -32.50 -41.51 -28.20
CA GLU E 118 -32.12 -42.70 -28.99
C GLU E 118 -32.71 -43.96 -28.36
N ARG E 119 -32.60 -44.07 -27.02
CA ARG E 119 -33.17 -45.12 -26.18
C ARG E 119 -34.69 -45.15 -26.41
N LEU E 120 -35.35 -43.95 -26.34
CA LEU E 120 -36.79 -43.77 -26.55
C LEU E 120 -37.18 -44.19 -27.95
N GLN E 121 -36.40 -43.78 -28.96
CA GLN E 121 -36.68 -44.10 -30.36
C GLN E 121 -36.56 -45.58 -30.60
N GLU E 122 -35.58 -46.22 -29.95
CA GLU E 122 -35.44 -47.67 -30.06
C GLU E 122 -36.66 -48.36 -29.41
N LYS E 123 -37.12 -47.83 -28.26
CA LYS E 123 -38.29 -48.33 -27.54
C LYS E 123 -39.59 -48.07 -28.30
N ASP E 124 -39.55 -47.14 -29.29
CA ASP E 124 -40.64 -46.75 -30.20
C ASP E 124 -40.61 -47.67 -31.44
N LYS E 125 -39.40 -48.28 -31.69
CA LYS E 125 -39.12 -49.26 -32.74
C LYS E 125 -39.81 -50.57 -32.34
N HIS E 126 -39.53 -51.07 -31.10
CA HIS E 126 -40.14 -52.26 -30.52
C HIS E 126 -41.66 -52.28 -30.81
N ALA E 127 -42.37 -51.17 -30.47
CA ALA E 127 -43.81 -50.96 -30.63
C ALA E 127 -44.30 -51.38 -31.99
N GLU E 128 -43.55 -51.04 -33.06
CA GLU E 128 -43.89 -51.40 -34.44
C GLU E 128 -43.80 -52.89 -34.72
N GLU E 129 -42.65 -53.53 -34.36
CA GLU E 129 -42.47 -54.97 -34.54
C GLU E 129 -43.47 -55.78 -33.70
N VAL E 130 -44.13 -55.12 -32.70
CA VAL E 130 -45.17 -55.74 -31.87
C VAL E 130 -46.49 -55.70 -32.64
N ARG E 131 -46.92 -54.52 -33.11
CA ARG E 131 -48.16 -54.43 -33.91
C ARG E 131 -48.03 -55.25 -35.20
N LYS E 132 -46.77 -55.61 -35.55
CA LYS E 132 -46.39 -56.47 -36.67
C LYS E 132 -46.60 -57.92 -36.22
N ASN E 133 -46.08 -58.29 -35.03
CA ASN E 133 -46.25 -59.63 -34.44
C ASN E 133 -47.75 -59.92 -34.17
N LYS E 134 -48.60 -58.87 -34.09
CA LYS E 134 -50.05 -58.98 -33.92
C LYS E 134 -50.68 -59.29 -35.28
N GLU E 135 -50.18 -58.63 -36.35
CA GLU E 135 -50.70 -58.85 -37.69
C GLU E 135 -50.17 -60.14 -38.30
N LEU E 136 -48.93 -60.55 -37.90
CA LEU E 136 -48.29 -61.82 -38.28
C LEU E 136 -49.14 -62.97 -37.70
N LYS E 137 -49.60 -62.82 -36.42
CA LYS E 137 -50.50 -63.74 -35.72
C LYS E 137 -51.89 -63.75 -36.40
N GLU E 138 -52.32 -62.58 -36.94
CA GLU E 138 -53.58 -62.41 -37.67
C GLU E 138 -53.43 -62.73 -39.17
PG GTP F . 34.99 30.07 -1.04
O1G GTP F . 34.58 30.81 -2.28
O2G GTP F . 34.33 28.73 -1.08
O3G GTP F . 34.63 30.83 0.19
O3B GTP F . 36.57 29.83 -1.11
PB GTP F . 37.42 28.70 -0.58
O1B GTP F . 38.78 28.80 -1.20
O2B GTP F . 36.79 27.37 -0.85
O3A GTP F . 37.57 28.87 1.00
PA GTP F . 38.55 29.72 1.73
O1A GTP F . 39.35 30.48 0.71
O2A GTP F . 37.82 30.68 2.61
O5' GTP F . 39.51 28.79 2.61
C5' GTP F . 39.21 28.36 3.95
C4' GTP F . 40.33 28.85 4.84
O4' GTP F . 40.44 30.28 4.69
C3' GTP F . 40.17 28.58 6.34
O3' GTP F . 41.44 28.25 6.89
C2' GTP F . 39.63 29.92 6.86
O2' GTP F . 39.99 30.13 8.22
C1' GTP F . 40.35 30.90 5.96
N9 GTP F . 39.70 32.22 5.79
C8 GTP F . 38.59 32.53 5.05
N7 GTP F . 38.35 33.81 4.97
C5 GTP F . 39.35 34.39 5.74
C6 GTP F . 39.62 35.79 6.11
O6 GTP F . 39.06 36.80 5.70
N1 GTP F . 40.66 35.90 7.01
C2 GTP F . 41.39 34.85 7.51
N2 GTP F . 42.24 35.12 8.50
N3 GTP F . 41.22 33.58 7.13
C4 GTP F . 40.17 33.42 6.26
MG MG G . 35.92 26.85 -2.51
PB GDP H . 2.48 7.48 0.72
O1B GDP H . 1.38 8.43 0.22
O2B GDP H . 3.89 8.08 0.68
O3B GDP H . 2.32 6.19 -0.09
O3A GDP H . 2.17 7.20 2.25
PA GDP H . 2.83 7.67 3.61
O1A GDP H . 3.67 8.93 3.29
O2A GDP H . 1.78 7.96 4.62
O5' GDP H . 3.66 6.42 4.08
C5' GDP H . 3.39 5.62 5.26
C4' GDP H . 4.45 5.95 6.28
O4' GDP H . 4.43 7.37 6.54
C3' GDP H . 4.36 5.26 7.63
O3' GDP H . 5.64 4.84 8.11
C2' GDP H . 3.72 6.33 8.53
O2' GDP H . 4.05 6.15 9.90
C1' GDP H . 4.34 7.59 7.93
N9 GDP H . 3.60 8.84 8.14
C8 GDP H . 2.47 9.25 7.48
N7 GDP H . 2.22 10.53 7.61
C5 GDP H . 3.23 10.99 8.45
C6 GDP H . 3.54 12.33 8.97
O6 GDP H . 3.05 13.40 8.61
N1 GDP H . 4.59 12.29 9.86
C2 GDP H . 5.30 11.18 10.22
N2 GDP H . 6.20 11.32 11.20
N3 GDP H . 5.09 9.97 9.70
C4 GDP H . 4.06 9.95 8.83
O4 LOC I . 32.12 25.13 9.73
C12 LOC I . 33.00 25.20 8.87
C13 LOC I . 34.24 26.01 9.07
N1 LOC I . 32.91 24.54 7.70
C11 LOC I . 31.80 23.66 7.38
C14 LOC I . 31.84 22.22 7.99
C15 LOC I . 33.06 21.69 8.29
C10 LOC I . 31.53 23.65 5.87
C9 LOC I . 30.34 22.76 5.44
C8 LOC I . 29.17 22.75 6.39
C7 LOC I . 27.93 23.23 5.95
C5 LOC I . 26.87 23.37 6.82
C3 LOC I . 27.06 23.12 8.19
C1 LOC I . 28.28 22.63 8.66
O1 LOC I . 28.46 22.42 10.01
C2 LOC I . 28.95 23.53 10.77
O2 LOC I . 26.02 23.34 9.08
C4 LOC I . 25.18 22.23 9.33
O3 LOC I . 25.59 23.65 6.45
C6 LOC I . 25.29 23.75 5.05
C22 LOC I . 29.33 22.37 7.75
C21 LOC I . 30.55 21.61 8.17
C20 LOC I . 30.34 20.35 8.66
C19 LOC I . 31.23 19.37 9.15
C17 LOC I . 32.59 19.39 9.27
C16 LOC I . 33.52 20.45 8.87
O5 LOC I . 34.74 20.28 9.03
O6 LOC I . 33.29 18.38 9.86
C18 LOC I . 32.57 17.29 10.46
C36 3WY J . -0.78 3.28 17.54
C35 3WY J . -2.04 2.46 17.15
C37 3WY J . 0.27 2.79 16.55
C34 3WY J . -2.83 3.37 16.18
N5 3WY J . -1.53 1.22 16.52
O8 3WY J . -2.54 3.39 14.98
C39 3WY J . -2.88 2.15 18.38
C38 3WY J . -0.06 1.33 16.45
N4 3WY J . -3.76 4.15 16.72
C30 3WY J . -4.09 5.48 16.23
C29 3WY J . -3.63 6.41 17.36
O7 3WY J . -4.08 6.17 18.46
C31 3WY J . -5.61 5.58 15.94
C33 3WY J . -6.52 5.03 17.06
C32 3WY J . -6.04 6.97 15.53
N3 3WY J . -2.74 7.43 17.19
C6 3WY J . -2.85 9.27 15.36
C3 3WY J . -1.14 6.99 15.17
C5 3WY J . -2.03 8.03 15.95
C7 3WY J . -2.96 9.53 13.85
C8 3WY J . -2.74 10.99 13.51
O6 3WY J . -4.08 9.48 16.07
O1 3WY J . -1.86 11.62 14.07
C2 3WY J . 0.36 7.27 15.34
C1 3WY J . 1.00 6.51 16.50
C4 3WY J . -1.49 6.45 13.79
C28 3WY J . -2.34 8.15 18.40
C27 3WY J . -4.15 10.72 16.78
C10 3WY J . -5.40 12.01 11.25
C15 3WY J . -4.39 15.66 15.86
C14 3WY J . -4.31 15.14 14.41
C26 3WY J . -6.89 13.71 14.31
C16 3WY J . -2.98 15.66 13.78
N1 3WY J . -3.67 11.61 12.77
C12 3WY J . -3.96 13.04 12.88
C11 3WY J . -4.78 13.33 11.61
C9 3WY J . -4.36 10.98 11.63
C13 3WY J . -4.44 13.59 14.22
O5 3WY J . -5.67 13.08 14.75
O2 3WY J . -1.88 15.54 14.32
N2 3WY J . -3.15 16.21 12.58
C17 3WY J . -2.04 16.55 11.72
C25 3WY J . -1.41 17.89 12.10
O3 3WY J . -1.71 18.29 13.31
C18 3WY J . -2.45 16.52 10.24
C19 3WY J . -2.00 15.30 9.48
C20 3WY J . -2.73 14.82 8.39
C24 3WY J . -0.79 14.69 9.78
C21 3WY J . -2.24 13.79 7.61
C23 3WY J . -0.30 13.65 9.00
C22 3WY J . -1.03 13.20 7.91
O4 3WY J . -0.67 18.50 11.35
PG GTP K . -33.52 -18.68 -6.70
O1G GTP K . -33.41 -18.41 -8.17
O2G GTP K . -34.70 -17.98 -6.10
O3G GTP K . -33.56 -20.15 -6.49
O3B GTP K . -32.17 -18.13 -6.03
PB GTP K . -30.92 -18.84 -5.59
O1B GTP K . -29.75 -17.90 -5.54
O2B GTP K . -30.66 -19.97 -6.54
O3A GTP K . -31.15 -19.42 -4.11
PA GTP K . -30.91 -18.96 -2.71
O1A GTP K . -30.21 -17.64 -2.73
O2A GTP K . -32.22 -18.85 -1.98
O5' GTP K . -30.05 -20.06 -1.92
C5' GTP K . -30.51 -20.72 -0.74
C4' GTP K . -29.67 -20.22 0.41
O4' GTP K . -29.78 -18.78 0.50
C3' GTP K . -29.99 -20.76 1.79
O3' GTP K . -28.78 -20.99 2.52
C2' GTP K . -30.84 -19.64 2.39
O2' GTP K . -30.92 -19.71 3.82
C1' GTP K . -30.13 -18.42 1.82
N9 GTP K . -30.93 -17.22 1.76
C8 GTP K . -31.89 -16.92 0.84
N7 GTP K . -32.37 -15.70 0.96
C5 GTP K . -31.67 -15.17 2.04
C6 GTP K . -31.73 -13.85 2.71
O6 GTP K . -32.36 -12.85 2.34
N1 GTP K . -30.89 -13.78 3.79
C2 GTP K . -30.02 -14.77 4.19
N2 GTP K . -29.17 -14.47 5.17
N3 GTP K . -29.94 -15.97 3.59
C4 GTP K . -30.79 -16.10 2.53
MG MG L . -31.83 -21.40 -7.24
PB GDP M . -58.23 -48.44 -16.82
O1B GDP M . -59.65 -47.91 -17.11
O2B GDP M . -57.19 -47.38 -16.44
O3B GDP M . -57.83 -49.30 -18.04
O3A GDP M . -58.39 -49.38 -15.55
PA GDP M . -58.73 -49.23 -14.02
O1A GDP M . -58.74 -47.76 -13.60
O2A GDP M . -60.01 -49.95 -13.81
O5' GDP M . -57.56 -50.01 -13.31
C5' GDP M . -57.70 -51.18 -12.48
C4' GDP M . -57.13 -50.85 -11.13
O4' GDP M . -57.52 -49.50 -10.78
C3' GDP M . -57.56 -51.73 -9.97
O3' GDP M . -56.49 -52.11 -9.12
C2' GDP M . -58.66 -50.91 -9.28
O2' GDP M . -58.68 -51.07 -7.88
C1' GDP M . -58.16 -49.50 -9.53
N9 GDP M . -59.22 -48.50 -9.56
C8 GDP M . -60.13 -48.28 -10.55
N7 GDP M . -60.86 -47.21 -10.36
C5 GDP M . -60.39 -46.68 -9.17
C6 GDP M . -60.73 -45.51 -8.46
O6 GDP M . -61.55 -44.66 -8.81
N1 GDP M . -59.99 -45.34 -7.30
C2 GDP M . -59.02 -46.20 -6.86
N2 GDP M . -58.40 -45.88 -5.73
N3 GDP M . -58.66 -47.30 -7.52
C4 GDP M . -59.38 -47.49 -8.65
O4 LOC N . -37.71 -26.42 2.16
C12 LOC N . -36.80 -25.80 1.64
C13 LOC N . -35.96 -24.84 2.42
N1 LOC N . -36.48 -25.94 0.33
C11 LOC N . -37.16 -26.91 -0.52
C14 LOC N . -36.86 -28.42 -0.24
C15 LOC N . -35.65 -28.70 0.31
C10 LOC N . -37.07 -26.56 -2.02
C9 LOC N . -37.77 -27.56 -2.94
C8 LOC N . -39.09 -28.09 -2.44
C7 LOC N . -40.27 -27.77 -3.12
C5 LOC N . -41.51 -28.13 -2.61
C3 LOC N . -41.60 -28.78 -1.36
C1 LOC N . -40.42 -29.11 -0.67
O1 LOC N . -40.52 -29.65 0.59
C2 LOC N . -40.52 -28.73 1.68
O2 LOC N . -42.84 -29.00 -0.79
C4 LOC N . -43.49 -30.22 -1.11
O3 LOC N . -42.71 -27.92 -3.23
C6 LOC N . -42.72 -27.24 -4.49
C22 LOC N . -39.16 -28.82 -1.22
C21 LOC N . -37.90 -29.34 -0.60
C20 LOC N . -37.85 -30.69 -0.37
C19 LOC N . -36.86 -31.52 0.24
C17 LOC N . -35.65 -31.20 0.76
C16 LOC N . -34.99 -29.89 0.78
O5 LOC N . -33.83 -29.81 1.19
O6 LOC N . -34.88 -32.09 1.44
C18 LOC N . -35.40 -33.42 1.69
C36 3WY O . -63.01 -58.24 -1.68
C35 3WY O . -63.57 -58.75 -3.04
C37 3WY O . -61.50 -58.47 -1.70
C34 3WY O . -64.31 -57.61 -3.77
N5 3WY O . -62.39 -59.20 -3.83
O8 3WY O . -63.87 -57.18 -4.83
C39 3WY O . -64.58 -59.89 -2.87
C38 3WY O . -61.23 -59.29 -2.95
N4 3WY O . -65.41 -57.13 -3.18
C30 3WY O . -66.41 -56.39 -3.93
C29 3WY O . -66.12 -54.87 -4.01
O7 3WY O . -65.71 -54.48 -5.09
C31 3WY O . -67.88 -56.79 -3.67
C33 3WY O . -68.19 -57.07 -2.19
C32 3WY O . -68.92 -55.87 -4.30
N3 3WY O . -66.28 -54.00 -2.99
C6 3WY O . -66.66 -51.54 -3.91
C3 3WY O . -64.14 -52.47 -3.26
C5 3WY O . -65.72 -52.54 -3.10
C7 3WY O . -66.49 -51.27 -5.40
C8 3WY O . -66.79 -49.81 -5.68
O6 3WY O . -68.03 -51.61 -3.50
O1 3WY O . -66.47 -48.97 -4.86
C2 3WY O . -63.39 -53.26 -2.20
C1 3WY O . -62.86 -54.58 -2.67
C4 3WY O . -63.52 -51.08 -3.47
C28 3WY O . -66.84 -54.19 -1.65
C27 3WY O . -68.87 -52.38 -4.35
C10 3WY O . -67.86 -49.41 -9.08
C15 3WY O . -70.59 -45.74 -5.10
C14 3WY O . -69.59 -46.22 -6.16
C26 3WY O . -70.40 -49.32 -4.80
C16 3WY O . -68.39 -45.21 -6.11
N1 3WY O . -67.49 -49.48 -6.79
C12 3WY O . -68.08 -48.15 -7.02
C11 3WY O . -68.62 -48.26 -8.47
C9 3WY O . -67.68 -50.37 -7.94
C13 3WY O . -69.10 -47.69 -6.00
O5 3WY O . -70.24 -48.54 -6.00
O2 3WY O . -67.70 -45.00 -5.11
N2 3WY O . -68.22 -44.58 -7.27
C17 3WY O . -67.25 -43.52 -7.42
C25 3WY O . -67.81 -42.22 -6.87
O3 3WY O . -67.09 -41.71 -5.90
C18 3WY O . -66.84 -43.38 -8.90
C19 3WY O . -66.26 -44.63 -9.50
C20 3WY O . -66.96 -45.35 -10.45
C24 3WY O . -65.02 -45.10 -9.10
C21 3WY O . -66.43 -46.51 -11.00
C23 3WY O . -64.48 -46.25 -9.65
C22 3WY O . -65.20 -46.96 -10.59
O4 3WY O . -68.84 -41.72 -7.29
#